data_4NP9
# 
_entry.id   4NP9 
# 
_audit_conform.dict_name       mmcif_pdbx.dic 
_audit_conform.dict_version    5.392 
_audit_conform.dict_location   http://mmcif.pdb.org/dictionaries/ascii/mmcif_pdbx.dic 
# 
loop_
_database_2.database_id 
_database_2.database_code 
_database_2.pdbx_database_accession 
_database_2.pdbx_DOI 
PDB   4NP9         pdb_00004np9 10.2210/pdb4np9/pdb 
RCSB  RCSB083484   ?            ?                   
WWPDB D_1000083484 ?            ?                   
# 
loop_
_pdbx_audit_revision_history.ordinal 
_pdbx_audit_revision_history.data_content_type 
_pdbx_audit_revision_history.major_revision 
_pdbx_audit_revision_history.minor_revision 
_pdbx_audit_revision_history.revision_date 
1 'Structure model' 1 0 2013-12-25 
2 'Structure model' 1 1 2022-08-24 
3 'Structure model' 1 2 2024-05-29 
# 
_pdbx_audit_revision_details.ordinal             1 
_pdbx_audit_revision_details.revision_ordinal    1 
_pdbx_audit_revision_details.data_content_type   'Structure model' 
_pdbx_audit_revision_details.provider            repository 
_pdbx_audit_revision_details.type                'Initial release' 
_pdbx_audit_revision_details.description         ? 
_pdbx_audit_revision_details.details             ? 
# 
loop_
_pdbx_audit_revision_group.ordinal 
_pdbx_audit_revision_group.revision_ordinal 
_pdbx_audit_revision_group.data_content_type 
_pdbx_audit_revision_group.group 
1 2 'Structure model' 'Database references'  
2 2 'Structure model' 'Derived calculations' 
3 3 'Structure model' 'Data collection'      
# 
loop_
_pdbx_audit_revision_category.ordinal 
_pdbx_audit_revision_category.revision_ordinal 
_pdbx_audit_revision_category.data_content_type 
_pdbx_audit_revision_category.category 
1 2 'Structure model' citation       
2 2 'Structure model' database_2     
3 2 'Structure model' struct_site    
4 3 'Structure model' chem_comp_atom 
5 3 'Structure model' chem_comp_bond 
# 
loop_
_pdbx_audit_revision_item.ordinal 
_pdbx_audit_revision_item.revision_ordinal 
_pdbx_audit_revision_item.data_content_type 
_pdbx_audit_revision_item.item 
1 2 'Structure model' '_citation.journal_volume'            
2 2 'Structure model' '_citation.page_first'                
3 2 'Structure model' '_citation.page_last'                 
4 2 'Structure model' '_database_2.pdbx_DOI'                
5 2 'Structure model' '_database_2.pdbx_database_accession' 
6 2 'Structure model' '_struct_site.pdbx_auth_asym_id'      
7 2 'Structure model' '_struct_site.pdbx_auth_comp_id'      
8 2 'Structure model' '_struct_site.pdbx_auth_seq_id'       
# 
_pdbx_database_status.status_code                     REL 
_pdbx_database_status.entry_id                        4NP9 
_pdbx_database_status.recvd_initial_deposition_date   2013-11-21 
_pdbx_database_status.deposit_site                    RCSB 
_pdbx_database_status.process_site                    PDBJ 
_pdbx_database_status.methods_development_category    ? 
_pdbx_database_status.status_code_sf                  REL 
_pdbx_database_status.status_code_mr                  ? 
_pdbx_database_status.SG_entry                        ? 
_pdbx_database_status.status_code_cs                  ? 
_pdbx_database_status.pdb_format_compatible           Y 
_pdbx_database_status.status_code_nmr_data            ? 
# 
loop_
_pdbx_database_related.db_name 
_pdbx_database_related.db_id 
_pdbx_database_related.details 
_pdbx_database_related.content_type 
PDB 4NS0 .                                                                                     unspecified 
PDB 2CHD 'CRYSTAL STRUCTURE OF THE C2A DOMAIN OF RABPHILIN-3A'                                 unspecified 
PDB 2K3H 'STRUCTURAL DETERMINANTS FOR CA2+ AND PIP2 BINDING BY THE C2A DOMAIN OF RABPHILIN-3A' unspecified 
PDB 2CM5 'CRYSTAL STRUCTURE OF THE C2B DOMAIN OF RABPHILIN'                                    unspecified 
PDB 2CM6 'CRYSTAL STRUCTURE OF THE C2B DOMAIN OF RABPHILIN 3A'                                 unspecified 
# 
loop_
_audit_author.name 
_audit_author.pdbx_ordinal 
'Guillen, J.'           1  
'Ferrer-Orta, C.'       2  
'Buxaderas, M.'         3  
'Perez-Sanchez, D.'     4  
'Guerrero-Valero, M.'   5  
'Luengo-Gil, G.'        6  
'Pous, J.'              7  
'Guerra, P.'            8  
'Gomez-Fernandez, J.C.' 9  
'Verdaguer, N.'         10 
'Corbalan-Garcia, S.'   11 
# 
_citation.id                        primary 
_citation.title                     
'Structural insights into the Ca2+ and PI(4,5)P2 binding modes of the C2 domains of rabphilin 3A and synaptotagmin 1.' 
_citation.journal_abbrev            Proc.Natl.Acad.Sci.USA 
_citation.journal_volume            110 
_citation.page_first                20503 
_citation.page_last                 20508 
_citation.year                      2013 
_citation.journal_id_ASTM           PNASA6 
_citation.country                   US 
_citation.journal_id_ISSN           1091-6490 
_citation.journal_id_CSD            0040 
_citation.book_publisher            ? 
_citation.pdbx_database_id_PubMed   24302762 
_citation.pdbx_database_id_DOI      10.1073/pnas.1316179110 
# 
loop_
_citation_author.citation_id 
_citation_author.name 
_citation_author.ordinal 
_citation_author.identifier_ORCID 
primary 'Guillen, J.'           1  ? 
primary 'Ferrer-Orta, C.'       2  ? 
primary 'Buxaderas, M.'         3  ? 
primary 'Perez-Sanchez, D.'     4  ? 
primary 'Guerrero-Valero, M.'   5  ? 
primary 'Luengo-Gil, G.'        6  ? 
primary 'Pous, J.'              7  ? 
primary 'Guerra, P.'            8  ? 
primary 'Gomez-Fernandez, J.C.' 9  ? 
primary 'Verdaguer, N.'         10 ? 
primary 'Corbalan-Garcia, S.'   11 ? 
# 
loop_
_entity.id 
_entity.type 
_entity.src_method 
_entity.pdbx_description 
_entity.formula_weight 
_entity.pdbx_number_of_molecules 
_entity.pdbx_ec 
_entity.pdbx_mutation 
_entity.pdbx_fragment 
_entity.details 
1 polymer     man Rabphilin-3A                      15305.478 1   ? ? 'C2 domain, UNP RESIDUES 378-510' ? 
2 non-polymer syn D-MYO-INOSITOL-1,4,5-TRIPHOSPHATE 420.096   1   ? ? ?                                 ? 
3 non-polymer syn 'SULFATE ION'                     96.063    1   ? ? ?                                 ? 
4 water       nat water                             18.015    139 ? ? ?                                 ? 
# 
_entity_name_com.entity_id   1 
_entity_name_com.name        Exophilin-1 
# 
_entity_poly.entity_id                      1 
_entity_poly.type                           'polypeptide(L)' 
_entity_poly.nstd_linkage                   no 
_entity_poly.nstd_monomer                   no 
_entity_poly.pdbx_seq_one_letter_code       
;DQATTLGALEFSLLYDQDNSNLQCTIIRAKGLKPMDSNGLADPYVKLHLLPGASKSNKLRTKTLRNTRNPVWNETLQYHG
ITEEDMQRKTLRISVCDEDKFGHNEFIGETRFSLKKLKANQRKNFNICLERVI
;
_entity_poly.pdbx_seq_one_letter_code_can   
;DQATTLGALEFSLLYDQDNSNLQCTIIRAKGLKPMDSNGLADPYVKLHLLPGASKSNKLRTKTLRNTRNPVWNETLQYHG
ITEEDMQRKTLRISVCDEDKFGHNEFIGETRFSLKKLKANQRKNFNICLERVI
;
_entity_poly.pdbx_strand_id                 A 
_entity_poly.pdbx_target_identifier         ? 
# 
loop_
_pdbx_entity_nonpoly.entity_id 
_pdbx_entity_nonpoly.name 
_pdbx_entity_nonpoly.comp_id 
2 D-MYO-INOSITOL-1,4,5-TRIPHOSPHATE I3P 
3 'SULFATE ION'                     SO4 
4 water                             HOH 
# 
loop_
_entity_poly_seq.entity_id 
_entity_poly_seq.num 
_entity_poly_seq.mon_id 
_entity_poly_seq.hetero 
1 1   ASP n 
1 2   GLN n 
1 3   ALA n 
1 4   THR n 
1 5   THR n 
1 6   LEU n 
1 7   GLY n 
1 8   ALA n 
1 9   LEU n 
1 10  GLU n 
1 11  PHE n 
1 12  SER n 
1 13  LEU n 
1 14  LEU n 
1 15  TYR n 
1 16  ASP n 
1 17  GLN n 
1 18  ASP n 
1 19  ASN n 
1 20  SER n 
1 21  ASN n 
1 22  LEU n 
1 23  GLN n 
1 24  CYS n 
1 25  THR n 
1 26  ILE n 
1 27  ILE n 
1 28  ARG n 
1 29  ALA n 
1 30  LYS n 
1 31  GLY n 
1 32  LEU n 
1 33  LYS n 
1 34  PRO n 
1 35  MET n 
1 36  ASP n 
1 37  SER n 
1 38  ASN n 
1 39  GLY n 
1 40  LEU n 
1 41  ALA n 
1 42  ASP n 
1 43  PRO n 
1 44  TYR n 
1 45  VAL n 
1 46  LYS n 
1 47  LEU n 
1 48  HIS n 
1 49  LEU n 
1 50  LEU n 
1 51  PRO n 
1 52  GLY n 
1 53  ALA n 
1 54  SER n 
1 55  LYS n 
1 56  SER n 
1 57  ASN n 
1 58  LYS n 
1 59  LEU n 
1 60  ARG n 
1 61  THR n 
1 62  LYS n 
1 63  THR n 
1 64  LEU n 
1 65  ARG n 
1 66  ASN n 
1 67  THR n 
1 68  ARG n 
1 69  ASN n 
1 70  PRO n 
1 71  VAL n 
1 72  TRP n 
1 73  ASN n 
1 74  GLU n 
1 75  THR n 
1 76  LEU n 
1 77  GLN n 
1 78  TYR n 
1 79  HIS n 
1 80  GLY n 
1 81  ILE n 
1 82  THR n 
1 83  GLU n 
1 84  GLU n 
1 85  ASP n 
1 86  MET n 
1 87  GLN n 
1 88  ARG n 
1 89  LYS n 
1 90  THR n 
1 91  LEU n 
1 92  ARG n 
1 93  ILE n 
1 94  SER n 
1 95  VAL n 
1 96  CYS n 
1 97  ASP n 
1 98  GLU n 
1 99  ASP n 
1 100 LYS n 
1 101 PHE n 
1 102 GLY n 
1 103 HIS n 
1 104 ASN n 
1 105 GLU n 
1 106 PHE n 
1 107 ILE n 
1 108 GLY n 
1 109 GLU n 
1 110 THR n 
1 111 ARG n 
1 112 PHE n 
1 113 SER n 
1 114 LEU n 
1 115 LYS n 
1 116 LYS n 
1 117 LEU n 
1 118 LYS n 
1 119 ALA n 
1 120 ASN n 
1 121 GLN n 
1 122 ARG n 
1 123 LYS n 
1 124 ASN n 
1 125 PHE n 
1 126 ASN n 
1 127 ILE n 
1 128 CYS n 
1 129 LEU n 
1 130 GLU n 
1 131 ARG n 
1 132 VAL n 
1 133 ILE n 
# 
_entity_src_gen.entity_id                          1 
_entity_src_gen.pdbx_src_id                        1 
_entity_src_gen.pdbx_alt_source_flag               sample 
_entity_src_gen.pdbx_seq_type                      ? 
_entity_src_gen.pdbx_beg_seq_num                   ? 
_entity_src_gen.pdbx_end_seq_num                   ? 
_entity_src_gen.gene_src_common_name               'brown rat,rat,rats' 
_entity_src_gen.gene_src_genus                     ? 
_entity_src_gen.pdbx_gene_src_gene                 Rph3a 
_entity_src_gen.gene_src_species                   ? 
_entity_src_gen.gene_src_strain                    ? 
_entity_src_gen.gene_src_tissue                    ? 
_entity_src_gen.gene_src_tissue_fraction           ? 
_entity_src_gen.gene_src_details                   ? 
_entity_src_gen.pdbx_gene_src_fragment             ? 
_entity_src_gen.pdbx_gene_src_scientific_name      'Rattus norvegicus' 
_entity_src_gen.pdbx_gene_src_ncbi_taxonomy_id     10116 
_entity_src_gen.pdbx_gene_src_variant              ? 
_entity_src_gen.pdbx_gene_src_cell_line            ? 
_entity_src_gen.pdbx_gene_src_atcc                 ? 
_entity_src_gen.pdbx_gene_src_organ                ? 
_entity_src_gen.pdbx_gene_src_organelle            ? 
_entity_src_gen.pdbx_gene_src_cell                 ? 
_entity_src_gen.pdbx_gene_src_cellular_location    ? 
_entity_src_gen.host_org_common_name               ? 
_entity_src_gen.pdbx_host_org_scientific_name      'Escherichia coli' 
_entity_src_gen.pdbx_host_org_ncbi_taxonomy_id     562 
_entity_src_gen.host_org_genus                     ? 
_entity_src_gen.pdbx_host_org_gene                 ? 
_entity_src_gen.pdbx_host_org_organ                ? 
_entity_src_gen.host_org_species                   ? 
_entity_src_gen.pdbx_host_org_tissue               ? 
_entity_src_gen.pdbx_host_org_tissue_fraction      ? 
_entity_src_gen.pdbx_host_org_strain               'BL21(DE3)' 
_entity_src_gen.pdbx_host_org_variant              ? 
_entity_src_gen.pdbx_host_org_cell_line            ? 
_entity_src_gen.pdbx_host_org_atcc                 ? 
_entity_src_gen.pdbx_host_org_culture_collection   ? 
_entity_src_gen.pdbx_host_org_cell                 ? 
_entity_src_gen.pdbx_host_org_organelle            ? 
_entity_src_gen.pdbx_host_org_cellular_location    ? 
_entity_src_gen.pdbx_host_org_vector_type          plasmid 
_entity_src_gen.pdbx_host_org_vector               ? 
_entity_src_gen.host_org_details                   ? 
_entity_src_gen.expression_system_id               ? 
_entity_src_gen.plasmid_name                       pET28a 
_entity_src_gen.plasmid_details                    ? 
_entity_src_gen.pdbx_description                   ? 
# 
loop_
_chem_comp.id 
_chem_comp.type 
_chem_comp.mon_nstd_flag 
_chem_comp.name 
_chem_comp.pdbx_synonyms 
_chem_comp.formula 
_chem_comp.formula_weight 
ALA 'L-peptide linking' y ALANINE                           ? 'C3 H7 N O2'     89.093  
ARG 'L-peptide linking' y ARGININE                          ? 'C6 H15 N4 O2 1' 175.209 
ASN 'L-peptide linking' y ASPARAGINE                        ? 'C4 H8 N2 O3'    132.118 
ASP 'L-peptide linking' y 'ASPARTIC ACID'                   ? 'C4 H7 N O4'     133.103 
CYS 'L-peptide linking' y CYSTEINE                          ? 'C3 H7 N O2 S'   121.158 
GLN 'L-peptide linking' y GLUTAMINE                         ? 'C5 H10 N2 O3'   146.144 
GLU 'L-peptide linking' y 'GLUTAMIC ACID'                   ? 'C5 H9 N O4'     147.129 
GLY 'peptide linking'   y GLYCINE                           ? 'C2 H5 N O2'     75.067  
HIS 'L-peptide linking' y HISTIDINE                         ? 'C6 H10 N3 O2 1' 156.162 
HOH non-polymer         . WATER                             ? 'H2 O'           18.015  
I3P non-polymer         . D-MYO-INOSITOL-1,4,5-TRIPHOSPHATE ? 'C6 H15 O15 P3'  420.096 
ILE 'L-peptide linking' y ISOLEUCINE                        ? 'C6 H13 N O2'    131.173 
LEU 'L-peptide linking' y LEUCINE                           ? 'C6 H13 N O2'    131.173 
LYS 'L-peptide linking' y LYSINE                            ? 'C6 H15 N2 O2 1' 147.195 
MET 'L-peptide linking' y METHIONINE                        ? 'C5 H11 N O2 S'  149.211 
PHE 'L-peptide linking' y PHENYLALANINE                     ? 'C9 H11 N O2'    165.189 
PRO 'L-peptide linking' y PROLINE                           ? 'C5 H9 N O2'     115.130 
SER 'L-peptide linking' y SERINE                            ? 'C3 H7 N O3'     105.093 
SO4 non-polymer         . 'SULFATE ION'                     ? 'O4 S -2'        96.063  
THR 'L-peptide linking' y THREONINE                         ? 'C4 H9 N O3'     119.119 
TRP 'L-peptide linking' y TRYPTOPHAN                        ? 'C11 H12 N2 O2'  204.225 
TYR 'L-peptide linking' y TYROSINE                          ? 'C9 H11 N O3'    181.189 
VAL 'L-peptide linking' y VALINE                            ? 'C5 H11 N O2'    117.146 
# 
loop_
_pdbx_poly_seq_scheme.asym_id 
_pdbx_poly_seq_scheme.entity_id 
_pdbx_poly_seq_scheme.seq_id 
_pdbx_poly_seq_scheme.mon_id 
_pdbx_poly_seq_scheme.ndb_seq_num 
_pdbx_poly_seq_scheme.pdb_seq_num 
_pdbx_poly_seq_scheme.auth_seq_num 
_pdbx_poly_seq_scheme.pdb_mon_id 
_pdbx_poly_seq_scheme.auth_mon_id 
_pdbx_poly_seq_scheme.pdb_strand_id 
_pdbx_poly_seq_scheme.pdb_ins_code 
_pdbx_poly_seq_scheme.hetero 
A 1 1   ASP 1   378 ?   ?   ?   A . n 
A 1 2   GLN 2   379 ?   ?   ?   A . n 
A 1 3   ALA 3   380 ?   ?   ?   A . n 
A 1 4   THR 4   381 ?   ?   ?   A . n 
A 1 5   THR 5   382 382 THR THR A . n 
A 1 6   LEU 6   383 383 LEU LEU A . n 
A 1 7   GLY 7   384 384 GLY GLY A . n 
A 1 8   ALA 8   385 385 ALA ALA A . n 
A 1 9   LEU 9   386 386 LEU LEU A . n 
A 1 10  GLU 10  387 387 GLU GLU A . n 
A 1 11  PHE 11  388 388 PHE PHE A . n 
A 1 12  SER 12  389 389 SER SER A . n 
A 1 13  LEU 13  390 390 LEU LEU A . n 
A 1 14  LEU 14  391 391 LEU LEU A . n 
A 1 15  TYR 15  392 392 TYR TYR A . n 
A 1 16  ASP 16  393 393 ASP ASP A . n 
A 1 17  GLN 17  394 394 GLN GLN A . n 
A 1 18  ASP 18  395 395 ASP ASP A . n 
A 1 19  ASN 19  396 396 ASN ASN A . n 
A 1 20  SER 20  397 397 SER SER A . n 
A 1 21  ASN 21  398 398 ASN ASN A . n 
A 1 22  LEU 22  399 399 LEU LEU A . n 
A 1 23  GLN 23  400 400 GLN GLN A . n 
A 1 24  CYS 24  401 401 CYS CYS A . n 
A 1 25  THR 25  402 402 THR THR A . n 
A 1 26  ILE 26  403 403 ILE ILE A . n 
A 1 27  ILE 27  404 404 ILE ILE A . n 
A 1 28  ARG 28  405 405 ARG ARG A . n 
A 1 29  ALA 29  406 406 ALA ALA A . n 
A 1 30  LYS 30  407 407 LYS LYS A . n 
A 1 31  GLY 31  408 408 GLY GLY A . n 
A 1 32  LEU 32  409 409 LEU LEU A . n 
A 1 33  LYS 33  410 410 LYS LYS A . n 
A 1 34  PRO 34  411 411 PRO PRO A . n 
A 1 35  MET 35  412 412 MET MET A . n 
A 1 36  ASP 36  413 413 ASP ASP A . n 
A 1 37  SER 37  414 414 SER SER A . n 
A 1 38  ASN 38  415 415 ASN ASN A . n 
A 1 39  GLY 39  416 416 GLY GLY A . n 
A 1 40  LEU 40  417 417 LEU LEU A . n 
A 1 41  ALA 41  418 418 ALA ALA A . n 
A 1 42  ASP 42  419 419 ASP ASP A . n 
A 1 43  PRO 43  420 420 PRO PRO A . n 
A 1 44  TYR 44  421 421 TYR TYR A . n 
A 1 45  VAL 45  422 422 VAL VAL A . n 
A 1 46  LYS 46  423 423 LYS LYS A . n 
A 1 47  LEU 47  424 424 LEU LEU A . n 
A 1 48  HIS 48  425 425 HIS HIS A . n 
A 1 49  LEU 49  426 426 LEU LEU A . n 
A 1 50  LEU 50  427 427 LEU LEU A . n 
A 1 51  PRO 51  428 428 PRO PRO A . n 
A 1 52  GLY 52  429 429 GLY GLY A . n 
A 1 53  ALA 53  430 430 ALA ALA A . n 
A 1 54  SER 54  431 431 SER SER A . n 
A 1 55  LYS 55  432 432 LYS LYS A . n 
A 1 56  SER 56  433 433 SER SER A . n 
A 1 57  ASN 57  434 434 ASN ASN A . n 
A 1 58  LYS 58  435 435 LYS LYS A . n 
A 1 59  LEU 59  436 436 LEU LEU A . n 
A 1 60  ARG 60  437 437 ARG ARG A . n 
A 1 61  THR 61  438 438 THR THR A . n 
A 1 62  LYS 62  439 439 LYS LYS A . n 
A 1 63  THR 63  440 440 THR THR A . n 
A 1 64  LEU 64  441 441 LEU LEU A . n 
A 1 65  ARG 65  442 442 ARG ARG A . n 
A 1 66  ASN 66  443 443 ASN ASN A . n 
A 1 67  THR 67  444 444 THR THR A . n 
A 1 68  ARG 68  445 445 ARG ARG A . n 
A 1 69  ASN 69  446 446 ASN ASN A . n 
A 1 70  PRO 70  447 447 PRO PRO A . n 
A 1 71  VAL 71  448 448 VAL VAL A . n 
A 1 72  TRP 72  449 449 TRP TRP A . n 
A 1 73  ASN 73  450 450 ASN ASN A . n 
A 1 74  GLU 74  451 451 GLU GLU A . n 
A 1 75  THR 75  452 452 THR THR A . n 
A 1 76  LEU 76  453 453 LEU LEU A . n 
A 1 77  GLN 77  454 454 GLN GLN A . n 
A 1 78  TYR 78  455 455 TYR TYR A . n 
A 1 79  HIS 79  456 456 HIS HIS A . n 
A 1 80  GLY 80  457 457 GLY GLY A . n 
A 1 81  ILE 81  458 458 ILE ILE A . n 
A 1 82  THR 82  459 459 THR THR A . n 
A 1 83  GLU 83  460 460 GLU GLU A . n 
A 1 84  GLU 84  461 461 GLU GLU A . n 
A 1 85  ASP 85  462 462 ASP ASP A . n 
A 1 86  MET 86  463 463 MET MET A . n 
A 1 87  GLN 87  464 464 GLN GLN A . n 
A 1 88  ARG 88  465 465 ARG ARG A . n 
A 1 89  LYS 89  466 466 LYS LYS A . n 
A 1 90  THR 90  467 467 THR THR A . n 
A 1 91  LEU 91  468 468 LEU LEU A . n 
A 1 92  ARG 92  469 469 ARG ARG A . n 
A 1 93  ILE 93  470 470 ILE ILE A . n 
A 1 94  SER 94  471 471 SER SER A . n 
A 1 95  VAL 95  472 472 VAL VAL A . n 
A 1 96  CYS 96  473 473 CYS CYS A . n 
A 1 97  ASP 97  474 474 ASP ASP A . n 
A 1 98  GLU 98  475 475 GLU GLU A . n 
A 1 99  ASP 99  476 476 ASP ASP A . n 
A 1 100 LYS 100 477 477 LYS LYS A . n 
A 1 101 PHE 101 478 478 PHE PHE A . n 
A 1 102 GLY 102 479 479 GLY GLY A . n 
A 1 103 HIS 103 480 480 HIS HIS A . n 
A 1 104 ASN 104 481 481 ASN ASN A . n 
A 1 105 GLU 105 482 482 GLU GLU A . n 
A 1 106 PHE 106 483 483 PHE PHE A . n 
A 1 107 ILE 107 484 484 ILE ILE A . n 
A 1 108 GLY 108 485 485 GLY GLY A . n 
A 1 109 GLU 109 486 486 GLU GLU A . n 
A 1 110 THR 110 487 487 THR THR A . n 
A 1 111 ARG 111 488 488 ARG ARG A . n 
A 1 112 PHE 112 489 489 PHE PHE A . n 
A 1 113 SER 113 490 490 SER SER A . n 
A 1 114 LEU 114 491 491 LEU LEU A . n 
A 1 115 LYS 115 492 492 LYS LYS A . n 
A 1 116 LYS 116 493 493 LYS LYS A . n 
A 1 117 LEU 117 494 494 LEU LEU A . n 
A 1 118 LYS 118 495 495 LYS LYS A . n 
A 1 119 ALA 119 496 496 ALA ALA A . n 
A 1 120 ASN 120 497 497 ASN ASN A . n 
A 1 121 GLN 121 498 498 GLN GLN A . n 
A 1 122 ARG 122 499 499 ARG ARG A . n 
A 1 123 LYS 123 500 500 LYS LYS A . n 
A 1 124 ASN 124 501 501 ASN ASN A . n 
A 1 125 PHE 125 502 502 PHE PHE A . n 
A 1 126 ASN 126 503 503 ASN ASN A . n 
A 1 127 ILE 127 504 504 ILE ILE A . n 
A 1 128 CYS 128 505 505 CYS CYS A . n 
A 1 129 LEU 129 506 506 LEU LEU A . n 
A 1 130 GLU 130 507 507 GLU GLU A . n 
A 1 131 ARG 131 508 508 ARG ARG A . n 
A 1 132 VAL 132 509 509 VAL VAL A . n 
A 1 133 ILE 133 510 510 ILE ILE A . n 
# 
loop_
_pdbx_nonpoly_scheme.asym_id 
_pdbx_nonpoly_scheme.entity_id 
_pdbx_nonpoly_scheme.mon_id 
_pdbx_nonpoly_scheme.ndb_seq_num 
_pdbx_nonpoly_scheme.pdb_seq_num 
_pdbx_nonpoly_scheme.auth_seq_num 
_pdbx_nonpoly_scheme.pdb_mon_id 
_pdbx_nonpoly_scheme.auth_mon_id 
_pdbx_nonpoly_scheme.pdb_strand_id 
_pdbx_nonpoly_scheme.pdb_ins_code 
B 2 I3P 1   601 1   I3P I3P A . 
C 3 SO4 1   602 1   SO4 SO4 A . 
D 4 HOH 1   701 1   HOH HOH A . 
D 4 HOH 2   702 2   HOH HOH A . 
D 4 HOH 3   703 3   HOH HOH A . 
D 4 HOH 4   704 4   HOH HOH A . 
D 4 HOH 5   705 5   HOH HOH A . 
D 4 HOH 6   706 6   HOH HOH A . 
D 4 HOH 7   707 7   HOH HOH A . 
D 4 HOH 8   708 8   HOH HOH A . 
D 4 HOH 9   709 9   HOH HOH A . 
D 4 HOH 10  710 10  HOH HOH A . 
D 4 HOH 11  711 11  HOH HOH A . 
D 4 HOH 12  712 12  HOH HOH A . 
D 4 HOH 13  713 13  HOH HOH A . 
D 4 HOH 14  714 14  HOH HOH A . 
D 4 HOH 15  715 15  HOH HOH A . 
D 4 HOH 16  716 16  HOH HOH A . 
D 4 HOH 17  717 17  HOH HOH A . 
D 4 HOH 18  718 18  HOH HOH A . 
D 4 HOH 19  719 19  HOH HOH A . 
D 4 HOH 20  720 20  HOH HOH A . 
D 4 HOH 21  721 21  HOH HOH A . 
D 4 HOH 22  722 22  HOH HOH A . 
D 4 HOH 23  723 23  HOH HOH A . 
D 4 HOH 24  724 24  HOH HOH A . 
D 4 HOH 25  725 25  HOH HOH A . 
D 4 HOH 26  726 26  HOH HOH A . 
D 4 HOH 27  727 27  HOH HOH A . 
D 4 HOH 28  728 28  HOH HOH A . 
D 4 HOH 29  729 29  HOH HOH A . 
D 4 HOH 30  730 30  HOH HOH A . 
D 4 HOH 31  731 31  HOH HOH A . 
D 4 HOH 32  732 32  HOH HOH A . 
D 4 HOH 33  733 33  HOH HOH A . 
D 4 HOH 34  734 34  HOH HOH A . 
D 4 HOH 35  735 35  HOH HOH A . 
D 4 HOH 36  736 36  HOH HOH A . 
D 4 HOH 37  737 37  HOH HOH A . 
D 4 HOH 38  738 38  HOH HOH A . 
D 4 HOH 39  739 39  HOH HOH A . 
D 4 HOH 40  740 40  HOH HOH A . 
D 4 HOH 41  741 41  HOH HOH A . 
D 4 HOH 42  742 42  HOH HOH A . 
D 4 HOH 43  743 43  HOH HOH A . 
D 4 HOH 44  744 44  HOH HOH A . 
D 4 HOH 45  745 45  HOH HOH A . 
D 4 HOH 46  746 46  HOH HOH A . 
D 4 HOH 47  747 47  HOH HOH A . 
D 4 HOH 48  748 48  HOH HOH A . 
D 4 HOH 49  749 49  HOH HOH A . 
D 4 HOH 50  750 50  HOH HOH A . 
D 4 HOH 51  751 51  HOH HOH A . 
D 4 HOH 52  752 52  HOH HOH A . 
D 4 HOH 53  753 53  HOH HOH A . 
D 4 HOH 54  754 54  HOH HOH A . 
D 4 HOH 55  755 55  HOH HOH A . 
D 4 HOH 56  756 56  HOH HOH A . 
D 4 HOH 57  757 57  HOH HOH A . 
D 4 HOH 58  758 58  HOH HOH A . 
D 4 HOH 59  759 59  HOH HOH A . 
D 4 HOH 60  760 60  HOH HOH A . 
D 4 HOH 61  761 61  HOH HOH A . 
D 4 HOH 62  762 62  HOH HOH A . 
D 4 HOH 63  763 63  HOH HOH A . 
D 4 HOH 64  764 64  HOH HOH A . 
D 4 HOH 65  765 65  HOH HOH A . 
D 4 HOH 66  766 66  HOH HOH A . 
D 4 HOH 67  767 67  HOH HOH A . 
D 4 HOH 68  768 68  HOH HOH A . 
D 4 HOH 69  769 69  HOH HOH A . 
D 4 HOH 70  770 70  HOH HOH A . 
D 4 HOH 71  771 71  HOH HOH A . 
D 4 HOH 72  772 72  HOH HOH A . 
D 4 HOH 73  773 73  HOH HOH A . 
D 4 HOH 74  774 74  HOH HOH A . 
D 4 HOH 75  775 75  HOH HOH A . 
D 4 HOH 76  776 76  HOH HOH A . 
D 4 HOH 77  777 77  HOH HOH A . 
D 4 HOH 78  778 78  HOH HOH A . 
D 4 HOH 79  779 79  HOH HOH A . 
D 4 HOH 80  780 80  HOH HOH A . 
D 4 HOH 81  781 81  HOH HOH A . 
D 4 HOH 82  782 82  HOH HOH A . 
D 4 HOH 83  783 83  HOH HOH A . 
D 4 HOH 84  784 84  HOH HOH A . 
D 4 HOH 85  785 85  HOH HOH A . 
D 4 HOH 86  786 86  HOH HOH A . 
D 4 HOH 87  787 87  HOH HOH A . 
D 4 HOH 88  788 88  HOH HOH A . 
D 4 HOH 89  789 89  HOH HOH A . 
D 4 HOH 90  790 90  HOH HOH A . 
D 4 HOH 91  791 91  HOH HOH A . 
D 4 HOH 92  792 92  HOH HOH A . 
D 4 HOH 93  793 93  HOH HOH A . 
D 4 HOH 94  794 94  HOH HOH A . 
D 4 HOH 95  795 95  HOH HOH A . 
D 4 HOH 96  796 96  HOH HOH A . 
D 4 HOH 97  797 97  HOH HOH A . 
D 4 HOH 98  798 98  HOH HOH A . 
D 4 HOH 99  799 99  HOH HOH A . 
D 4 HOH 100 800 100 HOH HOH A . 
D 4 HOH 101 801 101 HOH HOH A . 
D 4 HOH 102 802 102 HOH HOH A . 
D 4 HOH 103 803 103 HOH HOH A . 
D 4 HOH 104 804 104 HOH HOH A . 
D 4 HOH 105 805 105 HOH HOH A . 
D 4 HOH 106 806 106 HOH HOH A . 
D 4 HOH 107 807 107 HOH HOH A . 
D 4 HOH 108 808 108 HOH HOH A . 
D 4 HOH 109 809 109 HOH HOH A . 
D 4 HOH 110 810 110 HOH HOH A . 
D 4 HOH 111 811 111 HOH HOH A . 
D 4 HOH 112 812 112 HOH HOH A . 
D 4 HOH 113 813 113 HOH HOH A . 
D 4 HOH 114 814 114 HOH HOH A . 
D 4 HOH 115 815 115 HOH HOH A . 
D 4 HOH 116 816 116 HOH HOH A . 
D 4 HOH 117 817 117 HOH HOH A . 
D 4 HOH 118 818 118 HOH HOH A . 
D 4 HOH 119 819 119 HOH HOH A . 
D 4 HOH 120 820 120 HOH HOH A . 
D 4 HOH 121 821 121 HOH HOH A . 
D 4 HOH 122 822 122 HOH HOH A . 
D 4 HOH 123 823 123 HOH HOH A . 
D 4 HOH 124 824 124 HOH HOH A . 
D 4 HOH 125 825 125 HOH HOH A . 
D 4 HOH 126 826 126 HOH HOH A . 
D 4 HOH 127 827 127 HOH HOH A . 
D 4 HOH 128 828 128 HOH HOH A . 
D 4 HOH 129 829 129 HOH HOH A . 
D 4 HOH 130 830 130 HOH HOH A . 
D 4 HOH 131 831 131 HOH HOH A . 
D 4 HOH 132 832 132 HOH HOH A . 
D 4 HOH 133 833 133 HOH HOH A . 
D 4 HOH 134 834 134 HOH HOH A . 
D 4 HOH 135 835 135 HOH HOH A . 
D 4 HOH 136 836 136 HOH HOH A . 
D 4 HOH 137 837 137 HOH HOH A . 
D 4 HOH 138 838 138 HOH HOH A . 
D 4 HOH 139 839 139 HOH HOH A . 
# 
loop_
_pdbx_unobs_or_zero_occ_atoms.id 
_pdbx_unobs_or_zero_occ_atoms.PDB_model_num 
_pdbx_unobs_or_zero_occ_atoms.polymer_flag 
_pdbx_unobs_or_zero_occ_atoms.occupancy_flag 
_pdbx_unobs_or_zero_occ_atoms.auth_asym_id 
_pdbx_unobs_or_zero_occ_atoms.auth_comp_id 
_pdbx_unobs_or_zero_occ_atoms.auth_seq_id 
_pdbx_unobs_or_zero_occ_atoms.PDB_ins_code 
_pdbx_unobs_or_zero_occ_atoms.auth_atom_id 
_pdbx_unobs_or_zero_occ_atoms.label_alt_id 
_pdbx_unobs_or_zero_occ_atoms.label_asym_id 
_pdbx_unobs_or_zero_occ_atoms.label_comp_id 
_pdbx_unobs_or_zero_occ_atoms.label_seq_id 
_pdbx_unobs_or_zero_occ_atoms.label_atom_id 
1 1 Y 1 A ILE 510 ? CA  ? A ILE 133 CA  
2 1 Y 1 A ILE 510 ? C   ? A ILE 133 C   
3 1 Y 1 A ILE 510 ? O   ? A ILE 133 O   
4 1 Y 1 A ILE 510 ? CB  ? A ILE 133 CB  
5 1 Y 1 A ILE 510 ? CG1 ? A ILE 133 CG1 
6 1 Y 1 A ILE 510 ? CG2 ? A ILE 133 CG2 
7 1 Y 1 A ILE 510 ? CD1 ? A ILE 133 CD1 
# 
loop_
_software.name 
_software.classification 
_software.version 
_software.citation_id 
_software.pdbx_ordinal 
DNA    'data collection' .                             ? 1 
REFMAC refinement        .                             ? 2 
PHENIX refinement        '(phenix.refine: 1.8.4_1496)' ? 3 
XDS    'data reduction'  .                             ? 4 
SCALA  'data scaling'    .                             ? 5 
REFMAC phasing           .                             ? 6 
# 
_cell.entry_id           4NP9 
_cell.length_a           38.27 
_cell.length_b           39.47 
_cell.length_c           89.26 
_cell.angle_alpha        90 
_cell.angle_beta         90 
_cell.angle_gamma        90 
_cell.Z_PDB              4 
_cell.pdbx_unique_axis   ? 
_cell.length_a_esd       ? 
_cell.length_b_esd       ? 
_cell.length_c_esd       ? 
_cell.angle_alpha_esd    ? 
_cell.angle_beta_esd     ? 
_cell.angle_gamma_esd    ? 
# 
_symmetry.entry_id                         4NP9 
_symmetry.space_group_name_H-M             'P 21 21 21' 
_symmetry.pdbx_full_space_group_name_H-M   ? 
_symmetry.cell_setting                     ? 
_symmetry.Int_Tables_number                19 
_symmetry.space_group_name_Hall            ? 
# 
_exptl.entry_id          4NP9 
_exptl.method            'X-RAY DIFFRACTION' 
_exptl.crystals_number   1 
# 
_exptl_crystal.id                    1 
_exptl_crystal.density_meas          ? 
_exptl_crystal.density_Matthews      2.20 
_exptl_crystal.density_percent_sol   44.15 
_exptl_crystal.description           ? 
_exptl_crystal.F_000                 ? 
_exptl_crystal.preparation           ? 
# 
_exptl_crystal_grow.crystal_id      1 
_exptl_crystal_grow.method          'VAPOR DIFFUSION, HANGING DROP' 
_exptl_crystal_grow.temp            293 
_exptl_crystal_grow.temp_details    ? 
_exptl_crystal_grow.pH              7.4 
_exptl_crystal_grow.pdbx_details    
'25-28% PEG 4K, 10-20mM Ammonium sulfate, 100mM HEPES pH 7.4, VAPOR DIFFUSION, HANGING DROP, temperature 293K' 
_exptl_crystal_grow.pdbx_pH_range   ? 
# 
_diffrn.id                     1 
_diffrn.ambient_temp           77 
_diffrn.ambient_temp_details   ? 
_diffrn.crystal_id             1 
# 
_diffrn_detector.diffrn_id              1 
_diffrn_detector.detector               PIXEL 
_diffrn_detector.type                   'PSI PILATUS 6M' 
_diffrn_detector.pdbx_collection_date   2012-03-18 
_diffrn_detector.details                ? 
# 
_diffrn_radiation.diffrn_id                        1 
_diffrn_radiation.wavelength_id                    1 
_diffrn_radiation.pdbx_monochromatic_or_laue_m_l   M 
_diffrn_radiation.monochromator                    'Monochromator Si(111)' 
_diffrn_radiation.pdbx_diffrn_protocol             'SINGLE WAVELENGTH' 
_diffrn_radiation.pdbx_scattering_type             x-ray 
# 
_diffrn_radiation_wavelength.id           1 
_diffrn_radiation_wavelength.wavelength   0.980110 
_diffrn_radiation_wavelength.wt           1.0 
# 
_diffrn_source.diffrn_id                   1 
_diffrn_source.source                      SYNCHROTRON 
_diffrn_source.type                        'SOLEIL BEAMLINE PROXIMA 1' 
_diffrn_source.pdbx_synchrotron_site       SOLEIL 
_diffrn_source.pdbx_synchrotron_beamline   'PROXIMA 1' 
_diffrn_source.pdbx_wavelength             ? 
_diffrn_source.pdbx_wavelength_list        0.980110 
# 
_reflns.entry_id                     4NP9 
_reflns.observed_criterion_sigma_I   3.0 
_reflns.observed_criterion_sigma_F   2.0 
_reflns.d_resolution_low             44.93 
_reflns.d_resolution_high            1.92 
_reflns.number_obs                   10862 
_reflns.number_all                   11230 
_reflns.percent_possible_obs         98.7 
_reflns.pdbx_Rmerge_I_obs            0.087 
_reflns.pdbx_Rsym_value              0.088 
_reflns.pdbx_netI_over_sigmaI        13.19 
_reflns.B_iso_Wilson_estimate        ? 
_reflns.pdbx_redundancy              9.5 
_reflns.R_free_details               ? 
_reflns.limit_h_max                  ? 
_reflns.limit_h_min                  ? 
_reflns.limit_k_max                  ? 
_reflns.limit_k_min                  ? 
_reflns.limit_l_max                  ? 
_reflns.limit_l_min                  ? 
_reflns.observed_criterion_F_max     ? 
_reflns.observed_criterion_F_min     ? 
_reflns.pdbx_chi_squared             ? 
_reflns.pdbx_scaling_rejects         ? 
_reflns.pdbx_ordinal                 1 
_reflns.pdbx_diffrn_id               1 
# 
_reflns_shell.d_res_high                  1.92 
_reflns_shell.d_res_low                   2.041 
_reflns_shell.percent_possible_all        95.0 
_reflns_shell.Rmerge_I_obs                0.30 
_reflns_shell.pdbx_Rsym_value             0.35 
_reflns_shell.meanI_over_sigI_obs         4.2 
_reflns_shell.pdbx_redundancy             50.8 
_reflns_shell.percent_possible_obs        ? 
_reflns_shell.number_unique_all           1687 
_reflns_shell.number_measured_all         ? 
_reflns_shell.number_measured_obs         ? 
_reflns_shell.number_unique_obs           ? 
_reflns_shell.pdbx_chi_squared            ? 
_reflns_shell.pdbx_rejects                ? 
_reflns_shell.pdbx_netI_over_sigmaI_obs   ? 
_reflns_shell.number_possible             ? 
_reflns_shell.Rmerge_F_all                ? 
_reflns_shell.Rmerge_F_obs                ? 
_reflns_shell.Rmerge_I_all                ? 
_reflns_shell.meanI_over_sigI_all         ? 
_reflns_shell.pdbx_Rrim_I_all             ? 
_reflns_shell.pdbx_Rpim_I_all             ? 
_reflns_shell.pdbx_ordinal                1 
_reflns_shell.pdbx_diffrn_id              1 
# 
_refine.entry_id                                 4NP9 
_refine.ls_number_reflns_obs                     10754 
_refine.ls_number_reflns_all                     10862 
_refine.pdbx_ls_sigma_I                          ? 
_refine.pdbx_ls_sigma_F                          0.02 
_refine.pdbx_data_cutoff_high_absF               ? 
_refine.pdbx_data_cutoff_low_absF                ? 
_refine.pdbx_data_cutoff_high_rms_absF           ? 
_refine.ls_d_res_low                             29.566 
_refine.ls_d_res_high                            1.920 
_refine.ls_percent_reflns_obs                    99.03 
_refine.ls_R_factor_obs                          0.2108 
_refine.ls_R_factor_all                          0.2501 
_refine.ls_R_factor_R_work                       0.2089 
_refine.ls_R_factor_R_free                       0.2501 
_refine.ls_R_factor_R_free_error                 ? 
_refine.ls_R_factor_R_free_error_details         ? 
_refine.ls_percent_reflns_R_free                 4.84 
_refine.ls_number_reflns_R_free                  520 
_refine.ls_number_parameters                     ? 
_refine.ls_number_restraints                     ? 
_refine.occupancy_min                            ? 
_refine.occupancy_max                            ? 
_refine.correlation_coeff_Fo_to_Fc               ? 
_refine.correlation_coeff_Fo_to_Fc_free          ? 
_refine.B_iso_mean                               ? 
_refine.aniso_B[1][1]                            ? 
_refine.aniso_B[2][2]                            ? 
_refine.aniso_B[3][3]                            ? 
_refine.aniso_B[1][2]                            ? 
_refine.aniso_B[1][3]                            ? 
_refine.aniso_B[2][3]                            ? 
_refine.solvent_model_details                    'FLAT BULK SOLVENT MODEL' 
_refine.solvent_model_param_ksol                 ? 
_refine.solvent_model_param_bsol                 ? 
_refine.pdbx_solvent_vdw_probe_radii             1.11 
_refine.pdbx_solvent_ion_probe_radii             ? 
_refine.pdbx_solvent_shrinkage_radii             0.90 
_refine.pdbx_ls_cross_valid_method               ? 
_refine.details                                  ? 
_refine.pdbx_starting_model                      ? 
_refine.pdbx_method_to_determine_struct          'MOLECULAR REPLACEMENT' 
_refine.pdbx_isotropic_thermal_model             ? 
_refine.pdbx_stereochemistry_target_values       ML 
_refine.pdbx_stereochem_target_val_spec_case     ? 
_refine.pdbx_R_Free_selection_details            RANDOM 
_refine.pdbx_overall_ESU_R                       ? 
_refine.pdbx_overall_ESU_R_Free                  ? 
_refine.overall_SU_ML                            0.26 
_refine.pdbx_overall_phase_error                 25.27 
_refine.overall_SU_B                             ? 
_refine.overall_SU_R_Cruickshank_DPI             ? 
_refine.ls_redundancy_reflns_obs                 ? 
_refine.B_iso_min                                ? 
_refine.B_iso_max                                ? 
_refine.overall_SU_R_free                        ? 
_refine.ls_wR_factor_R_free                      ? 
_refine.ls_wR_factor_R_work                      ? 
_refine.overall_FOM_free_R_set                   ? 
_refine.overall_FOM_work_R_set                   ? 
_refine.pdbx_diffrn_id                           1 
_refine.pdbx_refine_id                           'X-RAY DIFFRACTION' 
_refine.pdbx_TLS_residual_ADP_flag               ? 
_refine.pdbx_overall_SU_R_free_Cruickshank_DPI   ? 
_refine.pdbx_overall_SU_R_Blow_DPI               ? 
_refine.pdbx_overall_SU_R_free_Blow_DPI          ? 
# 
_refine_hist.pdbx_refine_id                   'X-RAY DIFFRACTION' 
_refine_hist.cycle_id                         LAST 
_refine_hist.pdbx_number_atoms_protein        1036 
_refine_hist.pdbx_number_atoms_nucleic_acid   0 
_refine_hist.pdbx_number_atoms_ligand         29 
_refine_hist.number_atoms_solvent             139 
_refine_hist.number_atoms_total               1204 
_refine_hist.d_res_high                       1.920 
_refine_hist.d_res_low                        29.566 
# 
loop_
_refine_ls_restr.type 
_refine_ls_restr.dev_ideal 
_refine_ls_restr.dev_ideal_target 
_refine_ls_restr.weight 
_refine_ls_restr.number 
_refine_ls_restr.pdbx_restraint_function 
_refine_ls_restr.pdbx_refine_id 
f_bond_d           0.004  ? ? 1080 ? 'X-RAY DIFFRACTION' 
f_angle_d          0.903  ? ? 1459 ? 'X-RAY DIFFRACTION' 
f_dihedral_angle_d 15.171 ? ? 418  ? 'X-RAY DIFFRACTION' 
f_chiral_restr     0.034  ? ? 163  ? 'X-RAY DIFFRACTION' 
f_plane_restr      0.003  ? ? 184  ? 'X-RAY DIFFRACTION' 
# 
loop_
_refine_ls_shell.pdbx_refine_id 
_refine_ls_shell.pdbx_total_number_of_bins_used 
_refine_ls_shell.d_res_high 
_refine_ls_shell.d_res_low 
_refine_ls_shell.number_reflns_R_work 
_refine_ls_shell.R_factor_R_work 
_refine_ls_shell.percent_reflns_obs 
_refine_ls_shell.R_factor_R_free 
_refine_ls_shell.R_factor_R_free_error 
_refine_ls_shell.percent_reflns_R_free 
_refine_ls_shell.number_reflns_R_free 
_refine_ls_shell.number_reflns_all 
_refine_ls_shell.R_factor_all 
_refine_ls_shell.number_reflns_obs 
_refine_ls_shell.redundancy_reflns_obs 
'X-RAY DIFFRACTION' 4 1.9200 2.1132  2499 0.2209 98.00  0.2928 . . 124 . . . . 
'X-RAY DIFFRACTION' 4 2.1132 2.4188  2463 0.2178 98.00  0.2638 . . 138 . . . . 
'X-RAY DIFFRACTION' 4 2.4188 3.0470  2576 0.2019 100.00 0.2522 . . 136 . . . . 
'X-RAY DIFFRACTION' 4 3.0470 29.5698 2696 0.2068 100.00 0.2323 . . 122 . . . . 
# 
_struct.entry_id                  4NP9 
_struct.title                     'Structure of Rabphilin C2A domain bound to IP3' 
_struct.pdbx_model_details        ? 
_struct.pdbx_CASP_flag            ? 
_struct.pdbx_model_type_details   ? 
# 
_struct_keywords.entry_id        4NP9 
_struct_keywords.pdbx_keywords   'PROTEIN TRANSPORT' 
_struct_keywords.text            
'RABPHILIN-3A, C2 DOMAIN, C2A, CALCIUM BINDING, SYNAPTIC EXOCYTOSIS METAL-BINDING, PROTEIN TRANSPORT, C-2 domain fold, EXOPHILIN-1' 
# 
loop_
_struct_asym.id 
_struct_asym.pdbx_blank_PDB_chainid_flag 
_struct_asym.pdbx_modified 
_struct_asym.entity_id 
_struct_asym.details 
A N N 1 ? 
B N N 2 ? 
C N N 3 ? 
D N N 4 ? 
# 
_struct_ref.id                         1 
_struct_ref.db_name                    UNP 
_struct_ref.db_code                    RP3A_RAT 
_struct_ref.pdbx_db_accession          P47709 
_struct_ref.entity_id                  1 
_struct_ref.pdbx_seq_one_letter_code   
;DQATTLGALEFSLLYDQDNSNLQCTIIRAKGLKPMDSNGLADPYVKLHLLPGASKSNKLRTKTLRNTRNPVWNETLQYHG
ITEEDMQRKTLRISVCDEDKFGHNEFIGETRFSLKKLKANQRKNFNICLERVI
;
_struct_ref.pdbx_align_begin           378 
_struct_ref.pdbx_db_isoform            ? 
# 
_struct_ref_seq.align_id                      1 
_struct_ref_seq.ref_id                        1 
_struct_ref_seq.pdbx_PDB_id_code              4NP9 
_struct_ref_seq.pdbx_strand_id                A 
_struct_ref_seq.seq_align_beg                 1 
_struct_ref_seq.pdbx_seq_align_beg_ins_code   ? 
_struct_ref_seq.seq_align_end                 133 
_struct_ref_seq.pdbx_seq_align_end_ins_code   ? 
_struct_ref_seq.pdbx_db_accession             P47709 
_struct_ref_seq.db_align_beg                  378 
_struct_ref_seq.pdbx_db_align_beg_ins_code    ? 
_struct_ref_seq.db_align_end                  510 
_struct_ref_seq.pdbx_db_align_end_ins_code    ? 
_struct_ref_seq.pdbx_auth_seq_align_beg       378 
_struct_ref_seq.pdbx_auth_seq_align_end       510 
# 
_pdbx_struct_assembly.id                   1 
_pdbx_struct_assembly.details              author_and_software_defined_assembly 
_pdbx_struct_assembly.method_details       PISA 
_pdbx_struct_assembly.oligomeric_details   monomeric 
_pdbx_struct_assembly.oligomeric_count     1 
# 
_pdbx_struct_assembly_gen.assembly_id       1 
_pdbx_struct_assembly_gen.oper_expression   1 
_pdbx_struct_assembly_gen.asym_id_list      A,B,C,D 
# 
_pdbx_struct_oper_list.id                   1 
_pdbx_struct_oper_list.type                 'identity operation' 
_pdbx_struct_oper_list.name                 1_555 
_pdbx_struct_oper_list.symmetry_operation   x,y,z 
_pdbx_struct_oper_list.matrix[1][1]         1.0000000000 
_pdbx_struct_oper_list.matrix[1][2]         0.0000000000 
_pdbx_struct_oper_list.matrix[1][3]         0.0000000000 
_pdbx_struct_oper_list.vector[1]            0.0000000000 
_pdbx_struct_oper_list.matrix[2][1]         0.0000000000 
_pdbx_struct_oper_list.matrix[2][2]         1.0000000000 
_pdbx_struct_oper_list.matrix[2][3]         0.0000000000 
_pdbx_struct_oper_list.vector[2]            0.0000000000 
_pdbx_struct_oper_list.matrix[3][1]         0.0000000000 
_pdbx_struct_oper_list.matrix[3][2]         0.0000000000 
_pdbx_struct_oper_list.matrix[3][3]         1.0000000000 
_pdbx_struct_oper_list.vector[3]            0.0000000000 
# 
_struct_biol.id        1 
_struct_biol.details   ? 
# 
loop_
_struct_conf.conf_type_id 
_struct_conf.id 
_struct_conf.pdbx_PDB_helix_id 
_struct_conf.beg_label_comp_id 
_struct_conf.beg_label_asym_id 
_struct_conf.beg_label_seq_id 
_struct_conf.pdbx_beg_PDB_ins_code 
_struct_conf.end_label_comp_id 
_struct_conf.end_label_asym_id 
_struct_conf.end_label_seq_id 
_struct_conf.pdbx_end_PDB_ins_code 
_struct_conf.beg_auth_comp_id 
_struct_conf.beg_auth_asym_id 
_struct_conf.beg_auth_seq_id 
_struct_conf.end_auth_comp_id 
_struct_conf.end_auth_asym_id 
_struct_conf.end_auth_seq_id 
_struct_conf.pdbx_PDB_helix_class 
_struct_conf.details 
_struct_conf.pdbx_PDB_helix_length 
HELX_P HELX_P1 1 GLN A 17  ? ASN A 19  ? GLN A 394 ASN A 396 5 ? 3 
HELX_P HELX_P2 2 SER A 54  ? SER A 56  ? SER A 431 SER A 433 5 ? 3 
HELX_P HELX_P3 3 THR A 82  ? LYS A 89  ? THR A 459 LYS A 466 1 ? 8 
HELX_P HELX_P4 4 LYS A 115 ? LEU A 117 ? LYS A 492 LEU A 494 5 ? 3 
# 
_struct_conf_type.id          HELX_P 
_struct_conf_type.criteria    ? 
_struct_conf_type.reference   ? 
# 
_struct_mon_prot_cis.pdbx_id                1 
_struct_mon_prot_cis.label_comp_id          LEU 
_struct_mon_prot_cis.label_seq_id           50 
_struct_mon_prot_cis.label_asym_id          A 
_struct_mon_prot_cis.label_alt_id           . 
_struct_mon_prot_cis.pdbx_PDB_ins_code      ? 
_struct_mon_prot_cis.auth_comp_id           LEU 
_struct_mon_prot_cis.auth_seq_id            427 
_struct_mon_prot_cis.auth_asym_id           A 
_struct_mon_prot_cis.pdbx_label_comp_id_2   PRO 
_struct_mon_prot_cis.pdbx_label_seq_id_2    51 
_struct_mon_prot_cis.pdbx_label_asym_id_2   A 
_struct_mon_prot_cis.pdbx_PDB_ins_code_2    ? 
_struct_mon_prot_cis.pdbx_auth_comp_id_2    PRO 
_struct_mon_prot_cis.pdbx_auth_seq_id_2     428 
_struct_mon_prot_cis.pdbx_auth_asym_id_2    A 
_struct_mon_prot_cis.pdbx_PDB_model_num     1 
_struct_mon_prot_cis.pdbx_omega_angle       -4.62 
# 
loop_
_struct_sheet.id 
_struct_sheet.type 
_struct_sheet.number_strands 
_struct_sheet.details 
A ? 4 ? 
B ? 4 ? 
# 
loop_
_struct_sheet_order.sheet_id 
_struct_sheet_order.range_id_1 
_struct_sheet_order.range_id_2 
_struct_sheet_order.offset 
_struct_sheet_order.sense 
A 1 2 ? anti-parallel 
A 2 3 ? anti-parallel 
A 3 4 ? anti-parallel 
B 1 2 ? anti-parallel 
B 2 3 ? anti-parallel 
B 3 4 ? anti-parallel 
# 
loop_
_struct_sheet_range.sheet_id 
_struct_sheet_range.id 
_struct_sheet_range.beg_label_comp_id 
_struct_sheet_range.beg_label_asym_id 
_struct_sheet_range.beg_label_seq_id 
_struct_sheet_range.pdbx_beg_PDB_ins_code 
_struct_sheet_range.end_label_comp_id 
_struct_sheet_range.end_label_asym_id 
_struct_sheet_range.end_label_seq_id 
_struct_sheet_range.pdbx_end_PDB_ins_code 
_struct_sheet_range.beg_auth_comp_id 
_struct_sheet_range.beg_auth_asym_id 
_struct_sheet_range.beg_auth_seq_id 
_struct_sheet_range.end_auth_comp_id 
_struct_sheet_range.end_auth_asym_id 
_struct_sheet_range.end_auth_seq_id 
A 1 VAL A 71  ? HIS A 79  ? VAL A 448 HIS A 456 
A 2 ASN A 21  ? LYS A 30  ? ASN A 398 LYS A 407 
A 3 ALA A 8   ? ASP A 16  ? ALA A 385 ASP A 393 
A 4 LYS A 123 ? CYS A 128 ? LYS A 500 CYS A 505 
B 1 LYS A 58  ? ARG A 60  ? LYS A 435 ARG A 437 
B 2 PRO A 43  ? LEU A 50  ? PRO A 420 LEU A 427 
B 3 THR A 90  ? GLU A 98  ? THR A 467 GLU A 475 
B 4 ASN A 104 ? SER A 113 ? ASN A 481 SER A 490 
# 
loop_
_pdbx_struct_sheet_hbond.sheet_id 
_pdbx_struct_sheet_hbond.range_id_1 
_pdbx_struct_sheet_hbond.range_id_2 
_pdbx_struct_sheet_hbond.range_1_label_atom_id 
_pdbx_struct_sheet_hbond.range_1_label_comp_id 
_pdbx_struct_sheet_hbond.range_1_label_asym_id 
_pdbx_struct_sheet_hbond.range_1_label_seq_id 
_pdbx_struct_sheet_hbond.range_1_PDB_ins_code 
_pdbx_struct_sheet_hbond.range_1_auth_atom_id 
_pdbx_struct_sheet_hbond.range_1_auth_comp_id 
_pdbx_struct_sheet_hbond.range_1_auth_asym_id 
_pdbx_struct_sheet_hbond.range_1_auth_seq_id 
_pdbx_struct_sheet_hbond.range_2_label_atom_id 
_pdbx_struct_sheet_hbond.range_2_label_comp_id 
_pdbx_struct_sheet_hbond.range_2_label_asym_id 
_pdbx_struct_sheet_hbond.range_2_label_seq_id 
_pdbx_struct_sheet_hbond.range_2_PDB_ins_code 
_pdbx_struct_sheet_hbond.range_2_auth_atom_id 
_pdbx_struct_sheet_hbond.range_2_auth_comp_id 
_pdbx_struct_sheet_hbond.range_2_auth_asym_id 
_pdbx_struct_sheet_hbond.range_2_auth_seq_id 
A 1 2 O LEU A 76 ? O LEU A 453 N CYS A 24  ? N CYS A 401 
A 2 3 O ARG A 28 ? O ARG A 405 N GLU A 10  ? N GLU A 387 
A 3 4 N PHE A 11 ? N PHE A 388 O PHE A 125 ? O PHE A 502 
B 1 2 O LEU A 59 ? O LEU A 436 N LEU A 47  ? N LEU A 424 
B 2 3 N LEU A 50 ? N LEU A 427 O THR A 90  ? O THR A 467 
B 3 4 N VAL A 95 ? N VAL A 472 O GLY A 108 ? O GLY A 485 
# 
loop_
_struct_site.id 
_struct_site.pdbx_evidence_code 
_struct_site.pdbx_auth_asym_id 
_struct_site.pdbx_auth_comp_id 
_struct_site.pdbx_auth_seq_id 
_struct_site.pdbx_auth_ins_code 
_struct_site.pdbx_num_residues 
_struct_site.details 
AC1 Software A I3P 601 ? 14 'BINDING SITE FOR RESIDUE I3P A 601' 
AC2 Software A SO4 602 ? 6  'BINDING SITE FOR RESIDUE SO4 A 602' 
# 
loop_
_struct_site_gen.id 
_struct_site_gen.site_id 
_struct_site_gen.pdbx_num_res 
_struct_site_gen.label_comp_id 
_struct_site_gen.label_asym_id 
_struct_site_gen.label_seq_id 
_struct_site_gen.pdbx_auth_ins_code 
_struct_site_gen.auth_comp_id 
_struct_site_gen.auth_asym_id 
_struct_site_gen.auth_seq_id 
_struct_site_gen.label_atom_id 
_struct_site_gen.label_alt_id 
_struct_site_gen.symmetry 
_struct_site_gen.details 
1  AC1 14 LYS A 33  ? LYS A 410 . ? 4_556 ? 
2  AC1 14 PRO A 34  ? PRO A 411 . ? 4_556 ? 
3  AC1 14 MET A 35  ? MET A 412 . ? 4_556 ? 
4  AC1 14 TYR A 44  ? TYR A 421 . ? 1_555 ? 
5  AC1 14 LYS A 46  ? LYS A 423 . ? 1_555 ? 
6  AC1 14 HIS A 48  ? HIS A 425 . ? 1_555 ? 
7  AC1 14 LYS A 58  ? LYS A 435 . ? 1_555 ? 
8  AC1 14 ARG A 60  ? ARG A 437 . ? 1_555 ? 
9  AC1 14 ASN A 104 ? ASN A 481 . ? 1_555 ? 
10 AC1 14 SO4 C .   ? SO4 A 602 . ? 1_555 ? 
11 AC1 14 HOH D .   ? HOH A 702 . ? 4_556 ? 
12 AC1 14 HOH D .   ? HOH A 763 . ? 1_555 ? 
13 AC1 14 HOH D .   ? HOH A 764 . ? 1_555 ? 
14 AC1 14 HOH D .   ? HOH A 803 . ? 1_555 ? 
15 AC2 6  LYS A 46  ? LYS A 423 . ? 1_555 ? 
16 AC2 6  ARG A 65  ? ARG A 442 . ? 4_456 ? 
17 AC2 6  ARG A 92  ? ARG A 469 . ? 1_555 ? 
18 AC2 6  SER A 94  ? SER A 471 . ? 1_555 ? 
19 AC2 6  PHE A 106 ? PHE A 483 . ? 1_555 ? 
20 AC2 6  I3P B .   ? I3P A 601 . ? 1_555 ? 
# 
loop_
_pdbx_validate_close_contact.id 
_pdbx_validate_close_contact.PDB_model_num 
_pdbx_validate_close_contact.auth_atom_id_1 
_pdbx_validate_close_contact.auth_asym_id_1 
_pdbx_validate_close_contact.auth_comp_id_1 
_pdbx_validate_close_contact.auth_seq_id_1 
_pdbx_validate_close_contact.PDB_ins_code_1 
_pdbx_validate_close_contact.label_alt_id_1 
_pdbx_validate_close_contact.auth_atom_id_2 
_pdbx_validate_close_contact.auth_asym_id_2 
_pdbx_validate_close_contact.auth_comp_id_2 
_pdbx_validate_close_contact.auth_seq_id_2 
_pdbx_validate_close_contact.PDB_ins_code_2 
_pdbx_validate_close_contact.label_alt_id_2 
_pdbx_validate_close_contact.dist 
1  1 O   A HOH 801 ? ? O A HOH 812 ? ? 1.86 
2  1 O   A HOH 822 ? ? O A HOH 825 ? ? 1.87 
3  1 O   A HOH 792 ? ? O A HOH 831 ? ? 1.91 
4  1 O   A HOH 820 ? ? O A HOH 827 ? ? 1.98 
5  1 O   A LEU 494 ? ? O A HOH 805 ? ? 2.07 
6  1 OG1 A THR 382 ? ? O A HOH 766 ? ? 2.08 
7  1 O   A HOH 810 ? ? O A HOH 834 ? ? 2.11 
8  1 O   A HOH 759 ? ? O A HOH 813 ? ? 2.13 
9  1 O   A HOH 773 ? ? O A HOH 788 ? ? 2.13 
10 1 O   A HOH 732 ? ? O A HOH 790 ? ? 2.15 
11 1 O   A HOH 823 ? ? O A HOH 836 ? ? 2.17 
12 1 O   A HOH 770 ? ? O A HOH 805 ? ? 2.17 
# 
loop_
_pdbx_validate_torsion.id 
_pdbx_validate_torsion.PDB_model_num 
_pdbx_validate_torsion.auth_comp_id 
_pdbx_validate_torsion.auth_asym_id 
_pdbx_validate_torsion.auth_seq_id 
_pdbx_validate_torsion.PDB_ins_code 
_pdbx_validate_torsion.label_alt_id 
_pdbx_validate_torsion.phi 
_pdbx_validate_torsion.psi 
1 1 ILE A 404 ? ? -91.91  -70.08  
2 1 MET A 412 ? ? -119.86 -112.63 
3 1 ASP A 419 ? ? -115.95 77.81   
4 1 ALA A 430 ? ? -77.16  30.56   
5 1 SER A 431 ? ? 57.34   -177.73 
6 1 LYS A 432 ? ? 55.05   -84.20  
7 1 HIS A 480 ? ? -77.57  -167.48 
# 
loop_
_pdbx_unobs_or_zero_occ_residues.id 
_pdbx_unobs_or_zero_occ_residues.PDB_model_num 
_pdbx_unobs_or_zero_occ_residues.polymer_flag 
_pdbx_unobs_or_zero_occ_residues.occupancy_flag 
_pdbx_unobs_or_zero_occ_residues.auth_asym_id 
_pdbx_unobs_or_zero_occ_residues.auth_comp_id 
_pdbx_unobs_or_zero_occ_residues.auth_seq_id 
_pdbx_unobs_or_zero_occ_residues.PDB_ins_code 
_pdbx_unobs_or_zero_occ_residues.label_asym_id 
_pdbx_unobs_or_zero_occ_residues.label_comp_id 
_pdbx_unobs_or_zero_occ_residues.label_seq_id 
1 1 Y 1 A ASP 378 ? A ASP 1 
2 1 Y 1 A GLN 379 ? A GLN 2 
3 1 Y 1 A ALA 380 ? A ALA 3 
4 1 Y 1 A THR 381 ? A THR 4 
# 
loop_
_chem_comp_atom.comp_id 
_chem_comp_atom.atom_id 
_chem_comp_atom.type_symbol 
_chem_comp_atom.pdbx_aromatic_flag 
_chem_comp_atom.pdbx_stereo_config 
_chem_comp_atom.pdbx_ordinal 
ALA N    N N N 1   
ALA CA   C N S 2   
ALA C    C N N 3   
ALA O    O N N 4   
ALA CB   C N N 5   
ALA OXT  O N N 6   
ALA H    H N N 7   
ALA H2   H N N 8   
ALA HA   H N N 9   
ALA HB1  H N N 10  
ALA HB2  H N N 11  
ALA HB3  H N N 12  
ALA HXT  H N N 13  
ARG N    N N N 14  
ARG CA   C N S 15  
ARG C    C N N 16  
ARG O    O N N 17  
ARG CB   C N N 18  
ARG CG   C N N 19  
ARG CD   C N N 20  
ARG NE   N N N 21  
ARG CZ   C N N 22  
ARG NH1  N N N 23  
ARG NH2  N N N 24  
ARG OXT  O N N 25  
ARG H    H N N 26  
ARG H2   H N N 27  
ARG HA   H N N 28  
ARG HB2  H N N 29  
ARG HB3  H N N 30  
ARG HG2  H N N 31  
ARG HG3  H N N 32  
ARG HD2  H N N 33  
ARG HD3  H N N 34  
ARG HE   H N N 35  
ARG HH11 H N N 36  
ARG HH12 H N N 37  
ARG HH21 H N N 38  
ARG HH22 H N N 39  
ARG HXT  H N N 40  
ASN N    N N N 41  
ASN CA   C N S 42  
ASN C    C N N 43  
ASN O    O N N 44  
ASN CB   C N N 45  
ASN CG   C N N 46  
ASN OD1  O N N 47  
ASN ND2  N N N 48  
ASN OXT  O N N 49  
ASN H    H N N 50  
ASN H2   H N N 51  
ASN HA   H N N 52  
ASN HB2  H N N 53  
ASN HB3  H N N 54  
ASN HD21 H N N 55  
ASN HD22 H N N 56  
ASN HXT  H N N 57  
ASP N    N N N 58  
ASP CA   C N S 59  
ASP C    C N N 60  
ASP O    O N N 61  
ASP CB   C N N 62  
ASP CG   C N N 63  
ASP OD1  O N N 64  
ASP OD2  O N N 65  
ASP OXT  O N N 66  
ASP H    H N N 67  
ASP H2   H N N 68  
ASP HA   H N N 69  
ASP HB2  H N N 70  
ASP HB3  H N N 71  
ASP HD2  H N N 72  
ASP HXT  H N N 73  
CYS N    N N N 74  
CYS CA   C N R 75  
CYS C    C N N 76  
CYS O    O N N 77  
CYS CB   C N N 78  
CYS SG   S N N 79  
CYS OXT  O N N 80  
CYS H    H N N 81  
CYS H2   H N N 82  
CYS HA   H N N 83  
CYS HB2  H N N 84  
CYS HB3  H N N 85  
CYS HG   H N N 86  
CYS HXT  H N N 87  
GLN N    N N N 88  
GLN CA   C N S 89  
GLN C    C N N 90  
GLN O    O N N 91  
GLN CB   C N N 92  
GLN CG   C N N 93  
GLN CD   C N N 94  
GLN OE1  O N N 95  
GLN NE2  N N N 96  
GLN OXT  O N N 97  
GLN H    H N N 98  
GLN H2   H N N 99  
GLN HA   H N N 100 
GLN HB2  H N N 101 
GLN HB3  H N N 102 
GLN HG2  H N N 103 
GLN HG3  H N N 104 
GLN HE21 H N N 105 
GLN HE22 H N N 106 
GLN HXT  H N N 107 
GLU N    N N N 108 
GLU CA   C N S 109 
GLU C    C N N 110 
GLU O    O N N 111 
GLU CB   C N N 112 
GLU CG   C N N 113 
GLU CD   C N N 114 
GLU OE1  O N N 115 
GLU OE2  O N N 116 
GLU OXT  O N N 117 
GLU H    H N N 118 
GLU H2   H N N 119 
GLU HA   H N N 120 
GLU HB2  H N N 121 
GLU HB3  H N N 122 
GLU HG2  H N N 123 
GLU HG3  H N N 124 
GLU HE2  H N N 125 
GLU HXT  H N N 126 
GLY N    N N N 127 
GLY CA   C N N 128 
GLY C    C N N 129 
GLY O    O N N 130 
GLY OXT  O N N 131 
GLY H    H N N 132 
GLY H2   H N N 133 
GLY HA2  H N N 134 
GLY HA3  H N N 135 
GLY HXT  H N N 136 
HIS N    N N N 137 
HIS CA   C N S 138 
HIS C    C N N 139 
HIS O    O N N 140 
HIS CB   C N N 141 
HIS CG   C Y N 142 
HIS ND1  N Y N 143 
HIS CD2  C Y N 144 
HIS CE1  C Y N 145 
HIS NE2  N Y N 146 
HIS OXT  O N N 147 
HIS H    H N N 148 
HIS H2   H N N 149 
HIS HA   H N N 150 
HIS HB2  H N N 151 
HIS HB3  H N N 152 
HIS HD1  H N N 153 
HIS HD2  H N N 154 
HIS HE1  H N N 155 
HIS HE2  H N N 156 
HIS HXT  H N N 157 
HOH O    O N N 158 
HOH H1   H N N 159 
HOH H2   H N N 160 
I3P C1   C N R 161 
I3P C2   C N R 162 
I3P C3   C N S 163 
I3P C4   C N R 164 
I3P C5   C N R 165 
I3P C6   C N S 166 
I3P O1   O N N 167 
I3P O2   O N N 168 
I3P O3   O N N 169 
I3P O4   O N N 170 
I3P O5   O N N 171 
I3P O6   O N N 172 
I3P P1   P N N 173 
I3P O11  O N N 174 
I3P O12  O N N 175 
I3P O13  O N N 176 
I3P P4   P N N 177 
I3P O41  O N N 178 
I3P O42  O N N 179 
I3P O43  O N N 180 
I3P P5   P N N 181 
I3P O51  O N N 182 
I3P O52  O N N 183 
I3P O53  O N N 184 
I3P H1   H N N 185 
I3P H2   H N N 186 
I3P H3   H N N 187 
I3P H4   H N N 188 
I3P H5   H N N 189 
I3P H6   H N N 190 
I3P HO2  H N N 191 
I3P HO3  H N N 192 
I3P HO6  H N N 193 
I3P HO12 H N N 194 
I3P HO13 H N N 195 
I3P HO42 H N N 196 
I3P HO43 H N N 197 
I3P HO52 H N N 198 
I3P HO53 H N N 199 
ILE N    N N N 200 
ILE CA   C N S 201 
ILE C    C N N 202 
ILE O    O N N 203 
ILE CB   C N S 204 
ILE CG1  C N N 205 
ILE CG2  C N N 206 
ILE CD1  C N N 207 
ILE OXT  O N N 208 
ILE H    H N N 209 
ILE H2   H N N 210 
ILE HA   H N N 211 
ILE HB   H N N 212 
ILE HG12 H N N 213 
ILE HG13 H N N 214 
ILE HG21 H N N 215 
ILE HG22 H N N 216 
ILE HG23 H N N 217 
ILE HD11 H N N 218 
ILE HD12 H N N 219 
ILE HD13 H N N 220 
ILE HXT  H N N 221 
LEU N    N N N 222 
LEU CA   C N S 223 
LEU C    C N N 224 
LEU O    O N N 225 
LEU CB   C N N 226 
LEU CG   C N N 227 
LEU CD1  C N N 228 
LEU CD2  C N N 229 
LEU OXT  O N N 230 
LEU H    H N N 231 
LEU H2   H N N 232 
LEU HA   H N N 233 
LEU HB2  H N N 234 
LEU HB3  H N N 235 
LEU HG   H N N 236 
LEU HD11 H N N 237 
LEU HD12 H N N 238 
LEU HD13 H N N 239 
LEU HD21 H N N 240 
LEU HD22 H N N 241 
LEU HD23 H N N 242 
LEU HXT  H N N 243 
LYS N    N N N 244 
LYS CA   C N S 245 
LYS C    C N N 246 
LYS O    O N N 247 
LYS CB   C N N 248 
LYS CG   C N N 249 
LYS CD   C N N 250 
LYS CE   C N N 251 
LYS NZ   N N N 252 
LYS OXT  O N N 253 
LYS H    H N N 254 
LYS H2   H N N 255 
LYS HA   H N N 256 
LYS HB2  H N N 257 
LYS HB3  H N N 258 
LYS HG2  H N N 259 
LYS HG3  H N N 260 
LYS HD2  H N N 261 
LYS HD3  H N N 262 
LYS HE2  H N N 263 
LYS HE3  H N N 264 
LYS HZ1  H N N 265 
LYS HZ2  H N N 266 
LYS HZ3  H N N 267 
LYS HXT  H N N 268 
MET N    N N N 269 
MET CA   C N S 270 
MET C    C N N 271 
MET O    O N N 272 
MET CB   C N N 273 
MET CG   C N N 274 
MET SD   S N N 275 
MET CE   C N N 276 
MET OXT  O N N 277 
MET H    H N N 278 
MET H2   H N N 279 
MET HA   H N N 280 
MET HB2  H N N 281 
MET HB3  H N N 282 
MET HG2  H N N 283 
MET HG3  H N N 284 
MET HE1  H N N 285 
MET HE2  H N N 286 
MET HE3  H N N 287 
MET HXT  H N N 288 
PHE N    N N N 289 
PHE CA   C N S 290 
PHE C    C N N 291 
PHE O    O N N 292 
PHE CB   C N N 293 
PHE CG   C Y N 294 
PHE CD1  C Y N 295 
PHE CD2  C Y N 296 
PHE CE1  C Y N 297 
PHE CE2  C Y N 298 
PHE CZ   C Y N 299 
PHE OXT  O N N 300 
PHE H    H N N 301 
PHE H2   H N N 302 
PHE HA   H N N 303 
PHE HB2  H N N 304 
PHE HB3  H N N 305 
PHE HD1  H N N 306 
PHE HD2  H N N 307 
PHE HE1  H N N 308 
PHE HE2  H N N 309 
PHE HZ   H N N 310 
PHE HXT  H N N 311 
PRO N    N N N 312 
PRO CA   C N S 313 
PRO C    C N N 314 
PRO O    O N N 315 
PRO CB   C N N 316 
PRO CG   C N N 317 
PRO CD   C N N 318 
PRO OXT  O N N 319 
PRO H    H N N 320 
PRO HA   H N N 321 
PRO HB2  H N N 322 
PRO HB3  H N N 323 
PRO HG2  H N N 324 
PRO HG3  H N N 325 
PRO HD2  H N N 326 
PRO HD3  H N N 327 
PRO HXT  H N N 328 
SER N    N N N 329 
SER CA   C N S 330 
SER C    C N N 331 
SER O    O N N 332 
SER CB   C N N 333 
SER OG   O N N 334 
SER OXT  O N N 335 
SER H    H N N 336 
SER H2   H N N 337 
SER HA   H N N 338 
SER HB2  H N N 339 
SER HB3  H N N 340 
SER HG   H N N 341 
SER HXT  H N N 342 
SO4 S    S N N 343 
SO4 O1   O N N 344 
SO4 O2   O N N 345 
SO4 O3   O N N 346 
SO4 O4   O N N 347 
THR N    N N N 348 
THR CA   C N S 349 
THR C    C N N 350 
THR O    O N N 351 
THR CB   C N R 352 
THR OG1  O N N 353 
THR CG2  C N N 354 
THR OXT  O N N 355 
THR H    H N N 356 
THR H2   H N N 357 
THR HA   H N N 358 
THR HB   H N N 359 
THR HG1  H N N 360 
THR HG21 H N N 361 
THR HG22 H N N 362 
THR HG23 H N N 363 
THR HXT  H N N 364 
TRP N    N N N 365 
TRP CA   C N S 366 
TRP C    C N N 367 
TRP O    O N N 368 
TRP CB   C N N 369 
TRP CG   C Y N 370 
TRP CD1  C Y N 371 
TRP CD2  C Y N 372 
TRP NE1  N Y N 373 
TRP CE2  C Y N 374 
TRP CE3  C Y N 375 
TRP CZ2  C Y N 376 
TRP CZ3  C Y N 377 
TRP CH2  C Y N 378 
TRP OXT  O N N 379 
TRP H    H N N 380 
TRP H2   H N N 381 
TRP HA   H N N 382 
TRP HB2  H N N 383 
TRP HB3  H N N 384 
TRP HD1  H N N 385 
TRP HE1  H N N 386 
TRP HE3  H N N 387 
TRP HZ2  H N N 388 
TRP HZ3  H N N 389 
TRP HH2  H N N 390 
TRP HXT  H N N 391 
TYR N    N N N 392 
TYR CA   C N S 393 
TYR C    C N N 394 
TYR O    O N N 395 
TYR CB   C N N 396 
TYR CG   C Y N 397 
TYR CD1  C Y N 398 
TYR CD2  C Y N 399 
TYR CE1  C Y N 400 
TYR CE2  C Y N 401 
TYR CZ   C Y N 402 
TYR OH   O N N 403 
TYR OXT  O N N 404 
TYR H    H N N 405 
TYR H2   H N N 406 
TYR HA   H N N 407 
TYR HB2  H N N 408 
TYR HB3  H N N 409 
TYR HD1  H N N 410 
TYR HD2  H N N 411 
TYR HE1  H N N 412 
TYR HE2  H N N 413 
TYR HH   H N N 414 
TYR HXT  H N N 415 
VAL N    N N N 416 
VAL CA   C N S 417 
VAL C    C N N 418 
VAL O    O N N 419 
VAL CB   C N N 420 
VAL CG1  C N N 421 
VAL CG2  C N N 422 
VAL OXT  O N N 423 
VAL H    H N N 424 
VAL H2   H N N 425 
VAL HA   H N N 426 
VAL HB   H N N 427 
VAL HG11 H N N 428 
VAL HG12 H N N 429 
VAL HG13 H N N 430 
VAL HG21 H N N 431 
VAL HG22 H N N 432 
VAL HG23 H N N 433 
VAL HXT  H N N 434 
# 
loop_
_chem_comp_bond.comp_id 
_chem_comp_bond.atom_id_1 
_chem_comp_bond.atom_id_2 
_chem_comp_bond.value_order 
_chem_comp_bond.pdbx_aromatic_flag 
_chem_comp_bond.pdbx_stereo_config 
_chem_comp_bond.pdbx_ordinal 
ALA N   CA   sing N N 1   
ALA N   H    sing N N 2   
ALA N   H2   sing N N 3   
ALA CA  C    sing N N 4   
ALA CA  CB   sing N N 5   
ALA CA  HA   sing N N 6   
ALA C   O    doub N N 7   
ALA C   OXT  sing N N 8   
ALA CB  HB1  sing N N 9   
ALA CB  HB2  sing N N 10  
ALA CB  HB3  sing N N 11  
ALA OXT HXT  sing N N 12  
ARG N   CA   sing N N 13  
ARG N   H    sing N N 14  
ARG N   H2   sing N N 15  
ARG CA  C    sing N N 16  
ARG CA  CB   sing N N 17  
ARG CA  HA   sing N N 18  
ARG C   O    doub N N 19  
ARG C   OXT  sing N N 20  
ARG CB  CG   sing N N 21  
ARG CB  HB2  sing N N 22  
ARG CB  HB3  sing N N 23  
ARG CG  CD   sing N N 24  
ARG CG  HG2  sing N N 25  
ARG CG  HG3  sing N N 26  
ARG CD  NE   sing N N 27  
ARG CD  HD2  sing N N 28  
ARG CD  HD3  sing N N 29  
ARG NE  CZ   sing N N 30  
ARG NE  HE   sing N N 31  
ARG CZ  NH1  sing N N 32  
ARG CZ  NH2  doub N N 33  
ARG NH1 HH11 sing N N 34  
ARG NH1 HH12 sing N N 35  
ARG NH2 HH21 sing N N 36  
ARG NH2 HH22 sing N N 37  
ARG OXT HXT  sing N N 38  
ASN N   CA   sing N N 39  
ASN N   H    sing N N 40  
ASN N   H2   sing N N 41  
ASN CA  C    sing N N 42  
ASN CA  CB   sing N N 43  
ASN CA  HA   sing N N 44  
ASN C   O    doub N N 45  
ASN C   OXT  sing N N 46  
ASN CB  CG   sing N N 47  
ASN CB  HB2  sing N N 48  
ASN CB  HB3  sing N N 49  
ASN CG  OD1  doub N N 50  
ASN CG  ND2  sing N N 51  
ASN ND2 HD21 sing N N 52  
ASN ND2 HD22 sing N N 53  
ASN OXT HXT  sing N N 54  
ASP N   CA   sing N N 55  
ASP N   H    sing N N 56  
ASP N   H2   sing N N 57  
ASP CA  C    sing N N 58  
ASP CA  CB   sing N N 59  
ASP CA  HA   sing N N 60  
ASP C   O    doub N N 61  
ASP C   OXT  sing N N 62  
ASP CB  CG   sing N N 63  
ASP CB  HB2  sing N N 64  
ASP CB  HB3  sing N N 65  
ASP CG  OD1  doub N N 66  
ASP CG  OD2  sing N N 67  
ASP OD2 HD2  sing N N 68  
ASP OXT HXT  sing N N 69  
CYS N   CA   sing N N 70  
CYS N   H    sing N N 71  
CYS N   H2   sing N N 72  
CYS CA  C    sing N N 73  
CYS CA  CB   sing N N 74  
CYS CA  HA   sing N N 75  
CYS C   O    doub N N 76  
CYS C   OXT  sing N N 77  
CYS CB  SG   sing N N 78  
CYS CB  HB2  sing N N 79  
CYS CB  HB3  sing N N 80  
CYS SG  HG   sing N N 81  
CYS OXT HXT  sing N N 82  
GLN N   CA   sing N N 83  
GLN N   H    sing N N 84  
GLN N   H2   sing N N 85  
GLN CA  C    sing N N 86  
GLN CA  CB   sing N N 87  
GLN CA  HA   sing N N 88  
GLN C   O    doub N N 89  
GLN C   OXT  sing N N 90  
GLN CB  CG   sing N N 91  
GLN CB  HB2  sing N N 92  
GLN CB  HB3  sing N N 93  
GLN CG  CD   sing N N 94  
GLN CG  HG2  sing N N 95  
GLN CG  HG3  sing N N 96  
GLN CD  OE1  doub N N 97  
GLN CD  NE2  sing N N 98  
GLN NE2 HE21 sing N N 99  
GLN NE2 HE22 sing N N 100 
GLN OXT HXT  sing N N 101 
GLU N   CA   sing N N 102 
GLU N   H    sing N N 103 
GLU N   H2   sing N N 104 
GLU CA  C    sing N N 105 
GLU CA  CB   sing N N 106 
GLU CA  HA   sing N N 107 
GLU C   O    doub N N 108 
GLU C   OXT  sing N N 109 
GLU CB  CG   sing N N 110 
GLU CB  HB2  sing N N 111 
GLU CB  HB3  sing N N 112 
GLU CG  CD   sing N N 113 
GLU CG  HG2  sing N N 114 
GLU CG  HG3  sing N N 115 
GLU CD  OE1  doub N N 116 
GLU CD  OE2  sing N N 117 
GLU OE2 HE2  sing N N 118 
GLU OXT HXT  sing N N 119 
GLY N   CA   sing N N 120 
GLY N   H    sing N N 121 
GLY N   H2   sing N N 122 
GLY CA  C    sing N N 123 
GLY CA  HA2  sing N N 124 
GLY CA  HA3  sing N N 125 
GLY C   O    doub N N 126 
GLY C   OXT  sing N N 127 
GLY OXT HXT  sing N N 128 
HIS N   CA   sing N N 129 
HIS N   H    sing N N 130 
HIS N   H2   sing N N 131 
HIS CA  C    sing N N 132 
HIS CA  CB   sing N N 133 
HIS CA  HA   sing N N 134 
HIS C   O    doub N N 135 
HIS C   OXT  sing N N 136 
HIS CB  CG   sing N N 137 
HIS CB  HB2  sing N N 138 
HIS CB  HB3  sing N N 139 
HIS CG  ND1  sing Y N 140 
HIS CG  CD2  doub Y N 141 
HIS ND1 CE1  doub Y N 142 
HIS ND1 HD1  sing N N 143 
HIS CD2 NE2  sing Y N 144 
HIS CD2 HD2  sing N N 145 
HIS CE1 NE2  sing Y N 146 
HIS CE1 HE1  sing N N 147 
HIS NE2 HE2  sing N N 148 
HIS OXT HXT  sing N N 149 
HOH O   H1   sing N N 150 
HOH O   H2   sing N N 151 
I3P C1  C2   sing N N 152 
I3P C1  C6   sing N N 153 
I3P C1  O1   sing N N 154 
I3P C1  H1   sing N N 155 
I3P C2  C3   sing N N 156 
I3P C2  O2   sing N N 157 
I3P C2  H2   sing N N 158 
I3P C3  C4   sing N N 159 
I3P C3  O3   sing N N 160 
I3P C3  H3   sing N N 161 
I3P C4  C5   sing N N 162 
I3P C4  O4   sing N N 163 
I3P C4  H4   sing N N 164 
I3P C5  C6   sing N N 165 
I3P C5  O5   sing N N 166 
I3P C5  H5   sing N N 167 
I3P C6  O6   sing N N 168 
I3P C6  H6   sing N N 169 
I3P O1  P1   sing N N 170 
I3P O2  HO2  sing N N 171 
I3P O3  HO3  sing N N 172 
I3P O4  P4   sing N N 173 
I3P O5  P5   sing N N 174 
I3P O6  HO6  sing N N 175 
I3P P1  O11  doub N N 176 
I3P P1  O12  sing N N 177 
I3P P1  O13  sing N N 178 
I3P O12 HO12 sing N N 179 
I3P O13 HO13 sing N N 180 
I3P P4  O41  doub N N 181 
I3P P4  O42  sing N N 182 
I3P P4  O43  sing N N 183 
I3P O42 HO42 sing N N 184 
I3P O43 HO43 sing N N 185 
I3P P5  O51  doub N N 186 
I3P P5  O52  sing N N 187 
I3P P5  O53  sing N N 188 
I3P O52 HO52 sing N N 189 
I3P O53 HO53 sing N N 190 
ILE N   CA   sing N N 191 
ILE N   H    sing N N 192 
ILE N   H2   sing N N 193 
ILE CA  C    sing N N 194 
ILE CA  CB   sing N N 195 
ILE CA  HA   sing N N 196 
ILE C   O    doub N N 197 
ILE C   OXT  sing N N 198 
ILE CB  CG1  sing N N 199 
ILE CB  CG2  sing N N 200 
ILE CB  HB   sing N N 201 
ILE CG1 CD1  sing N N 202 
ILE CG1 HG12 sing N N 203 
ILE CG1 HG13 sing N N 204 
ILE CG2 HG21 sing N N 205 
ILE CG2 HG22 sing N N 206 
ILE CG2 HG23 sing N N 207 
ILE CD1 HD11 sing N N 208 
ILE CD1 HD12 sing N N 209 
ILE CD1 HD13 sing N N 210 
ILE OXT HXT  sing N N 211 
LEU N   CA   sing N N 212 
LEU N   H    sing N N 213 
LEU N   H2   sing N N 214 
LEU CA  C    sing N N 215 
LEU CA  CB   sing N N 216 
LEU CA  HA   sing N N 217 
LEU C   O    doub N N 218 
LEU C   OXT  sing N N 219 
LEU CB  CG   sing N N 220 
LEU CB  HB2  sing N N 221 
LEU CB  HB3  sing N N 222 
LEU CG  CD1  sing N N 223 
LEU CG  CD2  sing N N 224 
LEU CG  HG   sing N N 225 
LEU CD1 HD11 sing N N 226 
LEU CD1 HD12 sing N N 227 
LEU CD1 HD13 sing N N 228 
LEU CD2 HD21 sing N N 229 
LEU CD2 HD22 sing N N 230 
LEU CD2 HD23 sing N N 231 
LEU OXT HXT  sing N N 232 
LYS N   CA   sing N N 233 
LYS N   H    sing N N 234 
LYS N   H2   sing N N 235 
LYS CA  C    sing N N 236 
LYS CA  CB   sing N N 237 
LYS CA  HA   sing N N 238 
LYS C   O    doub N N 239 
LYS C   OXT  sing N N 240 
LYS CB  CG   sing N N 241 
LYS CB  HB2  sing N N 242 
LYS CB  HB3  sing N N 243 
LYS CG  CD   sing N N 244 
LYS CG  HG2  sing N N 245 
LYS CG  HG3  sing N N 246 
LYS CD  CE   sing N N 247 
LYS CD  HD2  sing N N 248 
LYS CD  HD3  sing N N 249 
LYS CE  NZ   sing N N 250 
LYS CE  HE2  sing N N 251 
LYS CE  HE3  sing N N 252 
LYS NZ  HZ1  sing N N 253 
LYS NZ  HZ2  sing N N 254 
LYS NZ  HZ3  sing N N 255 
LYS OXT HXT  sing N N 256 
MET N   CA   sing N N 257 
MET N   H    sing N N 258 
MET N   H2   sing N N 259 
MET CA  C    sing N N 260 
MET CA  CB   sing N N 261 
MET CA  HA   sing N N 262 
MET C   O    doub N N 263 
MET C   OXT  sing N N 264 
MET CB  CG   sing N N 265 
MET CB  HB2  sing N N 266 
MET CB  HB3  sing N N 267 
MET CG  SD   sing N N 268 
MET CG  HG2  sing N N 269 
MET CG  HG3  sing N N 270 
MET SD  CE   sing N N 271 
MET CE  HE1  sing N N 272 
MET CE  HE2  sing N N 273 
MET CE  HE3  sing N N 274 
MET OXT HXT  sing N N 275 
PHE N   CA   sing N N 276 
PHE N   H    sing N N 277 
PHE N   H2   sing N N 278 
PHE CA  C    sing N N 279 
PHE CA  CB   sing N N 280 
PHE CA  HA   sing N N 281 
PHE C   O    doub N N 282 
PHE C   OXT  sing N N 283 
PHE CB  CG   sing N N 284 
PHE CB  HB2  sing N N 285 
PHE CB  HB3  sing N N 286 
PHE CG  CD1  doub Y N 287 
PHE CG  CD2  sing Y N 288 
PHE CD1 CE1  sing Y N 289 
PHE CD1 HD1  sing N N 290 
PHE CD2 CE2  doub Y N 291 
PHE CD2 HD2  sing N N 292 
PHE CE1 CZ   doub Y N 293 
PHE CE1 HE1  sing N N 294 
PHE CE2 CZ   sing Y N 295 
PHE CE2 HE2  sing N N 296 
PHE CZ  HZ   sing N N 297 
PHE OXT HXT  sing N N 298 
PRO N   CA   sing N N 299 
PRO N   CD   sing N N 300 
PRO N   H    sing N N 301 
PRO CA  C    sing N N 302 
PRO CA  CB   sing N N 303 
PRO CA  HA   sing N N 304 
PRO C   O    doub N N 305 
PRO C   OXT  sing N N 306 
PRO CB  CG   sing N N 307 
PRO CB  HB2  sing N N 308 
PRO CB  HB3  sing N N 309 
PRO CG  CD   sing N N 310 
PRO CG  HG2  sing N N 311 
PRO CG  HG3  sing N N 312 
PRO CD  HD2  sing N N 313 
PRO CD  HD3  sing N N 314 
PRO OXT HXT  sing N N 315 
SER N   CA   sing N N 316 
SER N   H    sing N N 317 
SER N   H2   sing N N 318 
SER CA  C    sing N N 319 
SER CA  CB   sing N N 320 
SER CA  HA   sing N N 321 
SER C   O    doub N N 322 
SER C   OXT  sing N N 323 
SER CB  OG   sing N N 324 
SER CB  HB2  sing N N 325 
SER CB  HB3  sing N N 326 
SER OG  HG   sing N N 327 
SER OXT HXT  sing N N 328 
SO4 S   O1   doub N N 329 
SO4 S   O2   doub N N 330 
SO4 S   O3   sing N N 331 
SO4 S   O4   sing N N 332 
THR N   CA   sing N N 333 
THR N   H    sing N N 334 
THR N   H2   sing N N 335 
THR CA  C    sing N N 336 
THR CA  CB   sing N N 337 
THR CA  HA   sing N N 338 
THR C   O    doub N N 339 
THR C   OXT  sing N N 340 
THR CB  OG1  sing N N 341 
THR CB  CG2  sing N N 342 
THR CB  HB   sing N N 343 
THR OG1 HG1  sing N N 344 
THR CG2 HG21 sing N N 345 
THR CG2 HG22 sing N N 346 
THR CG2 HG23 sing N N 347 
THR OXT HXT  sing N N 348 
TRP N   CA   sing N N 349 
TRP N   H    sing N N 350 
TRP N   H2   sing N N 351 
TRP CA  C    sing N N 352 
TRP CA  CB   sing N N 353 
TRP CA  HA   sing N N 354 
TRP C   O    doub N N 355 
TRP C   OXT  sing N N 356 
TRP CB  CG   sing N N 357 
TRP CB  HB2  sing N N 358 
TRP CB  HB3  sing N N 359 
TRP CG  CD1  doub Y N 360 
TRP CG  CD2  sing Y N 361 
TRP CD1 NE1  sing Y N 362 
TRP CD1 HD1  sing N N 363 
TRP CD2 CE2  doub Y N 364 
TRP CD2 CE3  sing Y N 365 
TRP NE1 CE2  sing Y N 366 
TRP NE1 HE1  sing N N 367 
TRP CE2 CZ2  sing Y N 368 
TRP CE3 CZ3  doub Y N 369 
TRP CE3 HE3  sing N N 370 
TRP CZ2 CH2  doub Y N 371 
TRP CZ2 HZ2  sing N N 372 
TRP CZ3 CH2  sing Y N 373 
TRP CZ3 HZ3  sing N N 374 
TRP CH2 HH2  sing N N 375 
TRP OXT HXT  sing N N 376 
TYR N   CA   sing N N 377 
TYR N   H    sing N N 378 
TYR N   H2   sing N N 379 
TYR CA  C    sing N N 380 
TYR CA  CB   sing N N 381 
TYR CA  HA   sing N N 382 
TYR C   O    doub N N 383 
TYR C   OXT  sing N N 384 
TYR CB  CG   sing N N 385 
TYR CB  HB2  sing N N 386 
TYR CB  HB3  sing N N 387 
TYR CG  CD1  doub Y N 388 
TYR CG  CD2  sing Y N 389 
TYR CD1 CE1  sing Y N 390 
TYR CD1 HD1  sing N N 391 
TYR CD2 CE2  doub Y N 392 
TYR CD2 HD2  sing N N 393 
TYR CE1 CZ   doub Y N 394 
TYR CE1 HE1  sing N N 395 
TYR CE2 CZ   sing Y N 396 
TYR CE2 HE2  sing N N 397 
TYR CZ  OH   sing N N 398 
TYR OH  HH   sing N N 399 
TYR OXT HXT  sing N N 400 
VAL N   CA   sing N N 401 
VAL N   H    sing N N 402 
VAL N   H2   sing N N 403 
VAL CA  C    sing N N 404 
VAL CA  CB   sing N N 405 
VAL CA  HA   sing N N 406 
VAL C   O    doub N N 407 
VAL C   OXT  sing N N 408 
VAL CB  CG1  sing N N 409 
VAL CB  CG2  sing N N 410 
VAL CB  HB   sing N N 411 
VAL CG1 HG11 sing N N 412 
VAL CG1 HG12 sing N N 413 
VAL CG1 HG13 sing N N 414 
VAL CG2 HG21 sing N N 415 
VAL CG2 HG22 sing N N 416 
VAL CG2 HG23 sing N N 417 
VAL OXT HXT  sing N N 418 
# 
_atom_sites.entry_id                    4NP9 
_atom_sites.fract_transf_matrix[1][1]   0.01629068 
_atom_sites.fract_transf_matrix[1][2]   0.01613915 
_atom_sites.fract_transf_matrix[1][3]   0.01252671 
_atom_sites.fract_transf_matrix[2][1]   -0.01980858 
_atom_sites.fract_transf_matrix[2][2]   0.01261352 
_atom_sites.fract_transf_matrix[2][3]   0.00950957 
_atom_sites.fract_transf_matrix[3][1]   -0.00007665 
_atom_sites.fract_transf_matrix[3][2]   -0.00682056 
_atom_sites.fract_transf_matrix[3][3]   0.00888714 
_atom_sites.fract_transf_vector[1]      0.271458 
_atom_sites.fract_transf_vector[2]      0.251401 
_atom_sites.fract_transf_vector[3]      0.352843 
# 
loop_
_atom_type.symbol 
C 
N 
O 
P 
S 
# 
loop_
_atom_site.group_PDB 
_atom_site.id 
_atom_site.type_symbol 
_atom_site.label_atom_id 
_atom_site.label_alt_id 
_atom_site.label_comp_id 
_atom_site.label_asym_id 
_atom_site.label_entity_id 
_atom_site.label_seq_id 
_atom_site.pdbx_PDB_ins_code 
_atom_site.Cartn_x 
_atom_site.Cartn_y 
_atom_site.Cartn_z 
_atom_site.occupancy 
_atom_site.B_iso_or_equiv 
_atom_site.pdbx_formal_charge 
_atom_site.auth_seq_id 
_atom_site.auth_comp_id 
_atom_site.auth_asym_id 
_atom_site.auth_atom_id 
_atom_site.pdbx_PDB_model_num 
ATOM   1    N N   . THR A 1 5   ? -16.023 -7.867  1.451   1.00 39.47 ? 382 THR A N   1 
ATOM   2    C CA  . THR A 1 5   ? -16.046 -7.682  2.897   1.00 44.64 ? 382 THR A CA  1 
ATOM   3    C C   . THR A 1 5   ? -14.641 -7.775  3.486   1.00 31.09 ? 382 THR A C   1 
ATOM   4    O O   . THR A 1 5   ? -14.476 -7.913  4.699   1.00 31.47 ? 382 THR A O   1 
ATOM   5    C CB  . THR A 1 5   ? -16.957 -8.725  3.585   1.00 41.80 ? 382 THR A CB  1 
ATOM   6    O OG1 . THR A 1 5   ? -17.171 -8.352  4.952   1.00 54.21 ? 382 THR A OG1 1 
ATOM   7    C CG2 . THR A 1 5   ? -16.338 -10.124 3.527   1.00 38.69 ? 382 THR A CG2 1 
ATOM   8    N N   . LEU A 1 6   ? -13.629 -7.709  2.627   1.00 30.81 ? 383 LEU A N   1 
ATOM   9    C CA  . LEU A 1 6   ? -12.247 -7.748  3.087   1.00 22.98 ? 383 LEU A CA  1 
ATOM   10   C C   . LEU A 1 6   ? -11.866 -6.429  3.735   1.00 25.97 ? 383 LEU A C   1 
ATOM   11   O O   . LEU A 1 6   ? -11.005 -6.387  4.617   1.00 22.10 ? 383 LEU A O   1 
ATOM   12   C CB  . LEU A 1 6   ? -11.299 -8.047  1.929   1.00 25.13 ? 383 LEU A CB  1 
ATOM   13   C CG  . LEU A 1 6   ? -11.384 -9.446  1.322   1.00 26.60 ? 383 LEU A CG  1 
ATOM   14   C CD1 . LEU A 1 6   ? -10.564 -9.498  0.052   1.00 25.42 ? 383 LEU A CD1 1 
ATOM   15   C CD2 . LEU A 1 6   ? -10.912 -10.503 2.310   1.00 21.11 ? 383 LEU A CD2 1 
ATOM   16   N N   . GLY A 1 7   ? -12.516 -5.356  3.293   1.00 19.19 ? 384 GLY A N   1 
ATOM   17   C CA  . GLY A 1 7   ? -12.233 -4.024  3.789   1.00 21.83 ? 384 GLY A CA  1 
ATOM   18   C C   . GLY A 1 7   ? -11.971 -3.056  2.653   1.00 14.59 ? 384 GLY A C   1 
ATOM   19   O O   . GLY A 1 7   ? -11.715 -3.468  1.523   1.00 15.13 ? 384 GLY A O   1 
ATOM   20   N N   . ALA A 1 8   ? -12.033 -1.768  2.968   1.00 19.64 ? 385 ALA A N   1 
ATOM   21   C CA  . ALA A 1 8   ? -11.743 -0.714  2.002   1.00 17.83 ? 385 ALA A CA  1 
ATOM   22   C C   . ALA A 1 8   ? -10.465 0.002   2.407   1.00 20.30 ? 385 ALA A C   1 
ATOM   23   O O   . ALA A 1 8   ? -10.178 0.125   3.597   1.00 17.50 ? 385 ALA A O   1 
ATOM   24   C CB  . ALA A 1 8   ? -12.904 0.260   1.918   1.00 19.72 ? 385 ALA A CB  1 
ATOM   25   N N   . LEU A 1 9   ? -9.697  0.463   1.420   1.00 14.72 ? 386 LEU A N   1 
ATOM   26   C CA  . LEU A 1 9   ? -8.452  1.178   1.685   1.00 14.02 ? 386 LEU A CA  1 
ATOM   27   C C   . LEU A 1 9   ? -8.465  2.557   1.036   1.00 14.65 ? 386 LEU A C   1 
ATOM   28   O O   . LEU A 1 9   ? -8.877  2.714   -0.110  1.00 17.49 ? 386 LEU A O   1 
ATOM   29   C CB  . LEU A 1 9   ? -7.247  0.380   1.182   1.00 16.54 ? 386 LEU A CB  1 
ATOM   30   C CG  . LEU A 1 9   ? -5.875  1.008   1.460   1.00 16.23 ? 386 LEU A CG  1 
ATOM   31   C CD1 . LEU A 1 9   ? -5.505  0.894   2.936   1.00 21.23 ? 386 LEU A CD1 1 
ATOM   32   C CD2 . LEU A 1 9   ? -4.803  0.380   0.580   1.00 15.15 ? 386 LEU A CD2 1 
ATOM   33   N N   . GLU A 1 10  ? -8.003  3.543   1.792   1.00 13.73 ? 387 GLU A N   1 
ATOM   34   C CA  . GLU A 1 10  ? -7.936  4.920   1.331   1.00 19.74 ? 387 GLU A CA  1 
ATOM   35   C C   . GLU A 1 10  ? -6.472  5.296   1.119   1.00 12.84 ? 387 GLU A C   1 
ATOM   36   O O   . GLU A 1 10  ? -5.652  5.089   2.004   1.00 11.29 ? 387 GLU A O   1 
ATOM   37   C CB  . GLU A 1 10  ? -8.599  5.830   2.364   1.00 21.39 ? 387 GLU A CB  1 
ATOM   38   C CG  . GLU A 1 10  ? -9.240  7.090   1.834   1.00 30.56 ? 387 GLU A CG  1 
ATOM   39   C CD  . GLU A 1 10  ? -10.098 7.761   2.891   1.00 27.44 ? 387 GLU A CD  1 
ATOM   40   O OE1 . GLU A 1 10  ? -9.585  8.656   3.591   1.00 27.31 ? 387 GLU A OE1 1 
ATOM   41   O OE2 . GLU A 1 10  ? -11.279 7.380   3.034   1.00 35.93 ? 387 GLU A OE2 1 
ATOM   42   N N   . PHE A 1 11  ? -6.128  5.830   -0.050  1.00 12.91 ? 388 PHE A N   1 
ATOM   43   C CA  . PHE A 1 11  ? -4.769  6.313   -0.258  1.00 10.75 ? 388 PHE A CA  1 
ATOM   44   C C   . PHE A 1 11  ? -4.697  7.373   -1.349  1.00 13.07 ? 388 PHE A C   1 
ATOM   45   O O   . PHE A 1 11  ? -5.660  7.597   -2.089  1.00 12.82 ? 388 PHE A O   1 
ATOM   46   C CB  . PHE A 1 11  ? -3.818  5.149   -0.577  1.00 8.21  ? 388 PHE A CB  1 
ATOM   47   C CG  . PHE A 1 11  ? -4.162  4.384   -1.823  1.00 11.61 ? 388 PHE A CG  1 
ATOM   48   C CD1 . PHE A 1 11  ? -5.130  3.391   -1.805  1.00 16.48 ? 388 PHE A CD1 1 
ATOM   49   C CD2 . PHE A 1 11  ? -3.499  4.642   -3.014  1.00 14.95 ? 388 PHE A CD2 1 
ATOM   50   C CE1 . PHE A 1 11  ? -5.438  2.683   -2.951  1.00 21.22 ? 388 PHE A CE1 1 
ATOM   51   C CE2 . PHE A 1 11  ? -3.802  3.936   -4.160  1.00 17.27 ? 388 PHE A CE2 1 
ATOM   52   C CZ  . PHE A 1 11  ? -4.773  2.955   -4.128  1.00 18.47 ? 388 PHE A CZ  1 
ATOM   53   N N   . SER A 1 12  ? -3.546  8.034   -1.419  1.00 15.56 ? 389 SER A N   1 
ATOM   54   C CA  . SER A 1 12  ? -3.324  9.123   -2.369  1.00 13.28 ? 389 SER A CA  1 
ATOM   55   C C   . SER A 1 12  ? -1.942  9.000   -2.999  1.00 18.14 ? 389 SER A C   1 
ATOM   56   O O   . SER A 1 12  ? -0.955  8.744   -2.306  1.00 14.96 ? 389 SER A O   1 
ATOM   57   C CB  . SER A 1 12  ? -3.468  10.479  -1.673  1.00 17.10 ? 389 SER A CB  1 
ATOM   58   O OG  . SER A 1 12  ? -3.492  11.541  -2.617  1.00 20.49 ? 389 SER A OG  1 
ATOM   59   N N   . LEU A 1 13  ? -1.875  9.187   -4.316  1.00 14.44 ? 390 LEU A N   1 
ATOM   60   C CA  . LEU A 1 13  ? -0.612  9.099   -5.040  1.00 10.06 ? 390 LEU A CA  1 
ATOM   61   C C   . LEU A 1 13  ? -0.287  10.430  -5.707  1.00 16.79 ? 390 LEU A C   1 
ATOM   62   O O   . LEU A 1 13  ? -1.182  11.135  -6.172  1.00 11.58 ? 390 LEU A O   1 
ATOM   63   C CB  . LEU A 1 13  ? -0.662  7.992   -6.094  1.00 10.99 ? 390 LEU A CB  1 
ATOM   64   C CG  . LEU A 1 13  ? -0.995  6.572   -5.635  1.00 18.82 ? 390 LEU A CG  1 
ATOM   65   C CD1 . LEU A 1 13  ? -1.057  5.650   -6.841  1.00 15.24 ? 390 LEU A CD1 1 
ATOM   66   C CD2 . LEU A 1 13  ? 0.021   6.068   -4.622  1.00 16.27 ? 390 LEU A CD2 1 
ATOM   67   N N   . LEU A 1 14  ? 0.997   10.764  -5.736  1.00 15.37 ? 391 LEU A N   1 
ATOM   68   C CA  . LEU A 1 14  ? 1.484   11.962  -6.412  1.00 15.57 ? 391 LEU A CA  1 
ATOM   69   C C   . LEU A 1 14  ? 2.866   11.698  -6.987  1.00 15.98 ? 391 LEU A C   1 
ATOM   70   O O   . LEU A 1 14  ? 3.789   11.342  -6.254  1.00 14.94 ? 391 LEU A O   1 
ATOM   71   C CB  . LEU A 1 14  ? 1.541   13.150  -5.452  1.00 15.47 ? 391 LEU A CB  1 
ATOM   72   C CG  . LEU A 1 14  ? 2.198   14.421  -6.004  1.00 21.30 ? 391 LEU A CG  1 
ATOM   73   C CD1 . LEU A 1 14  ? 1.386   14.987  -7.156  1.00 22.01 ? 391 LEU A CD1 1 
ATOM   74   C CD2 . LEU A 1 14  ? 2.377   15.458  -4.910  1.00 24.42 ? 391 LEU A CD2 1 
ATOM   75   N N   . TYR A 1 15  ? 3.012   11.876  -8.297  1.00 16.72 ? 392 TYR A N   1 
ATOM   76   C CA  . TYR A 1 15  ? 4.317   11.746  -8.926  1.00 19.50 ? 392 TYR A CA  1 
ATOM   77   C C   . TYR A 1 15  ? 4.936   13.115  -9.134  1.00 20.21 ? 392 TYR A C   1 
ATOM   78   O O   . TYR A 1 15  ? 4.583   13.827  -10.072 1.00 17.15 ? 392 TYR A O   1 
ATOM   79   C CB  . TYR A 1 15  ? 4.225   11.010  -10.262 1.00 15.79 ? 392 TYR A CB  1 
ATOM   80   C CG  . TYR A 1 15  ? 5.576   10.791  -10.908 1.00 21.25 ? 392 TYR A CG  1 
ATOM   81   C CD1 . TYR A 1 15  ? 6.678   10.415  -10.148 1.00 16.34 ? 392 TYR A CD1 1 
ATOM   82   C CD2 . TYR A 1 15  ? 5.752   10.956  -12.274 1.00 17.90 ? 392 TYR A CD2 1 
ATOM   83   C CE1 . TYR A 1 15  ? 7.911   10.212  -10.726 1.00 15.08 ? 392 TYR A CE1 1 
ATOM   84   C CE2 . TYR A 1 15  ? 6.984   10.754  -12.863 1.00 22.45 ? 392 TYR A CE2 1 
ATOM   85   C CZ  . TYR A 1 15  ? 8.061   10.380  -12.085 1.00 20.11 ? 392 TYR A CZ  1 
ATOM   86   O OH  . TYR A 1 15  ? 9.293   10.177  -12.665 1.00 17.67 ? 392 TYR A OH  1 
ATOM   87   N N   . ASP A 1 16  ? 5.852   13.476  -8.243  1.00 21.40 ? 393 ASP A N   1 
ATOM   88   C CA  . ASP A 1 16  ? 6.614   14.708  -8.371  1.00 20.61 ? 393 ASP A CA  1 
ATOM   89   C C   . ASP A 1 16  ? 7.722   14.465  -9.391  1.00 19.34 ? 393 ASP A C   1 
ATOM   90   O O   . ASP A 1 16  ? 8.875   14.216  -9.041  1.00 14.94 ? 393 ASP A O   1 
ATOM   91   C CB  . ASP A 1 16  ? 7.174   15.137  -7.012  1.00 17.41 ? 393 ASP A CB  1 
ATOM   92   C CG  . ASP A 1 16  ? 7.930   16.448  -7.073  1.00 19.99 ? 393 ASP A CG  1 
ATOM   93   O OD1 . ASP A 1 16  ? 7.732   17.219  -8.036  1.00 27.39 ? 393 ASP A OD1 1 
ATOM   94   O OD2 . ASP A 1 16  ? 8.719   16.711  -6.145  1.00 20.98 ? 393 ASP A OD2 1 
ATOM   95   N N   . GLN A 1 17  ? 7.340   14.543  -10.662 1.00 22.85 ? 394 GLN A N   1 
ATOM   96   C CA  . GLN A 1 17  ? 8.179   14.126  -11.775 1.00 17.00 ? 394 GLN A CA  1 
ATOM   97   C C   . GLN A 1 17  ? 9.555   14.780  -11.795 1.00 21.31 ? 394 GLN A C   1 
ATOM   98   O O   . GLN A 1 17  ? 10.562  14.100  -12.002 1.00 18.66 ? 394 GLN A O   1 
ATOM   99   C CB  . GLN A 1 17  ? 7.454   14.423  -13.088 1.00 17.30 ? 394 GLN A CB  1 
ATOM   100  C CG  . GLN A 1 17  ? 8.151   13.914  -14.332 1.00 21.07 ? 394 GLN A CG  1 
ATOM   101  C CD  . GLN A 1 17  ? 7.387   14.270  -15.586 1.00 24.02 ? 394 GLN A CD  1 
ATOM   102  O OE1 . GLN A 1 17  ? 6.941   15.405  -15.746 1.00 23.29 ? 394 GLN A OE1 1 
ATOM   103  N NE2 . GLN A 1 17  ? 7.214   13.299  -16.475 1.00 29.88 ? 394 GLN A NE2 1 
ATOM   104  N N   . ASP A 1 18  ? 9.599   16.093  -11.586 1.00 19.56 ? 395 ASP A N   1 
ATOM   105  C CA  . ASP A 1 18  ? 10.845  16.844  -11.696 1.00 19.21 ? 395 ASP A CA  1 
ATOM   106  C C   . ASP A 1 18  ? 11.851  16.425  -10.630 1.00 19.45 ? 395 ASP A C   1 
ATOM   107  O O   . ASP A 1 18  ? 13.044  16.667  -10.777 1.00 18.51 ? 395 ASP A O   1 
ATOM   108  C CB  . ASP A 1 18  ? 10.581  18.353  -11.593 1.00 19.69 ? 395 ASP A CB  1 
ATOM   109  C CG  . ASP A 1 18  ? 9.937   18.928  -12.846 1.00 23.03 ? 395 ASP A CG  1 
ATOM   110  O OD1 . ASP A 1 18  ? 9.874   18.223  -13.876 1.00 27.99 ? 395 ASP A OD1 1 
ATOM   111  O OD2 . ASP A 1 18  ? 9.498   20.097  -12.805 1.00 27.98 ? 395 ASP A OD2 1 
ATOM   112  N N   . ASN A 1 19  ? 11.368  15.790  -9.567  1.00 20.81 ? 396 ASN A N   1 
ATOM   113  C CA  . ASN A 1 19  ? 12.235  15.316  -8.495  1.00 13.44 ? 396 ASN A CA  1 
ATOM   114  C C   . ASN A 1 19  ? 12.297  13.788  -8.426  1.00 13.90 ? 396 ASN A C   1 
ATOM   115  O O   . ASN A 1 19  ? 12.802  13.224  -7.448  1.00 11.81 ? 396 ASN A O   1 
ATOM   116  C CB  . ASN A 1 19  ? 11.768  15.886  -7.154  1.00 18.32 ? 396 ASN A CB  1 
ATOM   117  C CG  . ASN A 1 19  ? 11.967  17.387  -7.059  1.00 22.00 ? 396 ASN A CG  1 
ATOM   118  O OD1 . ASN A 1 19  ? 13.069  17.892  -7.276  1.00 22.97 ? 396 ASN A OD1 1 
ATOM   119  N ND2 . ASN A 1 19  ? 10.899  18.109  -6.750  1.00 28.41 ? 396 ASN A ND2 1 
ATOM   120  N N   . SER A 1 20  ? 11.799  13.135  -9.473  1.00 13.20 ? 397 SER A N   1 
ATOM   121  C CA  . SER A 1 20  ? 11.853  11.679  -9.602  1.00 15.69 ? 397 SER A CA  1 
ATOM   122  C C   . SER A 1 20  ? 11.319  10.994  -8.354  1.00 14.17 ? 397 SER A C   1 
ATOM   123  O O   . SER A 1 20  ? 11.897  10.019  -7.881  1.00 16.04 ? 397 SER A O   1 
ATOM   124  C CB  . SER A 1 20  ? 13.287  11.219  -9.873  1.00 17.04 ? 397 SER A CB  1 
ATOM   125  O OG  . SER A 1 20  ? 13.775  11.749  -11.094 1.00 19.88 ? 397 SER A OG  1 
ATOM   126  N N   . ASN A 1 21  ? 10.208  11.510  -7.837  1.00 18.60 ? 398 ASN A N   1 
ATOM   127  C CA  . ASN A 1 21  ? 9.702   11.096  -6.535  1.00 16.85 ? 398 ASN A CA  1 
ATOM   128  C C   . ASN A 1 21  ? 8.230   10.691  -6.585  1.00 15.65 ? 398 ASN A C   1 
ATOM   129  O O   . ASN A 1 21  ? 7.363   11.489  -6.945  1.00 13.30 ? 398 ASN A O   1 
ATOM   130  C CB  . ASN A 1 21  ? 9.919   12.232  -5.532  1.00 16.09 ? 398 ASN A CB  1 
ATOM   131  C CG  . ASN A 1 21  ? 9.415   11.904  -4.139  1.00 21.96 ? 398 ASN A CG  1 
ATOM   132  O OD1 . ASN A 1 21  ? 8.955   12.788  -3.419  1.00 27.38 ? 398 ASN A OD1 1 
ATOM   133  N ND2 . ASN A 1 21  ? 9.504   10.638  -3.749  1.00 22.48 ? 398 ASN A ND2 1 
ATOM   134  N N   . LEU A 1 22  ? 7.959   9.436   -6.231  1.00 15.08 ? 399 LEU A N   1 
ATOM   135  C CA  . LEU A 1 22  ? 6.591   8.932   -6.160  1.00 12.44 ? 399 LEU A CA  1 
ATOM   136  C C   . LEU A 1 22  ? 6.151   8.849   -4.704  1.00 18.02 ? 399 LEU A C   1 
ATOM   137  O O   . LEU A 1 22  ? 6.684   8.054   -3.929  1.00 16.11 ? 399 LEU A O   1 
ATOM   138  C CB  . LEU A 1 22  ? 6.478   7.563   -6.833  1.00 12.85 ? 399 LEU A CB  1 
ATOM   139  C CG  . LEU A 1 22  ? 5.099   6.895   -6.783  1.00 16.36 ? 399 LEU A CG  1 
ATOM   140  C CD1 . LEU A 1 22  ? 4.059   7.717   -7.535  1.00 20.35 ? 399 LEU A CD1 1 
ATOM   141  C CD2 . LEU A 1 22  ? 5.166   5.483   -7.334  1.00 18.52 ? 399 LEU A CD2 1 
ATOM   142  N N   . GLN A 1 23  ? 5.177   9.680   -4.346  1.00 17.54 ? 400 GLN A N   1 
ATOM   143  C CA  . GLN A 1 23  ? 4.708   9.788   -2.969  1.00 21.31 ? 400 GLN A CA  1 
ATOM   144  C C   . GLN A 1 23  ? 3.392   9.041   -2.792  1.00 18.66 ? 400 GLN A C   1 
ATOM   145  O O   . GLN A 1 23  ? 2.392   9.359   -3.435  1.00 14.63 ? 400 GLN A O   1 
ATOM   146  C CB  . GLN A 1 23  ? 4.550   11.260  -2.577  1.00 20.02 ? 400 GLN A CB  1 
ATOM   147  C CG  . GLN A 1 23  ? 5.819   12.079  -2.794  1.00 25.14 ? 400 GLN A CG  1 
ATOM   148  C CD  . GLN A 1 23  ? 5.674   13.530  -2.375  1.00 30.33 ? 400 GLN A CD  1 
ATOM   149  O OE1 . GLN A 1 23  ? 4.565   14.035  -2.206  1.00 30.95 ? 400 GLN A OE1 1 
ATOM   150  N NE2 . GLN A 1 23  ? 6.803   14.209  -2.203  1.00 36.32 ? 400 GLN A NE2 1 
ATOM   151  N N   . CYS A 1 24  ? 3.409   8.045   -1.914  1.00 14.35 ? 401 CYS A N   1 
ATOM   152  C CA  . CYS A 1 24  ? 2.259   7.184   -1.682  1.00 13.67 ? 401 CYS A CA  1 
ATOM   153  C C   . CYS A 1 24  ? 1.751   7.361   -0.258  1.00 15.54 ? 401 CYS A C   1 
ATOM   154  O O   . CYS A 1 24  ? 2.353   6.849   0.688   1.00 14.67 ? 401 CYS A O   1 
ATOM   155  C CB  . CYS A 1 24  ? 2.631   5.722   -1.926  1.00 14.53 ? 401 CYS A CB  1 
ATOM   156  S SG  . CYS A 1 24  ? 3.534   5.438   -3.462  1.00 22.35 ? 401 CYS A SG  1 
ATOM   157  N N   . THR A 1 25  ? 0.654   8.098   -0.108  1.00 17.14 ? 402 THR A N   1 
ATOM   158  C CA  . THR A 1 25  ? 0.084   8.347   1.207   1.00 11.82 ? 402 THR A CA  1 
ATOM   159  C C   . THR A 1 25  ? -0.927  7.262   1.543   1.00 14.02 ? 402 THR A C   1 
ATOM   160  O O   . THR A 1 25  ? -1.983  7.159   0.922   1.00 14.24 ? 402 THR A O   1 
ATOM   161  C CB  . THR A 1 25  ? -0.587  9.730   1.293   1.00 16.88 ? 402 THR A CB  1 
ATOM   162  O OG1 . THR A 1 25  ? 0.378   10.748  0.996   1.00 14.05 ? 402 THR A OG1 1 
ATOM   163  C CG2 . THR A 1 25  ? -1.150  9.971   2.690   1.00 18.49 ? 402 THR A CG2 1 
ATOM   164  N N   . ILE A 1 26  ? -0.576  6.444   2.526   1.00 11.38 ? 403 ILE A N   1 
ATOM   165  C CA  . ILE A 1 26  ? -1.457  5.402   3.021   1.00 12.41 ? 403 ILE A CA  1 
ATOM   166  C C   . ILE A 1 26  ? -2.277  6.009   4.154   1.00 10.24 ? 403 ILE A C   1 
ATOM   167  O O   . ILE A 1 26  ? -1.749  6.302   5.221   1.00 10.03 ? 403 ILE A O   1 
ATOM   168  C CB  . ILE A 1 26  ? -0.648  4.176   3.503   1.00 11.81 ? 403 ILE A CB  1 
ATOM   169  C CG1 . ILE A 1 26  ? 0.268   3.670   2.383   1.00 13.26 ? 403 ILE A CG1 1 
ATOM   170  C CG2 . ILE A 1 26  ? -1.563  3.071   3.987   1.00 15.66 ? 403 ILE A CG2 1 
ATOM   171  C CD1 . ILE A 1 26  ? -0.458  3.287   1.098   1.00 13.04 ? 403 ILE A CD1 1 
ATOM   172  N N   . ILE A 1 27  ? -3.566  6.211   3.911   1.00 12.78 ? 404 ILE A N   1 
ATOM   173  C CA  . ILE A 1 27  ? -4.390  7.013   4.811   1.00 11.19 ? 404 ILE A CA  1 
ATOM   174  C C   . ILE A 1 27  ? -5.074  6.155   5.880   1.00 11.31 ? 404 ILE A C   1 
ATOM   175  O O   . ILE A 1 27  ? -4.725  6.227   7.058   1.00 11.56 ? 404 ILE A O   1 
ATOM   176  C CB  . ILE A 1 27  ? -5.447  7.810   4.011   1.00 12.52 ? 404 ILE A CB  1 
ATOM   177  C CG1 . ILE A 1 27  ? -4.742  8.693   2.970   1.00 15.48 ? 404 ILE A CG1 1 
ATOM   178  C CG2 . ILE A 1 27  ? -6.296  8.665   4.941   1.00 19.11 ? 404 ILE A CG2 1 
ATOM   179  C CD1 . ILE A 1 27  ? -5.663  9.382   1.990   1.00 16.20 ? 404 ILE A CD1 1 
ATOM   180  N N   . ARG A 1 28  ? -6.043  5.349   5.464   1.00 15.06 ? 405 ARG A N   1 
ATOM   181  C CA  . ARG A 1 28  ? -6.807  4.535   6.400   1.00 14.82 ? 405 ARG A CA  1 
ATOM   182  C C   . ARG A 1 28  ? -7.380  3.301   5.723   1.00 16.64 ? 405 ARG A C   1 
ATOM   183  O O   . ARG A 1 28  ? -7.439  3.222   4.500   1.00 12.44 ? 405 ARG A O   1 
ATOM   184  C CB  . ARG A 1 28  ? -7.949  5.354   7.004   1.00 13.99 ? 405 ARG A CB  1 
ATOM   185  C CG  . ARG A 1 28  ? -9.089  5.605   6.026   1.00 18.97 ? 405 ARG A CG  1 
ATOM   186  C CD  . ARG A 1 28  ? -10.075 6.631   6.550   1.00 19.35 ? 405 ARG A CD  1 
ATOM   187  N NE  . ARG A 1 28  ? -10.563 6.301   7.885   1.00 15.56 ? 405 ARG A NE  1 
ATOM   188  C CZ  . ARG A 1 28  ? -11.411 7.057   8.577   1.00 28.63 ? 405 ARG A CZ  1 
ATOM   189  N NH1 . ARG A 1 28  ? -11.868 8.192   8.062   1.00 24.71 ? 405 ARG A NH1 1 
ATOM   190  N NH2 . ARG A 1 28  ? -11.802 6.681   9.786   1.00 22.21 ? 405 ARG A NH2 1 
ATOM   191  N N   . ALA A 1 29  ? -7.814  2.341   6.533   1.00 11.67 ? 406 ALA A N   1 
ATOM   192  C CA  . ALA A 1 29  ? -8.622  1.239   6.037   1.00 15.73 ? 406 ALA A CA  1 
ATOM   193  C C   . ALA A 1 29  ? -9.828  1.065   6.948   1.00 14.47 ? 406 ALA A C   1 
ATOM   194  O O   . ALA A 1 29  ? -9.769  1.395   8.136   1.00 16.38 ? 406 ALA A O   1 
ATOM   195  C CB  . ALA A 1 29  ? -7.807  -0.043  5.955   1.00 16.36 ? 406 ALA A CB  1 
ATOM   196  N N   . LYS A 1 30  ? -10.922 0.565   6.383   1.00 15.85 ? 407 LYS A N   1 
ATOM   197  C CA  . LYS A 1 30  ? -12.165 0.391   7.129   1.00 21.95 ? 407 LYS A CA  1 
ATOM   198  C C   . LYS A 1 30  ? -12.711 -1.022  6.989   1.00 17.03 ? 407 LYS A C   1 
ATOM   199  O O   . LYS A 1 30  ? -12.758 -1.577  5.890   1.00 19.51 ? 407 LYS A O   1 
ATOM   200  C CB  . LYS A 1 30  ? -13.219 1.396   6.658   1.00 18.90 ? 407 LYS A CB  1 
ATOM   201  C CG  . LYS A 1 30  ? -12.949 2.830   7.069   1.00 19.67 ? 407 LYS A CG  1 
ATOM   202  C CD  . LYS A 1 30  ? -14.076 3.749   6.611   1.00 27.40 ? 407 LYS A CD  1 
ATOM   203  C CE  . LYS A 1 30  ? -13.752 5.209   6.887   1.00 34.53 ? 407 LYS A CE  1 
ATOM   204  N NZ  . LYS A 1 30  ? -14.933 6.093   6.687   1.00 33.88 ? 407 LYS A NZ  1 
ATOM   205  N N   . GLY A 1 31  ? -13.126 -1.595  8.113   1.00 21.23 ? 408 GLY A N   1 
ATOM   206  C CA  . GLY A 1 31  ? -13.769 -2.894  8.125   1.00 18.67 ? 408 GLY A CA  1 
ATOM   207  C C   . GLY A 1 31  ? -12.891 -4.030  7.637   1.00 20.30 ? 408 GLY A C   1 
ATOM   208  O O   . GLY A 1 31  ? -13.329 -4.846  6.824   1.00 16.35 ? 408 GLY A O   1 
ATOM   209  N N   . LEU A 1 32  ? -11.655 -4.091  8.126   1.00 17.37 ? 409 LEU A N   1 
ATOM   210  C CA  . LEU A 1 32  ? -10.760 -5.190  7.782   1.00 18.23 ? 409 LEU A CA  1 
ATOM   211  C C   . LEU A 1 32  ? -11.329 -6.498  8.329   1.00 20.16 ? 409 LEU A C   1 
ATOM   212  O O   . LEU A 1 32  ? -11.767 -6.559  9.473   1.00 20.58 ? 409 LEU A O   1 
ATOM   213  C CB  . LEU A 1 32  ? -9.352  -4.947  8.330   1.00 14.33 ? 409 LEU A CB  1 
ATOM   214  C CG  . LEU A 1 32  ? -8.597  -3.733  7.773   1.00 16.24 ? 409 LEU A CG  1 
ATOM   215  C CD1 . LEU A 1 32  ? -7.218  -3.630  8.405   1.00 23.31 ? 409 LEU A CD1 1 
ATOM   216  C CD2 . LEU A 1 32  ? -8.483  -3.802  6.256   1.00 14.10 ? 409 LEU A CD2 1 
ATOM   217  N N   . LYS A 1 33  ? -11.316 -7.539  7.503   1.00 23.96 ? 410 LYS A N   1 
ATOM   218  C CA  . LYS A 1 33  ? -11.945 -8.809  7.858   1.00 23.79 ? 410 LYS A CA  1 
ATOM   219  C C   . LYS A 1 33  ? -11.150 -9.589  8.903   1.00 22.95 ? 410 LYS A C   1 
ATOM   220  O O   . LYS A 1 33  ? -9.960  -9.825  8.718   1.00 19.99 ? 410 LYS A O   1 
ATOM   221  C CB  . LYS A 1 33  ? -12.119 -9.675  6.610   1.00 21.62 ? 410 LYS A CB  1 
ATOM   222  C CG  . LYS A 1 33  ? -12.868 -10.969 6.869   1.00 25.57 ? 410 LYS A CG  1 
ATOM   223  C CD  . LYS A 1 33  ? -12.856 -11.880 5.658   1.00 27.53 ? 410 LYS A CD  1 
ATOM   224  C CE  . LYS A 1 33  ? -13.696 -13.118 5.904   1.00 30.06 ? 410 LYS A CE  1 
ATOM   225  N NZ  . LYS A 1 33  ? -15.118 -12.762 6.154   1.00 30.24 ? 410 LYS A NZ  1 
ATOM   226  N N   . PRO A 1 34  ? -11.808 -10.007 10.000  1.00 31.40 ? 411 PRO A N   1 
ATOM   227  C CA  . PRO A 1 34  ? -11.121 -10.920 10.918  1.00 29.13 ? 411 PRO A CA  1 
ATOM   228  C C   . PRO A 1 34  ? -10.859 -12.264 10.248  1.00 26.94 ? 411 PRO A C   1 
ATOM   229  O O   . PRO A 1 34  ? -11.749 -12.794 9.583   1.00 24.77 ? 411 PRO A O   1 
ATOM   230  C CB  . PRO A 1 34  ? -12.105 -11.071 12.088  1.00 34.82 ? 411 PRO A CB  1 
ATOM   231  C CG  . PRO A 1 34  ? -13.096 -9.968  11.928  1.00 38.57 ? 411 PRO A CG  1 
ATOM   232  C CD  . PRO A 1 34  ? -13.162 -9.671  10.472  1.00 30.99 ? 411 PRO A CD  1 
ATOM   233  N N   . MET A 1 35  ? -9.653  -12.797 10.420  1.00 20.19 ? 412 MET A N   1 
ATOM   234  C CA  . MET A 1 35  ? -9.264  -14.049 9.785   1.00 23.29 ? 412 MET A CA  1 
ATOM   235  C C   . MET A 1 35  ? -8.899  -15.080 10.858  1.00 19.44 ? 412 MET A C   1 
ATOM   236  O O   . MET A 1 35  ? -9.758  -15.523 11.623  1.00 24.61 ? 412 MET A O   1 
ATOM   237  C CB  . MET A 1 35  ? -8.089  -13.811 8.825   1.00 30.17 ? 412 MET A CB  1 
ATOM   238  C CG  . MET A 1 35  ? -8.328  -12.749 7.751   1.00 32.88 ? 412 MET A CG  1 
ATOM   239  S SD  . MET A 1 35  ? -9.056  -13.363 6.217   1.00 38.22 ? 412 MET A SD  1 
ATOM   240  C CE  . MET A 1 35  ? -7.745  -14.412 5.599   1.00 34.74 ? 412 MET A CE  1 
ATOM   241  N N   . ASP A 1 36  ? -7.622  -15.446 10.915  1.00 17.67 ? 413 ASP A N   1 
ATOM   242  C CA  . ASP A 1 36  ? -7.106  -16.401 11.891  1.00 18.60 ? 413 ASP A CA  1 
ATOM   243  C C   . ASP A 1 36  ? -7.501  -16.044 13.328  1.00 15.27 ? 413 ASP A C   1 
ATOM   244  O O   . ASP A 1 36  ? -7.246  -14.935 13.794  1.00 14.51 ? 413 ASP A O   1 
ATOM   245  C CB  . ASP A 1 36  ? -5.583  -16.466 11.762  1.00 15.09 ? 413 ASP A CB  1 
ATOM   246  C CG  . ASP A 1 36  ? -4.974  -17.610 12.528  1.00 19.21 ? 413 ASP A CG  1 
ATOM   247  O OD1 . ASP A 1 36  ? -5.678  -18.227 13.351  1.00 15.64 ? 413 ASP A OD1 1 
ATOM   248  O OD2 . ASP A 1 36  ? -3.777  -17.881 12.308  1.00 23.17 ? 413 ASP A OD2 1 
ATOM   249  N N   . SER A 1 37  ? -8.115  -16.997 14.025  1.00 17.88 ? 414 SER A N   1 
ATOM   250  C CA  . SER A 1 37  ? -8.502  -16.798 15.420  1.00 18.38 ? 414 SER A CA  1 
ATOM   251  C C   . SER A 1 37  ? -7.278  -16.621 16.320  1.00 18.02 ? 414 SER A C   1 
ATOM   252  O O   . SER A 1 37  ? -7.367  -15.993 17.372  1.00 21.15 ? 414 SER A O   1 
ATOM   253  C CB  . SER A 1 37  ? -9.342  -17.976 15.925  1.00 15.62 ? 414 SER A CB  1 
ATOM   254  O OG  . SER A 1 37  ? -10.581 -18.059 15.241  1.00 16.83 ? 414 SER A OG  1 
ATOM   255  N N   . ASN A 1 38  ? -6.147  -17.188 15.909  1.00 14.83 ? 415 ASN A N   1 
ATOM   256  C CA  . ASN A 1 38  ? -4.905  -17.066 16.670  1.00 15.81 ? 415 ASN A CA  1 
ATOM   257  C C   . ASN A 1 38  ? -4.090  -15.853 16.236  1.00 16.42 ? 415 ASN A C   1 
ATOM   258  O O   . ASN A 1 38  ? -2.977  -15.639 16.715  1.00 19.01 ? 415 ASN A O   1 
ATOM   259  C CB  . ASN A 1 38  ? -4.061  -18.330 16.522  1.00 14.10 ? 415 ASN A CB  1 
ATOM   260  C CG  . ASN A 1 38  ? -4.669  -19.523 17.228  1.00 13.66 ? 415 ASN A CG  1 
ATOM   261  O OD1 . ASN A 1 38  ? -5.577  -19.377 18.047  1.00 19.17 ? 415 ASN A OD1 1 
ATOM   262  N ND2 . ASN A 1 38  ? -4.168  -20.711 16.917  1.00 20.82 ? 415 ASN A ND2 1 
ATOM   263  N N   . GLY A 1 39  ? -4.650  -15.067 15.326  1.00 18.74 ? 416 GLY A N   1 
ATOM   264  C CA  . GLY A 1 39  ? -3.979  -13.880 14.828  1.00 16.44 ? 416 GLY A CA  1 
ATOM   265  C C   . GLY A 1 39  ? -4.298  -12.660 15.668  1.00 21.10 ? 416 GLY A C   1 
ATOM   266  O O   . GLY A 1 39  ? -5.072  -12.731 16.626  1.00 16.11 ? 416 GLY A O   1 
ATOM   267  N N   . LEU A 1 40  ? -3.687  -11.539 15.300  1.00 15.54 ? 417 LEU A N   1 
ATOM   268  C CA  . LEU A 1 40  ? -3.941  -10.262 15.949  1.00 15.98 ? 417 LEU A CA  1 
ATOM   269  C C   . LEU A 1 40  ? -4.465  -9.278  14.921  1.00 17.81 ? 417 LEU A C   1 
ATOM   270  O O   . LEU A 1 40  ? -4.120  -9.369  13.746  1.00 12.34 ? 417 LEU A O   1 
ATOM   271  C CB  . LEU A 1 40  ? -2.666  -9.718  16.593  1.00 18.49 ? 417 LEU A CB  1 
ATOM   272  C CG  . LEU A 1 40  ? -2.048  -10.564 17.703  1.00 21.36 ? 417 LEU A CG  1 
ATOM   273  C CD1 . LEU A 1 40  ? -0.712  -9.971  18.132  1.00 26.53 ? 417 LEU A CD1 1 
ATOM   274  C CD2 . LEU A 1 40  ? -2.997  -10.666 18.883  1.00 20.18 ? 417 LEU A CD2 1 
ATOM   275  N N   . ALA A 1 41  ? -5.303  -8.349  15.366  1.00 14.35 ? 418 ALA A N   1 
ATOM   276  C CA  . ALA A 1 41  ? -5.759  -7.263  14.515  1.00 20.45 ? 418 ALA A CA  1 
ATOM   277  C C   . ALA A 1 41  ? -4.718  -6.152  14.555  1.00 16.91 ? 418 ALA A C   1 
ATOM   278  O O   . ALA A 1 41  ? -4.985  -5.055  15.043  1.00 18.99 ? 418 ALA A O   1 
ATOM   279  C CB  . ALA A 1 41  ? -7.116  -6.755  14.970  1.00 24.15 ? 418 ALA A CB  1 
ATOM   280  N N   . ASP A 1 42  ? -3.525  -6.467  14.056  1.00 12.51 ? 419 ASP A N   1 
ATOM   281  C CA  . ASP A 1 42  ? -2.397  -5.537  14.034  1.00 12.62 ? 419 ASP A CA  1 
ATOM   282  C C   . ASP A 1 42  ? -2.027  -5.231  12.588  1.00 12.16 ? 419 ASP A C   1 
ATOM   283  O O   . ASP A 1 42  ? -1.050  -5.773  12.072  1.00 14.93 ? 419 ASP A O   1 
ATOM   284  C CB  . ASP A 1 42  ? -1.186  -6.123  14.766  1.00 17.04 ? 419 ASP A CB  1 
ATOM   285  C CG  . ASP A 1 42  ? -1.311  -6.048  16.279  1.00 20.71 ? 419 ASP A CG  1 
ATOM   286  O OD1 . ASP A 1 42  ? -2.442  -5.918  16.788  1.00 14.77 ? 419 ASP A OD1 1 
ATOM   287  O OD2 . ASP A 1 42  ? -0.267  -6.128  16.960  1.00 20.79 ? 419 ASP A OD2 1 
ATOM   288  N N   . PRO A 1 43  ? -2.804  -4.361  11.930  1.00 17.56 ? 420 PRO A N   1 
ATOM   289  C CA  . PRO A 1 43  ? -2.640  -4.171  10.485  1.00 11.14 ? 420 PRO A CA  1 
ATOM   290  C C   . PRO A 1 43  ? -1.490  -3.252  10.066  1.00 13.68 ? 420 PRO A C   1 
ATOM   291  O O   . PRO A 1 43  ? -1.132  -2.299  10.762  1.00 13.66 ? 420 PRO A O   1 
ATOM   292  C CB  . PRO A 1 43  ? -3.983  -3.565  10.067  1.00 13.80 ? 420 PRO A CB  1 
ATOM   293  C CG  . PRO A 1 43  ? -4.450  -2.832  11.267  1.00 12.07 ? 420 PRO A CG  1 
ATOM   294  C CD  . PRO A 1 43  ? -3.985  -3.645  12.449  1.00 14.38 ? 420 PRO A CD  1 
ATOM   295  N N   . TYR A 1 44  ? -0.916  -3.561  8.910   1.00 12.51 ? 421 TYR A N   1 
ATOM   296  C CA  . TYR A 1 44  ? 0.054   -2.687  8.270   1.00 8.49  ? 421 TYR A CA  1 
ATOM   297  C C   . TYR A 1 44  ? -0.076  -2.844  6.764   1.00 10.58 ? 421 TYR A C   1 
ATOM   298  O O   . TYR A 1 44  ? -0.717  -3.777  6.278   1.00 11.43 ? 421 TYR A O   1 
ATOM   299  C CB  . TYR A 1 44  ? 1.478   -2.998  8.724   1.00 10.17 ? 421 TYR A CB  1 
ATOM   300  C CG  . TYR A 1 44  ? 1.976   -4.379  8.353   1.00 12.50 ? 421 TYR A CG  1 
ATOM   301  C CD1 . TYR A 1 44  ? 1.521   -5.503  9.027   1.00 12.74 ? 421 TYR A CD1 1 
ATOM   302  C CD2 . TYR A 1 44  ? 2.911   -4.555  7.341   1.00 12.15 ? 421 TYR A CD2 1 
ATOM   303  C CE1 . TYR A 1 44  ? 1.973   -6.765  8.700   1.00 14.42 ? 421 TYR A CE1 1 
ATOM   304  C CE2 . TYR A 1 44  ? 3.371   -5.817  7.004   1.00 17.81 ? 421 TYR A CE2 1 
ATOM   305  C CZ  . TYR A 1 44  ? 2.901   -6.919  7.694   1.00 18.92 ? 421 TYR A CZ  1 
ATOM   306  O OH  . TYR A 1 44  ? 3.347   -8.179  7.372   1.00 19.50 ? 421 TYR A OH  1 
ATOM   307  N N   . VAL A 1 45  ? 0.527   -1.916  6.035   1.00 11.36 ? 422 VAL A N   1 
ATOM   308  C CA  . VAL A 1 45  ? 0.431   -1.893  4.586   1.00 7.44  ? 422 VAL A CA  1 
ATOM   309  C C   . VAL A 1 45  ? 1.819   -2.038  3.994   1.00 11.05 ? 422 VAL A C   1 
ATOM   310  O O   . VAL A 1 45  ? 2.774   -1.412  4.463   1.00 10.84 ? 422 VAL A O   1 
ATOM   311  C CB  . VAL A 1 45  ? -0.229  -0.594  4.090   1.00 9.02  ? 422 VAL A CB  1 
ATOM   312  C CG1 . VAL A 1 45  ? -0.256  -0.545  2.570   1.00 12.73 ? 422 VAL A CG1 1 
ATOM   313  C CG2 . VAL A 1 45  ? -1.632  -0.482  4.648   1.00 14.96 ? 422 VAL A CG2 1 
ATOM   314  N N   . LYS A 1 46  ? 1.915   -2.874  2.966   1.00 10.83 ? 423 LYS A N   1 
ATOM   315  C CA  . LYS A 1 46  ? 3.156   -3.086  2.242   1.00 12.76 ? 423 LYS A CA  1 
ATOM   316  C C   . LYS A 1 46  ? 3.014   -2.632  0.799   1.00 18.60 ? 423 LYS A C   1 
ATOM   317  O O   . LYS A 1 46  ? 2.036   -2.959  0.131   1.00 12.74 ? 423 LYS A O   1 
ATOM   318  C CB  . LYS A 1 46  ? 3.555   -4.560  2.280   1.00 19.62 ? 423 LYS A CB  1 
ATOM   319  C CG  . LYS A 1 46  ? 4.022   -5.038  3.635   1.00 18.30 ? 423 LYS A CG  1 
ATOM   320  C CD  . LYS A 1 46  ? 4.053   -6.546  3.695   1.00 28.58 ? 423 LYS A CD  1 
ATOM   321  C CE  . LYS A 1 46  ? 2.662   -7.123  3.828   1.00 24.87 ? 423 LYS A CE  1 
ATOM   322  N NZ  . LYS A 1 46  ? 2.640   -8.598  3.646   1.00 24.84 ? 423 LYS A NZ  1 
ATOM   323  N N   . LEU A 1 47  ? 4.000   -1.877  0.333   1.00 12.25 ? 424 LEU A N   1 
ATOM   324  C CA  . LEU A 1 47  ? 4.065   -1.444  -1.057  1.00 14.72 ? 424 LEU A CA  1 
ATOM   325  C C   . LEU A 1 47  ? 5.120   -2.251  -1.801  1.00 17.86 ? 424 LEU A C   1 
ATOM   326  O O   . LEU A 1 47  ? 6.187   -2.522  -1.260  1.00 16.18 ? 424 LEU A O   1 
ATOM   327  C CB  . LEU A 1 47  ? 4.386   0.048   -1.130  1.00 11.17 ? 424 LEU A CB  1 
ATOM   328  C CG  . LEU A 1 47  ? 3.213   1.028   -1.122  1.00 18.62 ? 424 LEU A CG  1 
ATOM   329  C CD1 . LEU A 1 47  ? 2.120   0.611   -0.152  1.00 19.66 ? 424 LEU A CD1 1 
ATOM   330  C CD2 . LEU A 1 47  ? 3.720   2.424   -0.794  1.00 15.26 ? 424 LEU A CD2 1 
ATOM   331  N N   . HIS A 1 48  ? 4.809   -2.646  -3.031  1.00 14.86 ? 425 HIS A N   1 
ATOM   332  C CA  . HIS A 1 48  ? 5.779   -3.295  -3.909  1.00 17.23 ? 425 HIS A CA  1 
ATOM   333  C C   . HIS A 1 48  ? 5.677   -2.703  -5.311  1.00 19.20 ? 425 HIS A C   1 
ATOM   334  O O   . HIS A 1 48  ? 4.582   -2.574  -5.854  1.00 23.12 ? 425 HIS A O   1 
ATOM   335  C CB  . HIS A 1 48  ? 5.547   -4.809  -3.982  1.00 26.99 ? 425 HIS A CB  1 
ATOM   336  C CG  . HIS A 1 48  ? 5.817   -5.537  -2.705  1.00 25.90 ? 425 HIS A CG  1 
ATOM   337  N ND1 . HIS A 1 48  ? 7.022   -6.158  -2.447  1.00 39.45 ? 425 HIS A ND1 1 
ATOM   338  C CD2 . HIS A 1 48  ? 5.036   -5.769  -1.624  1.00 33.54 ? 425 HIS A CD2 1 
ATOM   339  C CE1 . HIS A 1 48  ? 6.974   -6.730  -1.258  1.00 42.27 ? 425 HIS A CE1 1 
ATOM   340  N NE2 . HIS A 1 48  ? 5.780   -6.509  -0.736  1.00 33.67 ? 425 HIS A NE2 1 
ATOM   341  N N   . LEU A 1 49  ? 6.822   -2.343  -5.887  1.00 19.29 ? 426 LEU A N   1 
ATOM   342  C CA  . LEU A 1 49  ? 6.883   -1.874  -7.271  1.00 24.92 ? 426 LEU A CA  1 
ATOM   343  C C   . LEU A 1 49  ? 7.260   -3.029  -8.196  1.00 26.73 ? 426 LEU A C   1 
ATOM   344  O O   . LEU A 1 49  ? 8.355   -3.581  -8.090  1.00 29.69 ? 426 LEU A O   1 
ATOM   345  C CB  . LEU A 1 49  ? 7.894   -0.732  -7.402  1.00 22.01 ? 426 LEU A CB  1 
ATOM   346  C CG  . LEU A 1 49  ? 7.378   0.664   -7.768  1.00 28.68 ? 426 LEU A CG  1 
ATOM   347  C CD1 . LEU A 1 49  ? 6.077   1.029   -7.066  1.00 30.38 ? 426 LEU A CD1 1 
ATOM   348  C CD2 . LEU A 1 49  ? 8.449   1.685   -7.427  1.00 33.50 ? 426 LEU A CD2 1 
ATOM   349  N N   . LEU A 1 50  ? 6.350   -3.384  -9.102  1.00 20.95 ? 427 LEU A N   1 
ATOM   350  C CA  . LEU A 1 50  ? 6.506   -4.576  -9.930  1.00 28.29 ? 427 LEU A CA  1 
ATOM   351  C C   . LEU A 1 50  ? 6.548   -4.269  -11.425 1.00 32.91 ? 427 LEU A C   1 
ATOM   352  O O   . LEU A 1 50  ? 5.732   -3.489  -11.915 1.00 29.76 ? 427 LEU A O   1 
ATOM   353  C CB  . LEU A 1 50  ? 5.365   -5.542  -9.651  1.00 31.69 ? 427 LEU A CB  1 
ATOM   354  C CG  . LEU A 1 50  ? 5.277   -5.970  -8.187  1.00 27.62 ? 427 LEU A CG  1 
ATOM   355  C CD1 . LEU A 1 50  ? 3.916   -6.528  -7.933  1.00 39.13 ? 427 LEU A CD1 1 
ATOM   356  C CD2 . LEU A 1 50  ? 6.352   -6.981  -7.839  1.00 41.14 ? 427 LEU A CD2 1 
ATOM   357  N N   . PRO A 1 51  ? 7.496   -4.887  -12.156 1.00 32.67 ? 428 PRO A N   1 
ATOM   358  C CA  . PRO A 1 51  ? 8.563   -5.761  -11.653 1.00 33.31 ? 428 PRO A CA  1 
ATOM   359  C C   . PRO A 1 51  ? 9.594   -4.994  -10.831 1.00 38.53 ? 428 PRO A C   1 
ATOM   360  O O   . PRO A 1 51  ? 9.712   -3.778  -10.976 1.00 41.74 ? 428 PRO A O   1 
ATOM   361  C CB  . PRO A 1 51  ? 9.191   -6.331  -12.930 1.00 36.82 ? 428 PRO A CB  1 
ATOM   362  C CG  . PRO A 1 51  ? 8.829   -5.372  -13.999 1.00 32.91 ? 428 PRO A CG  1 
ATOM   363  C CD  . PRO A 1 51  ? 7.483   -4.839  -13.627 1.00 30.25 ? 428 PRO A CD  1 
ATOM   364  N N   . GLY A 1 52  ? 10.315  -5.700  -9.967  1.00 43.38 ? 429 GLY A N   1 
ATOM   365  C CA  . GLY A 1 52  ? 11.309  -5.078  -9.112  1.00 43.05 ? 429 GLY A CA  1 
ATOM   366  C C   . GLY A 1 52  ? 12.342  -6.076  -8.627  1.00 49.77 ? 429 GLY A C   1 
ATOM   367  O O   . GLY A 1 52  ? 12.043  -7.259  -8.459  1.00 51.30 ? 429 GLY A O   1 
ATOM   368  N N   . ALA A 1 53  ? 13.554  -5.592  -8.377  1.00 54.74 ? 430 ALA A N   1 
ATOM   369  C CA  . ALA A 1 53  ? 14.668  -6.451  -7.987  1.00 56.05 ? 430 ALA A CA  1 
ATOM   370  C C   . ALA A 1 53  ? 14.585  -6.881  -6.524  1.00 55.53 ? 430 ALA A C   1 
ATOM   371  O O   . ALA A 1 53  ? 15.612  -7.102  -5.881  1.00 62.17 ? 430 ALA A O   1 
ATOM   372  C CB  . ALA A 1 53  ? 15.981  -5.738  -8.241  1.00 52.17 ? 430 ALA A CB  1 
ATOM   373  N N   . SER A 1 54  ? 13.365  -7.003  -6.007  1.00 59.48 ? 431 SER A N   1 
ATOM   374  C CA  . SER A 1 54  ? 13.143  -7.301  -4.596  1.00 61.01 ? 431 SER A CA  1 
ATOM   375  C C   . SER A 1 54  ? 13.812  -6.246  -3.713  1.00 61.08 ? 431 SER A C   1 
ATOM   376  O O   . SER A 1 54  ? 14.395  -5.275  -4.208  1.00 59.80 ? 431 SER A O   1 
ATOM   377  C CB  . SER A 1 54  ? 13.672  -8.687  -4.251  1.00 65.41 ? 431 SER A CB  1 
ATOM   378  O OG  . SER A 1 54  ? 13.339  -9.047  -2.922  1.00 73.22 ? 431 SER A OG  1 
ATOM   379  N N   . LYS A 1 55  ? 13.713  -6.444  -2.403  1.00 62.16 ? 432 LYS A N   1 
ATOM   380  C CA  . LYS A 1 55  ? 14.367  -5.577  -1.430  1.00 59.81 ? 432 LYS A CA  1 
ATOM   381  C C   . LYS A 1 55  ? 13.994  -4.102  -1.605  1.00 52.86 ? 432 LYS A C   1 
ATOM   382  O O   . LYS A 1 55  ? 13.082  -3.603  -0.942  1.00 50.09 ? 432 LYS A O   1 
ATOM   383  C CB  . LYS A 1 55  ? 15.883  -5.759  -1.519  1.00 57.00 ? 432 LYS A CB  1 
ATOM   384  C CG  . LYS A 1 55  ? 16.337  -7.147  -1.094  1.00 59.71 ? 432 LYS A CG  1 
ATOM   385  C CD  . LYS A 1 55  ? 17.851  -7.268  -1.057  1.00 56.89 ? 432 LYS A CD  1 
ATOM   386  C CE  . LYS A 1 55  ? 18.293  -8.418  -0.162  1.00 58.26 ? 432 LYS A CE  1 
ATOM   387  N NZ  . LYS A 1 55  ? 18.084  -8.112  1.283   1.00 61.71 ? 432 LYS A NZ  1 
ATOM   388  N N   . SER A 1 56  ? 14.690  -3.415  -2.506  1.00 47.56 ? 433 SER A N   1 
ATOM   389  C CA  . SER A 1 56  ? 14.515  -1.973  -2.673  1.00 43.86 ? 433 SER A CA  1 
ATOM   390  C C   . SER A 1 56  ? 13.135  -1.584  -3.203  1.00 38.30 ? 433 SER A C   1 
ATOM   391  O O   . SER A 1 56  ? 12.740  -0.423  -3.098  1.00 35.27 ? 433 SER A O   1 
ATOM   392  C CB  . SER A 1 56  ? 15.586  -1.410  -3.612  1.00 46.15 ? 433 SER A CB  1 
ATOM   393  O OG  . SER A 1 56  ? 15.782  -2.252  -4.737  1.00 53.79 ? 433 SER A OG  1 
ATOM   394  N N   . ASN A 1 57  ? 12.407  -2.539  -3.777  1.00 33.50 ? 434 ASN A N   1 
ATOM   395  C CA  . ASN A 1 57  ? 11.088  -2.243  -4.334  1.00 33.18 ? 434 ASN A CA  1 
ATOM   396  C C   . ASN A 1 57  ? 10.014  -2.199  -3.252  1.00 20.72 ? 434 ASN A C   1 
ATOM   397  O O   . ASN A 1 57  ? 8.865   -1.864  -3.526  1.00 19.96 ? 434 ASN A O   1 
ATOM   398  C CB  . ASN A 1 57  ? 10.708  -3.277  -5.399  1.00 30.05 ? 434 ASN A CB  1 
ATOM   399  C CG  . ASN A 1 57  ? 10.390  -4.639  -4.806  1.00 44.69 ? 434 ASN A CG  1 
ATOM   400  O OD1 . ASN A 1 57  ? 11.077  -5.109  -3.902  1.00 42.39 ? 434 ASN A OD1 1 
ATOM   401  N ND2 . ASN A 1 57  ? 9.340   -5.277  -5.314  1.00 41.89 ? 434 ASN A ND2 1 
ATOM   402  N N   . LYS A 1 58  ? 10.401  -2.516  -2.020  1.00 21.11 ? 435 LYS A N   1 
ATOM   403  C CA  . LYS A 1 58  ? 9.444   -2.665  -0.931  1.00 20.63 ? 435 LYS A CA  1 
ATOM   404  C C   . LYS A 1 58  ? 9.480   -1.505  0.052   1.00 19.71 ? 435 LYS A C   1 
ATOM   405  O O   . LYS A 1 58  ? 10.552  -1.064  0.471   1.00 16.70 ? 435 LYS A O   1 
ATOM   406  C CB  . LYS A 1 58  ? 9.706   -3.971  -0.178  1.00 31.36 ? 435 LYS A CB  1 
ATOM   407  C CG  . LYS A 1 58  ? 10.035  -5.133  -1.081  1.00 41.26 ? 435 LYS A CG  1 
ATOM   408  C CD  . LYS A 1 58  ? 10.107  -6.444  -0.344  1.00 46.54 ? 435 LYS A CD  1 
ATOM   409  C CE  . LYS A 1 58  ? 10.213  -7.588  -1.359  1.00 48.12 ? 435 LYS A CE  1 
ATOM   410  N NZ  . LYS A 1 58  ? 10.144  -8.945  -0.741  1.00 53.96 ? 435 LYS A NZ  1 
ATOM   411  N N   . LEU A 1 59  ? 8.299   -1.011  0.407   1.00 15.80 ? 436 LEU A N   1 
ATOM   412  C CA  . LEU A 1 59  ? 8.157   -0.095  1.531   1.00 13.45 ? 436 LEU A CA  1 
ATOM   413  C C   . LEU A 1 59  ? 7.030   -0.603  2.416   1.00 13.65 ? 436 LEU A C   1 
ATOM   414  O O   . LEU A 1 59  ? 6.251   -1.458  2.002   1.00 17.85 ? 436 LEU A O   1 
ATOM   415  C CB  . LEU A 1 59  ? 7.885   1.331   1.059   1.00 13.28 ? 436 LEU A CB  1 
ATOM   416  C CG  . LEU A 1 59  ? 9.019   1.946   0.235   1.00 11.52 ? 436 LEU A CG  1 
ATOM   417  C CD1 . LEU A 1 59  ? 8.545   3.220   -0.429  1.00 17.02 ? 436 LEU A CD1 1 
ATOM   418  C CD2 . LEU A 1 59  ? 10.247  2.213   1.097   1.00 15.02 ? 436 LEU A CD2 1 
ATOM   419  N N   . ARG A 1 60  ? 6.947   -0.074  3.629   1.00 12.98 ? 437 ARG A N   1 
ATOM   420  C CA  . ARG A 1 60  ? 6.052   -0.625  4.636   1.00 12.81 ? 437 ARG A CA  1 
ATOM   421  C C   . ARG A 1 60  ? 5.644   0.437   5.649   1.00 12.51 ? 437 ARG A C   1 
ATOM   422  O O   . ARG A 1 60  ? 6.478   1.208   6.114   1.00 12.71 ? 437 ARG A O   1 
ATOM   423  C CB  . ARG A 1 60  ? 6.741   -1.798  5.331   1.00 17.91 ? 437 ARG A CB  1 
ATOM   424  C CG  . ARG A 1 60  ? 5.922   -2.522  6.376   1.00 24.79 ? 437 ARG A CG  1 
ATOM   425  C CD  . ARG A 1 60  ? 6.861   -3.156  7.382   1.00 22.57 ? 437 ARG A CD  1 
ATOM   426  N NE  . ARG A 1 60  ? 6.268   -4.264  8.123   1.00 29.99 ? 437 ARG A NE  1 
ATOM   427  C CZ  . ARG A 1 60  ? 5.489   -4.120  9.188   1.00 25.56 ? 437 ARG A CZ  1 
ATOM   428  N NH1 . ARG A 1 60  ? 5.180   -2.906  9.631   1.00 29.40 ? 437 ARG A NH1 1 
ATOM   429  N NH2 . ARG A 1 60  ? 5.006   -5.189  9.805   1.00 25.63 ? 437 ARG A NH2 1 
ATOM   430  N N   . THR A 1 61  ? 4.360   0.474   5.984   1.00 10.05 ? 438 THR A N   1 
ATOM   431  C CA  . THR A 1 61  ? 3.860   1.401   6.990   1.00 13.16 ? 438 THR A CA  1 
ATOM   432  C C   . THR A 1 61  ? 4.170   0.890   8.387   1.00 14.13 ? 438 THR A C   1 
ATOM   433  O O   . THR A 1 61  ? 4.635   -0.233  8.558   1.00 12.55 ? 438 THR A O   1 
ATOM   434  C CB  . THR A 1 61  ? 2.333   1.606   6.896   1.00 12.53 ? 438 THR A CB  1 
ATOM   435  O OG1 . THR A 1 61  ? 1.663   0.374   7.200   1.00 13.01 ? 438 THR A OG1 1 
ATOM   436  C CG2 . THR A 1 61  ? 1.925   2.080   5.516   1.00 10.75 ? 438 THR A CG2 1 
ATOM   437  N N   . LYS A 1 62  ? 3.894   1.726   9.380   1.00 12.35 ? 439 LYS A N   1 
ATOM   438  C CA  . LYS A 1 62  ? 3.893   1.287   10.768  1.00 13.30 ? 439 LYS A CA  1 
ATOM   439  C C   . LYS A 1 62  ? 2.805   0.247   10.967  1.00 17.06 ? 439 LYS A C   1 
ATOM   440  O O   . LYS A 1 62  ? 1.818   0.213   10.228  1.00 9.73  ? 439 LYS A O   1 
ATOM   441  C CB  . LYS A 1 62  ? 3.659   2.464   11.707  1.00 16.83 ? 439 LYS A CB  1 
ATOM   442  C CG  . LYS A 1 62  ? 2.305   3.129   11.498  1.00 20.36 ? 439 LYS A CG  1 
ATOM   443  C CD  . LYS A 1 62  ? 2.212   4.441   12.250  1.00 27.18 ? 439 LYS A CD  1 
ATOM   444  C CE  . LYS A 1 62  ? 1.394   5.463   11.484  1.00 26.40 ? 439 LYS A CE  1 
ATOM   445  N NZ  . LYS A 1 62  ? 1.640   6.838   11.998  1.00 40.38 ? 439 LYS A NZ  1 
ATOM   446  N N   . THR A 1 63  ? 2.984   -0.592  11.980  1.00 17.33 ? 440 THR A N   1 
ATOM   447  C CA  . THR A 1 63  ? 1.964   -1.550  12.368  1.00 14.35 ? 440 THR A CA  1 
ATOM   448  C C   . THR A 1 63  ? 1.149   -0.976  13.517  1.00 17.50 ? 440 THR A C   1 
ATOM   449  O O   . THR A 1 63  ? 1.703   -0.566  14.538  1.00 13.54 ? 440 THR A O   1 
ATOM   450  C CB  . THR A 1 63  ? 2.583   -2.890  12.787  1.00 13.04 ? 440 THR A CB  1 
ATOM   451  O OG1 . THR A 1 63  ? 3.455   -3.355  11.754  1.00 15.35 ? 440 THR A OG1 1 
ATOM   452  C CG2 . THR A 1 63  ? 1.498   -3.928  13.041  1.00 14.32 ? 440 THR A CG2 1 
ATOM   453  N N   . LEU A 1 64  ? -0.167  -0.936  13.343  1.00 9.10  ? 441 LEU A N   1 
ATOM   454  C CA  . LEU A 1 64  ? -1.055  -0.462  14.392  1.00 15.68 ? 441 LEU A CA  1 
ATOM   455  C C   . LEU A 1 64  ? -1.461  -1.655  15.248  1.00 21.03 ? 441 LEU A C   1 
ATOM   456  O O   . LEU A 1 64  ? -1.131  -2.793  14.917  1.00 15.65 ? 441 LEU A O   1 
ATOM   457  C CB  . LEU A 1 64  ? -2.273  0.245   13.794  1.00 15.28 ? 441 LEU A CB  1 
ATOM   458  C CG  . LEU A 1 64  ? -2.136  1.757   13.542  1.00 23.88 ? 441 LEU A CG  1 
ATOM   459  C CD1 . LEU A 1 64  ? -0.695  2.199   13.303  1.00 22.89 ? 441 LEU A CD1 1 
ATOM   460  C CD2 . LEU A 1 64  ? -2.995  2.170   12.364  1.00 15.73 ? 441 LEU A CD2 1 
ATOM   461  N N   . ARG A 1 65  ? -2.162  -1.389  16.347  1.00 22.12 ? 442 ARG A N   1 
ATOM   462  C CA  . ARG A 1 65  ? -2.469  -2.418  17.334  1.00 18.95 ? 442 ARG A CA  1 
ATOM   463  C C   . ARG A 1 65  ? -3.966  -2.509  17.616  1.00 18.61 ? 442 ARG A C   1 
ATOM   464  O O   . ARG A 1 65  ? -4.620  -1.501  17.886  1.00 18.81 ? 442 ARG A O   1 
ATOM   465  C CB  . ARG A 1 65  ? -1.720  -2.139  18.639  1.00 23.67 ? 442 ARG A CB  1 
ATOM   466  C CG  . ARG A 1 65  ? -0.204  -2.117  18.502  1.00 27.94 ? 442 ARG A CG  1 
ATOM   467  C CD  . ARG A 1 65  ? 0.471   -1.985  19.864  1.00 21.94 ? 442 ARG A CD  1 
ATOM   468  N NE  . ARG A 1 65  ? 0.312   -3.188  20.677  1.00 32.43 ? 442 ARG A NE  1 
ATOM   469  C CZ  . ARG A 1 65  ? 0.699   -3.295  21.945  1.00 35.17 ? 442 ARG A CZ  1 
ATOM   470  N NH1 . ARG A 1 65  ? 1.266   -2.264  22.561  1.00 24.49 ? 442 ARG A NH1 1 
ATOM   471  N NH2 . ARG A 1 65  ? 0.515   -4.432  22.602  1.00 30.72 ? 442 ARG A NH2 1 
ATOM   472  N N   . ASN A 1 66  ? -4.488  -3.730  17.541  1.00 20.05 ? 443 ASN A N   1 
ATOM   473  C CA  . ASN A 1 66  ? -5.868  -4.036  17.908  1.00 20.79 ? 443 ASN A CA  1 
ATOM   474  C C   . ASN A 1 66  ? -6.898  -3.112  17.267  1.00 25.10 ? 443 ASN A C   1 
ATOM   475  O O   . ASN A 1 66  ? -7.609  -2.385  17.963  1.00 18.73 ? 443 ASN A O   1 
ATOM   476  C CB  . ASN A 1 66  ? -6.022  -3.990  19.431  1.00 22.93 ? 443 ASN A CB  1 
ATOM   477  C CG  . ASN A 1 66  ? -7.344  -4.565  19.900  1.00 25.33 ? 443 ASN A CG  1 
ATOM   478  O OD1 . ASN A 1 66  ? -7.968  -5.364  19.203  1.00 31.16 ? 443 ASN A OD1 1 
ATOM   479  N ND2 . ASN A 1 66  ? -7.778  -4.159  21.087  1.00 32.34 ? 443 ASN A ND2 1 
ATOM   480  N N   . THR A 1 67  ? -6.980  -3.145  15.942  1.00 16.73 ? 444 THR A N   1 
ATOM   481  C CA  . THR A 1 67  ? -7.949  -2.333  15.225  1.00 19.61 ? 444 THR A CA  1 
ATOM   482  C C   . THR A 1 67  ? -8.260  -2.935  13.865  1.00 16.43 ? 444 THR A C   1 
ATOM   483  O O   . THR A 1 67  ? -7.375  -3.465  13.190  1.00 15.00 ? 444 THR A O   1 
ATOM   484  C CB  . THR A 1 67  ? -7.447  -0.883  15.041  1.00 22.29 ? 444 THR A CB  1 
ATOM   485  O OG1 . THR A 1 67  ? -8.439  -0.111  14.355  1.00 22.58 ? 444 THR A OG1 1 
ATOM   486  C CG2 . THR A 1 67  ? -6.139  -0.852  14.254  1.00 18.59 ? 444 THR A CG2 1 
ATOM   487  N N   . ARG A 1 68  ? -9.530  -2.858  13.481  1.00 15.84 ? 445 ARG A N   1 
ATOM   488  C CA  . ARG A 1 68  ? -9.972  -3.275  12.161  1.00 19.04 ? 445 ARG A CA  1 
ATOM   489  C C   . ARG A 1 68  ? -10.242 -2.053  11.283  1.00 12.36 ? 445 ARG A C   1 
ATOM   490  O O   . ARG A 1 68  ? -10.603 -2.191  10.114  1.00 14.81 ? 445 ARG A O   1 
ATOM   491  C CB  . ARG A 1 68  ? -11.222 -4.150  12.275  1.00 26.02 ? 445 ARG A CB  1 
ATOM   492  C CG  . ARG A 1 68  ? -11.077 -5.244  13.329  1.00 25.25 ? 445 ARG A CG  1 
ATOM   493  C CD  . ARG A 1 68  ? -11.779 -6.532  12.941  1.00 33.58 ? 445 ARG A CD  1 
ATOM   494  N NE  . ARG A 1 68  ? -11.192 -7.691  13.618  1.00 36.74 ? 445 ARG A NE  1 
ATOM   495  C CZ  . ARG A 1 68  ? -11.653 -8.237  14.741  1.00 41.63 ? 445 ARG A CZ  1 
ATOM   496  N NH1 . ARG A 1 68  ? -12.728 -7.750  15.351  1.00 45.24 ? 445 ARG A NH1 1 
ATOM   497  N NH2 . ARG A 1 68  ? -11.032 -9.290  15.259  1.00 36.52 ? 445 ARG A NH2 1 
ATOM   498  N N   . ASN A 1 69  ? -10.066 -0.865  11.859  1.00 18.17 ? 446 ASN A N   1 
ATOM   499  C CA  . ASN A 1 69  ? -10.211 0.392   11.123  1.00 20.82 ? 446 ASN A CA  1 
ATOM   500  C C   . ASN A 1 69  ? -9.013  1.306   11.345  1.00 21.21 ? 446 ASN A C   1 
ATOM   501  O O   . ASN A 1 69  ? -9.155  2.399   11.894  1.00 21.12 ? 446 ASN A O   1 
ATOM   502  C CB  . ASN A 1 69  ? -11.491 1.118   11.538  1.00 21.92 ? 446 ASN A CB  1 
ATOM   503  C CG  . ASN A 1 69  ? -12.721 0.266   11.362  1.00 22.48 ? 446 ASN A CG  1 
ATOM   504  O OD1 . ASN A 1 69  ? -13.228 0.112   10.253  1.00 18.52 ? 446 ASN A OD1 1 
ATOM   505  N ND2 . ASN A 1 69  ? -13.209 -0.304  12.459  1.00 26.82 ? 446 ASN A ND2 1 
ATOM   506  N N   . PRO A 1 70  ? -7.824  0.862   10.913  1.00 14.62 ? 447 PRO A N   1 
ATOM   507  C CA  . PRO A 1 70  ? -6.588  1.608   11.172  1.00 13.62 ? 447 PRO A CA  1 
ATOM   508  C C   . PRO A 1 70  ? -6.499  2.932   10.421  1.00 15.01 ? 447 PRO A C   1 
ATOM   509  O O   . PRO A 1 70  ? -7.006  3.059   9.308   1.00 15.03 ? 447 PRO A O   1 
ATOM   510  C CB  . PRO A 1 70  ? -5.496  0.650   10.688  1.00 15.85 ? 447 PRO A CB  1 
ATOM   511  C CG  . PRO A 1 70  ? -6.163  -0.201  9.674   1.00 12.93 ? 447 PRO A CG  1 
ATOM   512  C CD  . PRO A 1 70  ? -7.571  -0.376  10.156  1.00 17.73 ? 447 PRO A CD  1 
ATOM   513  N N   . VAL A 1 71  ? -5.851  3.902   11.051  1.00 13.26 ? 448 VAL A N   1 
ATOM   514  C CA  . VAL A 1 71  ? -5.523  5.164   10.409  1.00 19.51 ? 448 VAL A CA  1 
ATOM   515  C C   . VAL A 1 71  ? -4.014  5.349   10.497  1.00 13.44 ? 448 VAL A C   1 
ATOM   516  O O   . VAL A 1 71  ? -3.491  5.711   11.546  1.00 14.58 ? 448 VAL A O   1 
ATOM   517  C CB  . VAL A 1 71  ? -6.252  6.347   11.069  1.00 14.32 ? 448 VAL A CB  1 
ATOM   518  C CG1 . VAL A 1 71  ? -5.884  7.669   10.390  1.00 14.36 ? 448 VAL A CG1 1 
ATOM   519  C CG2 . VAL A 1 71  ? -7.758  6.127   11.030  1.00 17.68 ? 448 VAL A CG2 1 
ATOM   520  N N   . TRP A 1 72  ? -3.318  5.079   9.396   1.00 13.12 ? 449 TRP A N   1 
ATOM   521  C CA  . TRP A 1 72  ? -1.867  5.219   9.367   1.00 17.47 ? 449 TRP A CA  1 
ATOM   522  C C   . TRP A 1 72  ? -1.475  6.669   9.111   1.00 11.35 ? 449 TRP A C   1 
ATOM   523  O O   . TRP A 1 72  ? -0.551  7.181   9.738   1.00 15.68 ? 449 TRP A O   1 
ATOM   524  C CB  . TRP A 1 72  ? -1.248  4.316   8.297   1.00 18.10 ? 449 TRP A CB  1 
ATOM   525  C CG  . TRP A 1 72  ? -1.466  2.853   8.530   1.00 13.96 ? 449 TRP A CG  1 
ATOM   526  C CD1 . TRP A 1 72  ? -0.768  2.039   9.380   1.00 14.45 ? 449 TRP A CD1 1 
ATOM   527  C CD2 . TRP A 1 72  ? -2.447  2.024   7.897   1.00 16.51 ? 449 TRP A CD2 1 
ATOM   528  N NE1 . TRP A 1 72  ? -1.259  0.757   9.313   1.00 13.94 ? 449 TRP A NE1 1 
ATOM   529  C CE2 . TRP A 1 72  ? -2.290  0.723   8.412   1.00 12.99 ? 449 TRP A CE2 1 
ATOM   530  C CE3 . TRP A 1 72  ? -3.443  2.257   6.944   1.00 14.52 ? 449 TRP A CE3 1 
ATOM   531  C CZ2 . TRP A 1 72  ? -3.091  -0.342  8.005   1.00 13.42 ? 449 TRP A CZ2 1 
ATOM   532  C CZ3 . TRP A 1 72  ? -4.238  1.199   6.543   1.00 12.90 ? 449 TRP A CZ3 1 
ATOM   533  C CH2 . TRP A 1 72  ? -4.057  -0.082  7.072   1.00 16.75 ? 449 TRP A CH2 1 
ATOM   534  N N   . ASN A 1 73  ? -2.180  7.322   8.189   1.00 10.34 ? 450 ASN A N   1 
ATOM   535  C CA  . ASN A 1 73  ? -1.921  8.721   7.883   1.00 13.51 ? 450 ASN A CA  1 
ATOM   536  C C   . ASN A 1 73  ? -0.428  8.925   7.661   1.00 12.58 ? 450 ASN A C   1 
ATOM   537  O O   . ASN A 1 73  ? 0.208   9.727   8.334   1.00 15.73 ? 450 ASN A O   1 
ATOM   538  C CB  . ASN A 1 73  ? -2.436  9.619   9.013   1.00 15.89 ? 450 ASN A CB  1 
ATOM   539  C CG  . ASN A 1 73  ? -2.400  11.095  8.658   1.00 22.69 ? 450 ASN A CG  1 
ATOM   540  O OD1 . ASN A 1 73  ? -2.499  11.471  7.492   1.00 16.26 ? 450 ASN A OD1 1 
ATOM   541  N ND2 . ASN A 1 73  ? -2.264  11.941  9.671   1.00 15.35 ? 450 ASN A ND2 1 
ATOM   542  N N   . GLU A 1 74  ? 0.122   8.167   6.722   1.00 14.19 ? 451 GLU A N   1 
ATOM   543  C CA  . GLU A 1 74  ? 1.562   8.103   6.529   1.00 18.67 ? 451 GLU A CA  1 
ATOM   544  C C   . GLU A 1 74  ? 1.923   8.098   5.049   1.00 15.13 ? 451 GLU A C   1 
ATOM   545  O O   . GLU A 1 74  ? 1.309   7.382   4.261   1.00 18.97 ? 451 GLU A O   1 
ATOM   546  C CB  . GLU A 1 74  ? 2.119   6.854   7.213   1.00 20.01 ? 451 GLU A CB  1 
ATOM   547  C CG  . GLU A 1 74  ? 3.552   6.558   6.856   1.00 22.05 ? 451 GLU A CG  1 
ATOM   548  C CD  . GLU A 1 74  ? 4.114   5.378   7.607   1.00 21.73 ? 451 GLU A CD  1 
ATOM   549  O OE1 . GLU A 1 74  ? 3.349   4.654   8.285   1.00 14.10 ? 451 GLU A OE1 1 
ATOM   550  O OE2 . GLU A 1 74  ? 5.338   5.180   7.507   1.00 22.99 ? 451 GLU A OE2 1 
ATOM   551  N N   . THR A 1 75  ? 2.925   8.896   4.681   1.00 14.49 ? 452 THR A N   1 
ATOM   552  C CA  . THR A 1 75  ? 3.395   8.949   3.303   1.00 13.76 ? 452 THR A CA  1 
ATOM   553  C C   . THR A 1 75  ? 4.707   8.194   3.137   1.00 11.54 ? 452 THR A C   1 
ATOM   554  O O   . THR A 1 75  ? 5.723   8.523   3.760   1.00 12.47 ? 452 THR A O   1 
ATOM   555  C CB  . THR A 1 75  ? 3.590   10.401  2.816   1.00 17.29 ? 452 THR A CB  1 
ATOM   556  O OG1 . THR A 1 75  ? 2.349   11.110  2.915   1.00 19.06 ? 452 THR A OG1 1 
ATOM   557  C CG2 . THR A 1 75  ? 4.060   10.429  1.370   1.00 16.38 ? 452 THR A CG2 1 
ATOM   558  N N   . LEU A 1 76  ? 4.665   7.184   2.275   1.00 7.58  ? 453 LEU A N   1 
ATOM   559  C CA  . LEU A 1 76  ? 5.845   6.435   1.874   1.00 8.82  ? 453 LEU A CA  1 
ATOM   560  C C   . LEU A 1 76  ? 6.347   6.988   0.549   1.00 19.98 ? 453 LEU A C   1 
ATOM   561  O O   . LEU A 1 76  ? 5.550   7.275   -0.343  1.00 18.14 ? 453 LEU A O   1 
ATOM   562  C CB  . LEU A 1 76  ? 5.514   4.950   1.751   1.00 13.81 ? 453 LEU A CB  1 
ATOM   563  C CG  . LEU A 1 76  ? 5.079   4.299   3.066   1.00 11.38 ? 453 LEU A CG  1 
ATOM   564  C CD1 . LEU A 1 76  ? 4.433   2.955   2.806   1.00 10.62 ? 453 LEU A CD1 1 
ATOM   565  C CD2 . LEU A 1 76  ? 6.268   4.156   3.992   1.00 13.77 ? 453 LEU A CD2 1 
ATOM   566  N N   . GLN A 1 77  ? 7.664   7.139   0.424   1.00 16.06 ? 454 GLN A N   1 
ATOM   567  C CA  . GLN A 1 77  ? 8.244   7.767   -0.757  1.00 18.43 ? 454 GLN A CA  1 
ATOM   568  C C   . GLN A 1 77  ? 9.218   6.857   -1.498  1.00 15.33 ? 454 GLN A C   1 
ATOM   569  O O   . GLN A 1 77  ? 10.182  6.349   -0.924  1.00 14.17 ? 454 GLN A O   1 
ATOM   570  C CB  . GLN A 1 77  ? 8.952   9.064   -0.365  1.00 16.81 ? 454 GLN A CB  1 
ATOM   571  C CG  . GLN A 1 77  ? 8.025   10.119  0.211   1.00 20.40 ? 454 GLN A CG  1 
ATOM   572  C CD  . GLN A 1 77  ? 8.698   11.467  0.338   1.00 30.58 ? 454 GLN A CD  1 
ATOM   573  O OE1 . GLN A 1 77  ? 9.377   11.922  -0.583  1.00 29.29 ? 454 GLN A OE1 1 
ATOM   574  N NE2 . GLN A 1 77  ? 8.517   12.114  1.482   1.00 29.90 ? 454 GLN A NE2 1 
ATOM   575  N N   . TYR A 1 78  ? 8.944   6.656   -2.783  1.00 14.43 ? 455 TYR A N   1 
ATOM   576  C CA  . TYR A 1 78  ? 9.896   6.035   -3.694  1.00 14.93 ? 455 TYR A CA  1 
ATOM   577  C C   . TYR A 1 78  ? 10.680  7.133   -4.387  1.00 16.52 ? 455 TYR A C   1 
ATOM   578  O O   . TYR A 1 78  ? 10.100  7.924   -5.129  1.00 13.97 ? 455 TYR A O   1 
ATOM   579  C CB  . TYR A 1 78  ? 9.193   5.182   -4.748  1.00 18.42 ? 455 TYR A CB  1 
ATOM   580  C CG  . TYR A 1 78  ? 8.669   3.841   -4.286  1.00 14.41 ? 455 TYR A CG  1 
ATOM   581  C CD1 . TYR A 1 78  ? 9.530   2.788   -4.026  1.00 17.88 ? 455 TYR A CD1 1 
ATOM   582  C CD2 . TYR A 1 78  ? 7.305   3.617   -4.158  1.00 15.64 ? 455 TYR A CD2 1 
ATOM   583  C CE1 . TYR A 1 78  ? 9.051   1.554   -3.623  1.00 16.34 ? 455 TYR A CE1 1 
ATOM   584  C CE2 . TYR A 1 78  ? 6.816   2.390   -3.759  1.00 14.84 ? 455 TYR A CE2 1 
ATOM   585  C CZ  . TYR A 1 78  ? 7.692   1.360   -3.498  1.00 14.57 ? 455 TYR A CZ  1 
ATOM   586  O OH  . TYR A 1 78  ? 7.209   0.134   -3.100  1.00 22.60 ? 455 TYR A OH  1 
ATOM   587  N N   . HIS A 1 79  ? 11.985  7.192   -4.145  1.00 15.76 ? 456 HIS A N   1 
ATOM   588  C CA  . HIS A 1 79  ? 12.845  8.137   -4.851  1.00 19.53 ? 456 HIS A CA  1 
ATOM   589  C C   . HIS A 1 79  ? 13.526  7.445   -6.024  1.00 19.82 ? 456 HIS A C   1 
ATOM   590  O O   . HIS A 1 79  ? 13.553  6.219   -6.100  1.00 18.06 ? 456 HIS A O   1 
ATOM   591  C CB  . HIS A 1 79  ? 13.877  8.740   -3.901  1.00 20.06 ? 456 HIS A CB  1 
ATOM   592  C CG  . HIS A 1 79  ? 13.302  9.752   -2.960  1.00 16.95 ? 456 HIS A CG  1 
ATOM   593  N ND1 . HIS A 1 79  ? 12.944  9.445   -1.666  1.00 23.84 ? 456 HIS A ND1 1 
ATOM   594  C CD2 . HIS A 1 79  ? 12.999  11.058  -3.136  1.00 19.50 ? 456 HIS A CD2 1 
ATOM   595  C CE1 . HIS A 1 79  ? 12.457  10.524  -1.079  1.00 23.98 ? 456 HIS A CE1 1 
ATOM   596  N NE2 . HIS A 1 79  ? 12.477  11.517  -1.951  1.00 33.62 ? 456 HIS A NE2 1 
ATOM   597  N N   . GLY A 1 80  ? 14.059  8.235   -6.949  1.00 20.81 ? 457 GLY A N   1 
ATOM   598  C CA  . GLY A 1 80  ? 14.708  7.688   -8.126  1.00 17.13 ? 457 GLY A CA  1 
ATOM   599  C C   . GLY A 1 80  ? 13.733  7.061   -9.109  1.00 20.29 ? 457 GLY A C   1 
ATOM   600  O O   . GLY A 1 80  ? 14.125  6.232   -9.932  1.00 19.65 ? 457 GLY A O   1 
ATOM   601  N N   . ILE A 1 81  ? 12.463  7.452   -9.022  1.00 16.42 ? 458 ILE A N   1 
ATOM   602  C CA  . ILE A 1 81  ? 11.430  6.944   -9.926  1.00 20.22 ? 458 ILE A CA  1 
ATOM   603  C C   . ILE A 1 81  ? 11.365  7.797   -11.186 1.00 13.36 ? 458 ILE A C   1 
ATOM   604  O O   . ILE A 1 81  ? 11.088  8.992   -11.111 1.00 17.34 ? 458 ILE A O   1 
ATOM   605  C CB  . ILE A 1 81  ? 10.037  6.933   -9.255  1.00 14.66 ? 458 ILE A CB  1 
ATOM   606  C CG1 . ILE A 1 81  ? 10.033  6.016   -8.029  1.00 17.93 ? 458 ILE A CG1 1 
ATOM   607  C CG2 . ILE A 1 81  ? 8.955   6.496   -10.243 1.00 16.25 ? 458 ILE A CG2 1 
ATOM   608  C CD1 . ILE A 1 81  ? 10.260  4.545   -8.336  1.00 28.15 ? 458 ILE A CD1 1 
ATOM   609  N N   . THR A 1 82  ? 11.598  7.166   -12.337 1.00 19.00 ? 459 THR A N   1 
ATOM   610  C CA  . THR A 1 82  ? 11.671  7.860   -13.625 1.00 19.21 ? 459 THR A CA  1 
ATOM   611  C C   . THR A 1 82  ? 10.456  7.566   -14.503 1.00 21.64 ? 459 THR A C   1 
ATOM   612  O O   . THR A 1 82  ? 9.619   6.741   -14.150 1.00 17.75 ? 459 THR A O   1 
ATOM   613  C CB  . THR A 1 82  ? 12.941  7.454   -14.401 1.00 19.81 ? 459 THR A CB  1 
ATOM   614  O OG1 . THR A 1 82  ? 12.845  6.079   -14.795 1.00 29.84 ? 459 THR A OG1 1 
ATOM   615  C CG2 . THR A 1 82  ? 14.176  7.646   -13.549 1.00 18.16 ? 459 THR A CG2 1 
ATOM   616  N N   . GLU A 1 83  ? 10.354  8.230   -15.653 1.00 27.26 ? 460 GLU A N   1 
ATOM   617  C CA  . GLU A 1 83  ? 9.238   7.962   -16.563 1.00 29.81 ? 460 GLU A CA  1 
ATOM   618  C C   . GLU A 1 83  ? 9.304   6.545   -17.121 1.00 27.15 ? 460 GLU A C   1 
ATOM   619  O O   . GLU A 1 83  ? 8.268   5.951   -17.407 1.00 32.81 ? 460 GLU A O   1 
ATOM   620  C CB  . GLU A 1 83  ? 9.209   8.961   -17.717 1.00 38.52 ? 460 GLU A CB  1 
ATOM   621  C CG  . GLU A 1 83  ? 8.481   10.257  -17.390 1.00 34.05 ? 460 GLU A CG  1 
ATOM   622  C CD  . GLU A 1 83  ? 6.980   10.064  -17.150 1.00 32.41 ? 460 GLU A CD  1 
ATOM   623  O OE1 . GLU A 1 83  ? 6.395   9.065   -17.638 1.00 43.03 ? 460 GLU A OE1 1 
ATOM   624  O OE2 . GLU A 1 83  ? 6.383   10.919  -16.453 1.00 41.51 ? 460 GLU A OE2 1 
ATOM   625  N N   . GLU A 1 84  ? 10.507  5.997   -17.273 1.00 30.13 ? 461 GLU A N   1 
ATOM   626  C CA  . GLU A 1 84  ? 10.637  4.606   -17.705 1.00 33.07 ? 461 GLU A CA  1 
ATOM   627  C C   . GLU A 1 84  ? 9.974   3.698   -16.677 1.00 26.99 ? 461 GLU A C   1 
ATOM   628  O O   . GLU A 1 84  ? 9.357   2.692   -17.023 1.00 26.85 ? 461 GLU A O   1 
ATOM   629  C CB  . GLU A 1 84  ? 12.103  4.198   -17.883 1.00 41.59 ? 461 GLU A CB  1 
ATOM   630  C CG  . GLU A 1 84  ? 12.836  4.919   -19.001 1.00 45.55 ? 461 GLU A CG  1 
ATOM   631  C CD  . GLU A 1 84  ? 14.017  4.128   -19.535 1.00 46.56 ? 461 GLU A CD  1 
ATOM   632  O OE1 . GLU A 1 84  ? 14.459  3.176   -18.853 1.00 53.02 ? 461 GLU A OE1 1 
ATOM   633  O OE2 . GLU A 1 84  ? 14.501  4.460   -20.639 1.00 46.71 ? 461 GLU A OE2 1 
ATOM   634  N N   . ASP A 1 85  ? 10.111  4.064   -15.407 1.00 27.52 ? 462 ASP A N   1 
ATOM   635  C CA  . ASP A 1 85  ? 9.507   3.306   -14.320 1.00 21.56 ? 462 ASP A CA  1 
ATOM   636  C C   . ASP A 1 85  ? 7.990   3.474   -14.317 1.00 24.87 ? 462 ASP A C   1 
ATOM   637  O O   . ASP A 1 85  ? 7.253   2.501   -14.179 1.00 26.30 ? 462 ASP A O   1 
ATOM   638  C CB  . ASP A 1 85  ? 10.101  3.744   -12.980 1.00 26.67 ? 462 ASP A CB  1 
ATOM   639  C CG  . ASP A 1 85  ? 11.604  3.539   -12.915 1.00 29.85 ? 462 ASP A CG  1 
ATOM   640  O OD1 . ASP A 1 85  ? 12.088  2.504   -13.419 1.00 27.86 ? 462 ASP A OD1 1 
ATOM   641  O OD2 . ASP A 1 85  ? 12.303  4.417   -12.368 1.00 25.52 ? 462 ASP A OD2 1 
ATOM   642  N N   . MET A 1 86  ? 7.526   4.709   -14.484 1.00 22.79 ? 463 MET A N   1 
ATOM   643  C CA  . MET A 1 86  ? 6.092   4.993   -14.509 1.00 23.61 ? 463 MET A CA  1 
ATOM   644  C C   . MET A 1 86  ? 5.388   4.261   -15.652 1.00 30.83 ? 463 MET A C   1 
ATOM   645  O O   . MET A 1 86  ? 4.241   3.834   -15.508 1.00 27.02 ? 463 MET A O   1 
ATOM   646  C CB  . MET A 1 86  ? 5.851   6.499   -14.631 1.00 26.88 ? 463 MET A CB  1 
ATOM   647  C CG  . MET A 1 86  ? 6.372   7.301   -13.453 1.00 21.35 ? 463 MET A CG  1 
ATOM   648  S SD  . MET A 1 86  ? 5.607   6.829   -11.890 1.00 24.94 ? 463 MET A SD  1 
ATOM   649  C CE  . MET A 1 86  ? 4.006   7.612   -12.063 1.00 24.16 ? 463 MET A CE  1 
ATOM   650  N N   . GLN A 1 87  ? 6.074   4.112   -16.782 1.00 27.65 ? 464 GLN A N   1 
ATOM   651  C CA  . GLN A 1 87  ? 5.495   3.436   -17.942 1.00 28.88 ? 464 GLN A CA  1 
ATOM   652  C C   . GLN A 1 87  ? 5.504   1.914   -17.798 1.00 28.72 ? 464 GLN A C   1 
ATOM   653  O O   . GLN A 1 87  ? 4.612   1.235   -18.304 1.00 36.92 ? 464 GLN A O   1 
ATOM   654  C CB  . GLN A 1 87  ? 6.244   3.831   -19.219 1.00 34.13 ? 464 GLN A CB  1 
ATOM   655  C CG  . GLN A 1 87  ? 6.031   5.271   -19.653 1.00 35.57 ? 464 GLN A CG  1 
ATOM   656  C CD  . GLN A 1 87  ? 4.566   5.620   -19.810 1.00 40.32 ? 464 GLN A CD  1 
ATOM   657  O OE1 . GLN A 1 87  ? 3.786   4.837   -20.348 1.00 50.08 ? 464 GLN A OE1 1 
ATOM   658  N NE2 . GLN A 1 87  ? 4.184   6.798   -19.331 1.00 48.82 ? 464 GLN A NE2 1 
ATOM   659  N N   . ARG A 1 88  ? 6.506   1.384   -17.102 1.00 21.47 ? 465 ARG A N   1 
ATOM   660  C CA  . ARG A 1 88  ? 6.721   -0.061  -17.040 1.00 19.28 ? 465 ARG A CA  1 
ATOM   661  C C   . ARG A 1 88  ? 6.097   -0.741  -15.823 1.00 31.93 ? 465 ARG A C   1 
ATOM   662  O O   . ARG A 1 88  ? 5.715   -1.910  -15.896 1.00 21.92 ? 465 ARG A O   1 
ATOM   663  C CB  . ARG A 1 88  ? 8.220   -0.373  -17.049 1.00 27.87 ? 465 ARG A CB  1 
ATOM   664  C CG  . ARG A 1 88  ? 8.898   -0.251  -18.405 1.00 32.27 ? 465 ARG A CG  1 
ATOM   665  C CD  . ARG A 1 88  ? 10.361  -0.669  -18.309 1.00 38.82 ? 465 ARG A CD  1 
ATOM   666  N NE  . ARG A 1 88  ? 11.146  -0.243  -19.467 1.00 44.02 ? 465 ARG A NE  1 
ATOM   667  C CZ  . ARG A 1 88  ? 11.352  -0.975  -20.561 1.00 45.92 ? 465 ARG A CZ  1 
ATOM   668  N NH1 . ARG A 1 88  ? 10.834  -2.191  -20.673 1.00 40.46 ? 465 ARG A NH1 1 
ATOM   669  N NH2 . ARG A 1 88  ? 12.082  -0.484  -21.553 1.00 50.54 ? 465 ARG A NH2 1 
ATOM   670  N N   . LYS A 1 89  ? 5.999   -0.022  -14.706 1.00 21.42 ? 466 LYS A N   1 
ATOM   671  C CA  . LYS A 1 89  ? 5.742   -0.671  -13.420 1.00 20.24 ? 466 LYS A CA  1 
ATOM   672  C C   . LYS A 1 89  ? 4.328   -0.533  -12.875 1.00 18.00 ? 466 LYS A C   1 
ATOM   673  O O   . LYS A 1 89  ? 3.574   0.371   -13.239 1.00 16.28 ? 466 LYS A O   1 
ATOM   674  C CB  . LYS A 1 89  ? 6.720   -0.139  -12.373 1.00 17.32 ? 466 LYS A CB  1 
ATOM   675  C CG  . LYS A 1 89  ? 8.150   -0.586  -12.601 1.00 26.23 ? 466 LYS A CG  1 
ATOM   676  C CD  . LYS A 1 89  ? 9.093   0.027   -11.587 1.00 32.42 ? 466 LYS A CD  1 
ATOM   677  C CE  . LYS A 1 89  ? 10.539  -0.067  -12.048 1.00 41.81 ? 466 LYS A CE  1 
ATOM   678  N NZ  . LYS A 1 89  ? 11.005  -1.475  -12.176 1.00 46.54 ? 466 LYS A NZ  1 
ATOM   679  N N   . THR A 1 90  ? 4.000   -1.462  -11.982 1.00 15.83 ? 467 THR A N   1 
ATOM   680  C CA  . THR A 1 90  ? 2.732   -1.489  -11.273 1.00 21.66 ? 467 THR A CA  1 
ATOM   681  C C   . THR A 1 90  ? 3.002   -1.417  -9.777  1.00 15.40 ? 467 THR A C   1 
ATOM   682  O O   . THR A 1 90  ? 3.893   -2.096  -9.268  1.00 23.46 ? 467 THR A O   1 
ATOM   683  C CB  . THR A 1 90  ? 1.933   -2.769  -11.602 1.00 21.98 ? 467 THR A CB  1 
ATOM   684  O OG1 . THR A 1 90  ? 1.408   -2.674  -12.932 1.00 27.22 ? 467 THR A OG1 1 
ATOM   685  C CG2 . THR A 1 90  ? 0.781   -2.985  -10.615 1.00 23.72 ? 467 THR A CG2 1 
ATOM   686  N N   . LEU A 1 91  ? 2.233   -0.590  -9.079  1.00 18.48 ? 468 LEU A N   1 
ATOM   687  C CA  . LEU A 1 91  ? 2.306   -0.517  -7.627  1.00 17.34 ? 468 LEU A CA  1 
ATOM   688  C C   . LEU A 1 91  ? 1.306   -1.485  -7.016  1.00 16.38 ? 468 LEU A C   1 
ATOM   689  O O   . LEU A 1 91  ? 0.107   -1.341  -7.228  1.00 18.31 ? 468 LEU A O   1 
ATOM   690  C CB  . LEU A 1 91  ? 2.014   0.903   -7.142  1.00 16.65 ? 468 LEU A CB  1 
ATOM   691  C CG  . LEU A 1 91  ? 2.014   1.118   -5.629  1.00 18.35 ? 468 LEU A CG  1 
ATOM   692  C CD1 . LEU A 1 91  ? 3.407   0.911   -5.068  1.00 19.53 ? 468 LEU A CD1 1 
ATOM   693  C CD2 . LEU A 1 91  ? 1.491   2.503   -5.289  1.00 20.25 ? 468 LEU A CD2 1 
ATOM   694  N N   . ARG A 1 92  ? 1.798   -2.466  -6.263  1.00 15.27 ? 469 ARG A N   1 
ATOM   695  C CA  . ARG A 1 92  ? 0.917   -3.367  -5.532  1.00 13.39 ? 469 ARG A CA  1 
ATOM   696  C C   . ARG A 1 92  ? 0.876   -2.964  -4.064  1.00 17.70 ? 469 ARG A C   1 
ATOM   697  O O   . ARG A 1 92  ? 1.914   -2.853  -3.408  1.00 19.07 ? 469 ARG A O   1 
ATOM   698  C CB  . ARG A 1 92  ? 1.367   -4.823  -5.667  1.00 19.90 ? 469 ARG A CB  1 
ATOM   699  C CG  . ARG A 1 92  ? 0.479   -5.792  -4.890  1.00 26.18 ? 469 ARG A CG  1 
ATOM   700  C CD  . ARG A 1 92  ? 0.628   -7.229  -5.364  1.00 35.59 ? 469 ARG A CD  1 
ATOM   701  N NE  . ARG A 1 92  ? 1.983   -7.741  -5.186  1.00 38.86 ? 469 ARG A NE  1 
ATOM   702  C CZ  . ARG A 1 92  ? 2.437   -8.317  -4.075  1.00 45.86 ? 469 ARG A CZ  1 
ATOM   703  N NH1 . ARG A 1 92  ? 1.651   -8.461  -3.014  1.00 40.04 ? 469 ARG A NH1 1 
ATOM   704  N NH2 . ARG A 1 92  ? 3.690   -8.748  -4.025  1.00 43.56 ? 469 ARG A NH2 1 
ATOM   705  N N   . ILE A 1 93  ? -0.336  -2.741  -3.567  1.00 11.99 ? 470 ILE A N   1 
ATOM   706  C CA  . ILE A 1 93  ? -0.565  -2.368  -2.177  1.00 13.38 ? 470 ILE A CA  1 
ATOM   707  C C   . ILE A 1 93  ? -1.294  -3.511  -1.485  1.00 17.44 ? 470 ILE A C   1 
ATOM   708  O O   . ILE A 1 93  ? -2.407  -3.852  -1.868  1.00 12.98 ? 470 ILE A O   1 
ATOM   709  C CB  . ILE A 1 93  ? -1.407  -1.083  -2.056  1.00 14.70 ? 470 ILE A CB  1 
ATOM   710  C CG1 . ILE A 1 93  ? -0.813  0.040   -2.910  1.00 17.78 ? 470 ILE A CG1 1 
ATOM   711  C CG2 . ILE A 1 93  ? -1.507  -0.643  -0.601  1.00 18.00 ? 470 ILE A CG2 1 
ATOM   712  C CD1 . ILE A 1 93  ? -1.804  1.140   -3.227  1.00 20.15 ? 470 ILE A CD1 1 
ATOM   713  N N   . SER A 1 94  ? -0.666  -4.097  -0.469  1.00 14.85 ? 471 SER A N   1 
ATOM   714  C CA  . SER A 1 94  ? -1.270  -5.209  0.262   1.00 10.94 ? 471 SER A CA  1 
ATOM   715  C C   . SER A 1 94  ? -1.430  -4.876  1.740   1.00 16.30 ? 471 SER A C   1 
ATOM   716  O O   . SER A 1 94  ? -0.607  -4.173  2.326   1.00 12.20 ? 471 SER A O   1 
ATOM   717  C CB  . SER A 1 94  ? -0.434  -6.481  0.097   1.00 16.89 ? 471 SER A CB  1 
ATOM   718  O OG  . SER A 1 94  ? 0.934   -6.235  0.358   1.00 30.40 ? 471 SER A OG  1 
ATOM   719  N N   . VAL A 1 95  ? -2.507  -5.389  2.324   1.00 15.97 ? 472 VAL A N   1 
ATOM   720  C CA  . VAL A 1 95  ? -2.829  -5.159  3.723   1.00 9.49  ? 472 VAL A CA  1 
ATOM   721  C C   . VAL A 1 95  ? -2.706  -6.480  4.470   1.00 13.21 ? 472 VAL A C   1 
ATOM   722  O O   . VAL A 1 95  ? -3.312  -7.478  4.081   1.00 12.86 ? 472 VAL A O   1 
ATOM   723  C CB  . VAL A 1 95  ? -4.247  -4.590  3.888   1.00 12.60 ? 472 VAL A CB  1 
ATOM   724  C CG1 . VAL A 1 95  ? -4.566  -4.352  5.358   1.00 15.97 ? 472 VAL A CG1 1 
ATOM   725  C CG2 . VAL A 1 95  ? -4.393  -3.300  3.084   1.00 11.07 ? 472 VAL A CG2 1 
ATOM   726  N N   . CYS A 1 96  ? -1.911  -6.475  5.533   1.00 11.49 ? 473 CYS A N   1 
ATOM   727  C CA  . CYS A 1 96  ? -1.665  -7.680  6.318   1.00 12.96 ? 473 CYS A CA  1 
ATOM   728  C C   . CYS A 1 96  ? -1.800  -7.403  7.803   1.00 14.43 ? 473 CYS A C   1 
ATOM   729  O O   . CYS A 1 96  ? -1.624  -6.272  8.245   1.00 13.28 ? 473 CYS A O   1 
ATOM   730  C CB  . CYS A 1 96  ? -0.270  -8.229  6.029   1.00 15.34 ? 473 CYS A CB  1 
ATOM   731  S SG  . CYS A 1 96  ? 0.013   -8.628  4.306   1.00 18.31 ? 473 CYS A SG  1 
ATOM   732  N N   . ASP A 1 97  ? -2.114  -8.451  8.560   1.00 15.81 ? 474 ASP A N   1 
ATOM   733  C CA  . ASP A 1 97  ? -2.092  -8.400  10.017  1.00 14.44 ? 474 ASP A CA  1 
ATOM   734  C C   . ASP A 1 97  ? -0.831  -9.083  10.533  1.00 18.46 ? 474 ASP A C   1 
ATOM   735  O O   . ASP A 1 97  ? -0.557  -10.224 10.174  1.00 21.50 ? 474 ASP A O   1 
ATOM   736  C CB  . ASP A 1 97  ? -3.325  -9.088  10.610  1.00 19.00 ? 474 ASP A CB  1 
ATOM   737  C CG  . ASP A 1 97  ? -4.554  -8.198  10.623  1.00 21.85 ? 474 ASP A CG  1 
ATOM   738  O OD1 . ASP A 1 97  ? -4.409  -6.963  10.738  1.00 14.81 ? 474 ASP A OD1 1 
ATOM   739  O OD2 . ASP A 1 97  ? -5.675  -8.746  10.536  1.00 22.18 ? 474 ASP A OD2 1 
ATOM   740  N N   . GLU A 1 98  ? -0.069  -8.390  11.373  1.00 14.41 ? 475 GLU A N   1 
ATOM   741  C CA  . GLU A 1 98  ? 1.088   -8.997  12.023  1.00 13.75 ? 475 GLU A CA  1 
ATOM   742  C C   . GLU A 1 98  ? 0.607   -9.880  13.171  1.00 17.83 ? 475 GLU A C   1 
ATOM   743  O O   . GLU A 1 98  ? -0.274  -9.483  13.932  1.00 20.29 ? 475 GLU A O   1 
ATOM   744  C CB  . GLU A 1 98  ? 2.051   -7.921  12.533  1.00 13.65 ? 475 GLU A CB  1 
ATOM   745  C CG  . GLU A 1 98  ? 3.421   -8.456  12.916  1.00 19.90 ? 475 GLU A CG  1 
ATOM   746  C CD  . GLU A 1 98  ? 4.441   -7.361  13.177  1.00 21.52 ? 475 GLU A CD  1 
ATOM   747  O OE1 . GLU A 1 98  ? 4.169   -6.186  12.849  1.00 24.22 ? 475 GLU A OE1 1 
ATOM   748  O OE2 . GLU A 1 98  ? 5.522   -7.681  13.710  1.00 24.07 ? 475 GLU A OE2 1 
ATOM   749  N N   . ASP A 1 99  ? 1.173   -11.078 13.292  1.00 19.97 ? 476 ASP A N   1 
ATOM   750  C CA  . ASP A 1 99  ? 0.735   -12.001 14.329  1.00 21.80 ? 476 ASP A CA  1 
ATOM   751  C C   . ASP A 1 99  ? 1.634   -11.928 15.569  1.00 21.61 ? 476 ASP A C   1 
ATOM   752  O O   . ASP A 1 99  ? 2.476   -11.038 15.691  1.00 16.78 ? 476 ASP A O   1 
ATOM   753  C CB  . ASP A 1 99  ? 0.671   -13.433 13.777  1.00 25.28 ? 476 ASP A CB  1 
ATOM   754  C CG  . ASP A 1 99  ? 2.014   -13.957 13.294  1.00 35.54 ? 476 ASP A CG  1 
ATOM   755  O OD1 . ASP A 1 99  ? 3.071   -13.369 13.612  1.00 40.31 ? 476 ASP A OD1 1 
ATOM   756  O OD2 . ASP A 1 99  ? 2.005   -14.999 12.606  1.00 40.01 ? 476 ASP A OD2 1 
ATOM   757  N N   . LYS A 1 100 ? 1.449   -12.873 16.482  1.00 19.11 ? 477 LYS A N   1 
ATOM   758  C CA  . LYS A 1 100 ? 2.105   -12.831 17.786  1.00 24.44 ? 477 LYS A CA  1 
ATOM   759  C C   . LYS A 1 100 ? 3.628   -12.980 17.730  1.00 19.94 ? 477 LYS A C   1 
ATOM   760  O O   . LYS A 1 100 ? 4.324   -12.557 18.653  1.00 21.01 ? 477 LYS A O   1 
ATOM   761  C CB  . LYS A 1 100 ? 1.514   -13.922 18.678  1.00 21.45 ? 477 LYS A CB  1 
ATOM   762  C CG  . LYS A 1 100 ? 0.074   -13.652 19.074  1.00 21.26 ? 477 LYS A CG  1 
ATOM   763  C CD  . LYS A 1 100 ? -0.641  -14.904 19.551  1.00 32.14 ? 477 LYS A CD  1 
ATOM   764  C CE  . LYS A 1 100 ? -2.036  -14.563 20.049  1.00 30.99 ? 477 LYS A CE  1 
ATOM   765  N NZ  . LYS A 1 100 ? -2.893  -15.764 20.220  1.00 32.28 ? 477 LYS A NZ  1 
ATOM   766  N N   . PHE A 1 101 ? 4.139   -13.571 16.653  1.00 16.46 ? 478 PHE A N   1 
ATOM   767  C CA  . PHE A 1 101 ? 5.569   -13.847 16.521  1.00 22.76 ? 478 PHE A CA  1 
ATOM   768  C C   . PHE A 1 101 ? 6.249   -13.009 15.438  1.00 23.78 ? 478 PHE A C   1 
ATOM   769  O O   . PHE A 1 101 ? 7.415   -13.235 15.109  1.00 31.81 ? 478 PHE A O   1 
ATOM   770  C CB  . PHE A 1 101 ? 5.783   -15.329 16.223  1.00 29.60 ? 478 PHE A CB  1 
ATOM   771  C CG  . PHE A 1 101 ? 5.259   -16.241 17.295  1.00 34.12 ? 478 PHE A CG  1 
ATOM   772  C CD1 . PHE A 1 101 ? 5.455   -15.942 18.633  1.00 39.22 ? 478 PHE A CD1 1 
ATOM   773  C CD2 . PHE A 1 101 ? 4.565   -17.390 16.967  1.00 43.84 ? 478 PHE A CD2 1 
ATOM   774  C CE1 . PHE A 1 101 ? 4.972   -16.775 19.622  1.00 39.78 ? 478 PHE A CE1 1 
ATOM   775  C CE2 . PHE A 1 101 ? 4.078   -18.226 17.952  1.00 48.17 ? 478 PHE A CE2 1 
ATOM   776  C CZ  . PHE A 1 101 ? 4.282   -17.918 19.281  1.00 40.97 ? 478 PHE A CZ  1 
ATOM   777  N N   . GLY A 1 102 ? 5.524   -12.044 14.886  1.00 19.80 ? 479 GLY A N   1 
ATOM   778  C CA  . GLY A 1 102 ? 6.097   -11.135 13.910  1.00 21.37 ? 479 GLY A CA  1 
ATOM   779  C C   . GLY A 1 102 ? 5.895   -11.595 12.477  1.00 21.34 ? 479 GLY A C   1 
ATOM   780  O O   . GLY A 1 102 ? 6.249   -10.886 11.538  1.00 26.17 ? 479 GLY A O   1 
ATOM   781  N N   . HIS A 1 103 ? 5.333   -12.787 12.309  1.00 24.27 ? 480 HIS A N   1 
ATOM   782  C CA  . HIS A 1 103 ? 4.886   -13.233 10.997  1.00 25.17 ? 480 HIS A CA  1 
ATOM   783  C C   . HIS A 1 103 ? 3.565   -12.533 10.707  1.00 29.17 ? 480 HIS A C   1 
ATOM   784  O O   . HIS A 1 103 ? 3.203   -11.589 11.409  1.00 27.80 ? 480 HIS A O   1 
ATOM   785  C CB  . HIS A 1 103 ? 4.743   -14.754 10.950  1.00 26.33 ? 480 HIS A CB  1 
ATOM   786  C CG  . HIS A 1 103 ? 6.020   -15.487 11.223  1.00 32.67 ? 480 HIS A CG  1 
ATOM   787  N ND1 . HIS A 1 103 ? 6.150   -16.395 12.251  1.00 39.17 ? 480 HIS A ND1 1 
ATOM   788  C CD2 . HIS A 1 103 ? 7.223   -15.444 10.602  1.00 39.07 ? 480 HIS A CD2 1 
ATOM   789  C CE1 . HIS A 1 103 ? 7.379   -16.883 12.251  1.00 40.25 ? 480 HIS A CE1 1 
ATOM   790  N NE2 . HIS A 1 103 ? 8.049   -16.322 11.262  1.00 44.77 ? 480 HIS A NE2 1 
ATOM   791  N N   . ASN A 1 104 ? 2.839   -12.970 9.685   1.00 25.99 ? 481 ASN A N   1 
ATOM   792  C CA  . ASN A 1 104 ? 1.638   -12.243 9.302   1.00 19.62 ? 481 ASN A CA  1 
ATOM   793  C C   . ASN A 1 104 ? 0.630   -13.046 8.501   1.00 26.60 ? 481 ASN A C   1 
ATOM   794  O O   . ASN A 1 104 ? 0.923   -14.139 8.014   1.00 24.97 ? 481 ASN A O   1 
ATOM   795  C CB  . ASN A 1 104 ? 2.026   -11.003 8.500   1.00 26.33 ? 481 ASN A CB  1 
ATOM   796  C CG  . ASN A 1 104 ? 2.552   -11.345 7.125   1.00 25.96 ? 481 ASN A CG  1 
ATOM   797  O OD1 . ASN A 1 104 ? 1.780   -11.498 6.177   1.00 27.51 ? 481 ASN A OD1 1 
ATOM   798  N ND2 . ASN A 1 104 ? 3.869   -11.467 7.006   1.00 29.58 ? 481 ASN A ND2 1 
ATOM   799  N N   . GLU A 1 105 ? -0.567  -12.477 8.387   1.00 17.61 ? 482 GLU A N   1 
ATOM   800  C CA  . GLU A 1 105 ? -1.616  -13.012 7.538   1.00 16.64 ? 482 GLU A CA  1 
ATOM   801  C C   . GLU A 1 105 ? -2.025  -11.963 6.517   1.00 15.59 ? 482 GLU A C   1 
ATOM   802  O O   . GLU A 1 105 ? -2.325  -10.824 6.864   1.00 11.35 ? 482 GLU A O   1 
ATOM   803  C CB  . GLU A 1 105 ? -2.832  -13.443 8.358   1.00 26.00 ? 482 GLU A CB  1 
ATOM   804  C CG  . GLU A 1 105 ? -3.974  -13.958 7.496   1.00 28.17 ? 482 GLU A CG  1 
ATOM   805  C CD  . GLU A 1 105 ? -4.971  -14.784 8.277   1.00 35.87 ? 482 GLU A CD  1 
ATOM   806  O OE1 . GLU A 1 105 ? -5.126  -14.533 9.489   1.00 26.94 ? 482 GLU A OE1 1 
ATOM   807  O OE2 . GLU A 1 105 ? -5.592  -15.689 7.676   1.00 28.00 ? 482 GLU A OE2 1 
ATOM   808  N N   . PHE A 1 106 ? -2.032  -12.363 5.255   1.00 15.26 ? 483 PHE A N   1 
ATOM   809  C CA  . PHE A 1 106 ? -2.468  -11.496 4.171   1.00 15.34 ? 483 PHE A CA  1 
ATOM   810  C C   . PHE A 1 106 ? -3.990  -11.328 4.182   1.00 21.35 ? 483 PHE A C   1 
ATOM   811  O O   . PHE A 1 106 ? -4.727  -12.313 4.242   1.00 17.12 ? 483 PHE A O   1 
ATOM   812  C CB  . PHE A 1 106 ? -1.993  -12.076 2.840   1.00 18.99 ? 483 PHE A CB  1 
ATOM   813  C CG  . PHE A 1 106 ? -2.572  -11.401 1.635   1.00 18.67 ? 483 PHE A CG  1 
ATOM   814  C CD1 . PHE A 1 106 ? -2.026  -10.224 1.156   1.00 17.11 ? 483 PHE A CD1 1 
ATOM   815  C CD2 . PHE A 1 106 ? -3.649  -11.956 0.968   1.00 14.20 ? 483 PHE A CD2 1 
ATOM   816  C CE1 . PHE A 1 106 ? -2.552  -9.607  0.040   1.00 16.00 ? 483 PHE A CE1 1 
ATOM   817  C CE2 . PHE A 1 106 ? -4.180  -11.344 -0.149  1.00 16.88 ? 483 PHE A CE2 1 
ATOM   818  C CZ  . PHE A 1 106 ? -3.628  -10.170 -0.615  1.00 18.59 ? 483 PHE A CZ  1 
ATOM   819  N N   . ILE A 1 107 ? -4.458  -10.083 4.131   1.00 14.26 ? 484 ILE A N   1 
ATOM   820  C CA  . ILE A 1 107 ? -5.893  -9.808  4.101   1.00 18.18 ? 484 ILE A CA  1 
ATOM   821  C C   . ILE A 1 107 ? -6.360  -9.585  2.668   1.00 18.02 ? 484 ILE A C   1 
ATOM   822  O O   . ILE A 1 107 ? -7.254  -10.274 2.186   1.00 18.20 ? 484 ILE A O   1 
ATOM   823  C CB  . ILE A 1 107 ? -6.264  -8.581  4.957   1.00 14.29 ? 484 ILE A CB  1 
ATOM   824  C CG1 . ILE A 1 107 ? -5.813  -8.790  6.405   1.00 24.38 ? 484 ILE A CG1 1 
ATOM   825  C CG2 . ILE A 1 107 ? -7.770  -8.332  4.908   1.00 20.99 ? 484 ILE A CG2 1 
ATOM   826  C CD1 . ILE A 1 107 ? -6.049  -7.599  7.313   1.00 28.47 ? 484 ILE A CD1 1 
ATOM   827  N N   . GLY A 1 108 ? -5.754  -8.619  1.987   1.00 17.87 ? 485 GLY A N   1 
ATOM   828  C CA  . GLY A 1 108 ? -6.154  -8.297  0.629   1.00 15.64 ? 485 GLY A CA  1 
ATOM   829  C C   . GLY A 1 108 ? -5.275  -7.230  0.014   1.00 11.45 ? 485 GLY A C   1 
ATOM   830  O O   . GLY A 1 108 ? -4.403  -6.673  0.682   1.00 10.83 ? 485 GLY A O   1 
ATOM   831  N N   . GLU A 1 109 ? -5.514  -6.934  -1.260  1.00 17.40 ? 486 GLU A N   1 
ATOM   832  C CA  . GLU A 1 109 ? -4.659  -6.008  -1.988  1.00 14.23 ? 486 GLU A CA  1 
ATOM   833  C C   . GLU A 1 109 ? -5.411  -5.194  -3.030  1.00 17.71 ? 486 GLU A C   1 
ATOM   834  O O   . GLU A 1 109 ? -6.589  -5.424  -3.308  1.00 15.70 ? 486 GLU A O   1 
ATOM   835  C CB  . GLU A 1 109 ? -3.521  -6.770  -2.677  1.00 17.04 ? 486 GLU A CB  1 
ATOM   836  C CG  . GLU A 1 109 ? -3.976  -7.738  -3.767  1.00 17.72 ? 486 GLU A CG  1 
ATOM   837  C CD  . GLU A 1 109 ? -2.815  -8.455  -4.438  1.00 26.56 ? 486 GLU A CD  1 
ATOM   838  O OE1 . GLU A 1 109 ? -2.418  -8.040  -5.548  1.00 31.57 ? 486 GLU A OE1 1 
ATOM   839  O OE2 . GLU A 1 109 ? -2.301  -9.439  -3.862  1.00 24.79 ? 486 GLU A OE2 1 
ATOM   840  N N   . THR A 1 110 ? -4.695  -4.238  -3.598  1.00 18.38 ? 487 THR A N   1 
ATOM   841  C CA  . THR A 1 110 ? -5.153  -3.503  -4.762  1.00 14.45 ? 487 THR A CA  1 
ATOM   842  C C   . THR A 1 110 ? -3.913  -3.207  -5.590  1.00 15.06 ? 487 THR A C   1 
ATOM   843  O O   . THR A 1 110 ? -2.800  -3.196  -5.061  1.00 16.35 ? 487 THR A O   1 
ATOM   844  C CB  . THR A 1 110 ? -5.899  -2.207  -4.375  1.00 19.50 ? 487 THR A CB  1 
ATOM   845  O OG1 . THR A 1 110 ? -6.551  -1.656  -5.527  1.00 24.42 ? 487 THR A OG1 1 
ATOM   846  C CG2 . THR A 1 110 ? -4.952  -1.168  -3.771  1.00 14.39 ? 487 THR A CG2 1 
ATOM   847  N N   . ARG A 1 111 ? -4.100  -2.993  -6.886  1.00 20.62 ? 488 ARG A N   1 
ATOM   848  C CA  . ARG A 1 111 ? -2.993  -2.692  -7.779  1.00 20.53 ? 488 ARG A CA  1 
ATOM   849  C C   . ARG A 1 111 ? -3.333  -1.463  -8.597  1.00 21.82 ? 488 ARG A C   1 
ATOM   850  O O   . ARG A 1 111 ? -4.505  -1.154  -8.816  1.00 21.35 ? 488 ARG A O   1 
ATOM   851  C CB  . ARG A 1 111 ? -2.689  -3.876  -8.702  1.00 25.09 ? 488 ARG A CB  1 
ATOM   852  C CG  . ARG A 1 111 ? -2.032  -5.062  -8.011  1.00 30.86 ? 488 ARG A CG  1 
ATOM   853  C CD  . ARG A 1 111 ? -1.824  -6.222  -8.976  1.00 39.16 ? 488 ARG A CD  1 
ATOM   854  N NE  . ARG A 1 111 ? -1.713  -7.502  -8.272  1.00 49.32 ? 488 ARG A NE  1 
ATOM   855  C CZ  . ARG A 1 111 ? -0.803  -8.443  -8.520  1.00 46.75 ? 488 ARG A CZ  1 
ATOM   856  N NH1 . ARG A 1 111 ? 0.119   -8.278  -9.468  1.00 42.95 ? 488 ARG A NH1 1 
ATOM   857  N NH2 . ARG A 1 111 ? -0.809  -9.563  -7.814  1.00 40.89 ? 488 ARG A NH2 1 
ATOM   858  N N   . PHE A 1 112 ? -2.303  -0.755  -9.038  1.00 20.32 ? 489 PHE A N   1 
ATOM   859  C CA  . PHE A 1 112 ? -2.506  0.420   -9.866  1.00 22.21 ? 489 PHE A CA  1 
ATOM   860  C C   . PHE A 1 112 ? -1.393  0.544   -10.893 1.00 19.77 ? 489 PHE A C   1 
ATOM   861  O O   . PHE A 1 112 ? -0.214  0.485   -10.554 1.00 21.07 ? 489 PHE A O   1 
ATOM   862  C CB  . PHE A 1 112 ? -2.581  1.676   -9.003  1.00 19.53 ? 489 PHE A CB  1 
ATOM   863  C CG  . PHE A 1 112 ? -2.941  2.905   -9.770  1.00 23.10 ? 489 PHE A CG  1 
ATOM   864  C CD1 . PHE A 1 112 ? -4.235  3.099   -10.220 1.00 27.56 ? 489 PHE A CD1 1 
ATOM   865  C CD2 . PHE A 1 112 ? -1.987  3.862   -10.054 1.00 26.98 ? 489 PHE A CD2 1 
ATOM   866  C CE1 . PHE A 1 112 ? -4.571  4.229   -10.934 1.00 27.99 ? 489 PHE A CE1 1 
ATOM   867  C CE2 . PHE A 1 112 ? -2.318  4.992   -10.768 1.00 19.17 ? 489 PHE A CE2 1 
ATOM   868  C CZ  . PHE A 1 112 ? -3.611  5.177   -11.207 1.00 29.79 ? 489 PHE A CZ  1 
ATOM   869  N N   . SER A 1 113 ? -1.780  0.698   -12.154 1.00 15.42 ? 490 SER A N   1 
ATOM   870  C CA  . SER A 1 113 ? -0.819  0.865   -13.234 1.00 16.25 ? 490 SER A CA  1 
ATOM   871  C C   . SER A 1 113 ? -0.305  2.300   -13.238 1.00 17.68 ? 490 SER A C   1 
ATOM   872  O O   . SER A 1 113 ? -1.069  3.243   -13.447 1.00 19.41 ? 490 SER A O   1 
ATOM   873  C CB  . SER A 1 113 ? -1.460  0.512   -14.576 1.00 25.16 ? 490 SER A CB  1 
ATOM   874  O OG  . SER A 1 113 ? -0.515  0.586   -15.624 1.00 29.38 ? 490 SER A OG  1 
ATOM   875  N N   . LEU A 1 114 ? 0.990   2.463   -12.998 1.00 19.17 ? 491 LEU A N   1 
ATOM   876  C CA  . LEU A 1 114 ? 1.564   3.789   -12.808 1.00 20.39 ? 491 LEU A CA  1 
ATOM   877  C C   . LEU A 1 114 ? 1.474   4.673   -14.053 1.00 19.64 ? 491 LEU A C   1 
ATOM   878  O O   . LEU A 1 114 ? 1.587   5.895   -13.953 1.00 21.69 ? 491 LEU A O   1 
ATOM   879  C CB  . LEU A 1 114 ? 3.024   3.674   -12.372 1.00 19.37 ? 491 LEU A CB  1 
ATOM   880  C CG  . LEU A 1 114 ? 3.282   3.130   -10.962 1.00 16.81 ? 491 LEU A CG  1 
ATOM   881  C CD1 . LEU A 1 114 ? 4.777   3.066   -10.695 1.00 22.08 ? 491 LEU A CD1 1 
ATOM   882  C CD2 . LEU A 1 114 ? 2.594   3.976   -9.897  1.00 18.22 ? 491 LEU A CD2 1 
ATOM   883  N N   . LYS A 1 115 ? 1.276   4.075   -15.222 1.00 24.86 ? 492 LYS A N   1 
ATOM   884  C CA  . LYS A 1 115 ? 1.157   4.871   -16.445 1.00 31.14 ? 492 LYS A CA  1 
ATOM   885  C C   . LYS A 1 115 ? -0.164  5.644   -16.486 1.00 27.53 ? 492 LYS A C   1 
ATOM   886  O O   . LYS A 1 115 ? -0.337  6.539   -17.315 1.00 27.11 ? 492 LYS A O   1 
ATOM   887  C CB  . LYS A 1 115 ? 1.297   3.988   -17.690 1.00 27.90 ? 492 LYS A CB  1 
ATOM   888  C CG  . LYS A 1 115 ? 0.376   2.784   -17.734 1.00 34.67 ? 492 LYS A CG  1 
ATOM   889  C CD  . LYS A 1 115 ? 0.663   1.914   -18.951 1.00 39.16 ? 492 LYS A CD  1 
ATOM   890  C CE  . LYS A 1 115 ? 0.365   0.449   -18.669 1.00 54.95 ? 492 LYS A CE  1 
ATOM   891  N NZ  . LYS A 1 115 ? 0.691   -0.427  -19.829 1.00 61.27 ? 492 LYS A NZ  1 
ATOM   892  N N   . LYS A 1 116 ? -1.085  5.308   -15.585 1.00 27.99 ? 493 LYS A N   1 
ATOM   893  C CA  . LYS A 1 116 ? -2.369  6.004   -15.499 1.00 25.81 ? 493 LYS A CA  1 
ATOM   894  C C   . LYS A 1 116 ? -2.253  7.292   -14.693 1.00 29.84 ? 493 LYS A C   1 
ATOM   895  O O   . LYS A 1 116 ? -3.192  8.087   -14.647 1.00 25.11 ? 493 LYS A O   1 
ATOM   896  C CB  . LYS A 1 116 ? -3.434  5.105   -14.869 1.00 29.48 ? 493 LYS A CB  1 
ATOM   897  C CG  . LYS A 1 116 ? -3.656  3.789   -15.593 1.00 26.80 ? 493 LYS A CG  1 
ATOM   898  C CD  . LYS A 1 116 ? -4.621  2.901   -14.821 1.00 39.17 ? 493 LYS A CD  1 
ATOM   899  C CE  . LYS A 1 116 ? -5.956  2.763   -15.530 1.00 38.06 ? 493 LYS A CE  1 
ATOM   900  N NZ  . LYS A 1 116 ? -5.859  1.861   -16.711 1.00 42.85 ? 493 LYS A NZ  1 
ATOM   901  N N   . LEU A 1 117 ? -1.108  7.487   -14.046 1.00 21.22 ? 494 LEU A N   1 
ATOM   902  C CA  . LEU A 1 117 ? -0.854  8.708   -13.297 1.00 26.40 ? 494 LEU A CA  1 
ATOM   903  C C   . LEU A 1 117 ? -0.352  9.801   -14.224 1.00 32.21 ? 494 LEU A C   1 
ATOM   904  O O   . LEU A 1 117 ? 0.475   9.555   -15.103 1.00 40.36 ? 494 LEU A O   1 
ATOM   905  C CB  . LEU A 1 117 ? 0.174   8.477   -12.184 1.00 31.69 ? 494 LEU A CB  1 
ATOM   906  C CG  . LEU A 1 117 ? -0.275  8.078   -10.775 1.00 25.23 ? 494 LEU A CG  1 
ATOM   907  C CD1 . LEU A 1 117 ? 0.890   8.256   -9.810  1.00 24.85 ? 494 LEU A CD1 1 
ATOM   908  C CD2 . LEU A 1 117 ? -1.489  8.863   -10.282 1.00 27.53 ? 494 LEU A CD2 1 
ATOM   909  N N   . LYS A 1 118 ? -0.860  11.008  -14.021 1.00 30.40 ? 495 LYS A N   1 
ATOM   910  C CA  . LYS A 1 118 ? -0.357  12.181  -14.718 1.00 31.69 ? 495 LYS A CA  1 
ATOM   911  C C   . LYS A 1 118 ? 0.618   12.889  -13.794 1.00 29.73 ? 495 LYS A C   1 
ATOM   912  O O   . LYS A 1 118 ? 0.340   13.050  -12.604 1.00 25.03 ? 495 LYS A O   1 
ATOM   913  C CB  . LYS A 1 118 ? -1.502  13.110  -15.129 1.00 35.14 ? 495 LYS A CB  1 
ATOM   914  C CG  . LYS A 1 118 ? -2.273  12.650  -16.363 1.00 42.17 ? 495 LYS A CG  1 
ATOM   915  C CD  . LYS A 1 118 ? -2.667  11.186  -16.271 1.00 49.36 ? 495 LYS A CD  1 
ATOM   916  C CE  . LYS A 1 118 ? -3.632  10.793  -17.370 1.00 47.46 ? 495 LYS A CE  1 
ATOM   917  N NZ  . LYS A 1 118 ? -4.237  9.458   -17.079 1.00 51.75 ? 495 LYS A NZ  1 
ATOM   918  N N   . ALA A 1 119 ? 1.767   13.286  -14.331 1.00 27.55 ? 496 ALA A N   1 
ATOM   919  C CA  . ALA A 1 119 ? 2.779   13.970  -13.535 1.00 23.05 ? 496 ALA A CA  1 
ATOM   920  C C   . ALA A 1 119 ? 2.178   15.168  -12.805 1.00 29.88 ? 496 ALA A C   1 
ATOM   921  O O   . ALA A 1 119 ? 1.361   15.898  -13.365 1.00 27.24 ? 496 ALA A O   1 
ATOM   922  C CB  . ALA A 1 119 ? 3.935   14.413  -14.416 1.00 26.63 ? 496 ALA A CB  1 
ATOM   923  N N   . ASN A 1 120 ? 2.559   15.329  -11.541 1.00 19.25 ? 497 ASN A N   1 
ATOM   924  C CA  . ASN A 1 120 ? 2.192   16.493  -10.737 1.00 29.34 ? 497 ASN A CA  1 
ATOM   925  C C   . ASN A 1 120 ? 0.701   16.584  -10.391 1.00 24.98 ? 497 ASN A C   1 
ATOM   926  O O   . ASN A 1 120 ? 0.280   17.534  -9.731  1.00 30.93 ? 497 ASN A O   1 
ATOM   927  C CB  . ASN A 1 120 ? 2.633   17.772  -11.454 1.00 34.39 ? 497 ASN A CB  1 
ATOM   928  C CG  . ASN A 1 120 ? 4.117   17.774  -11.779 1.00 36.78 ? 497 ASN A CG  1 
ATOM   929  O OD1 . ASN A 1 120 ? 4.950   17.451  -10.930 1.00 34.54 ? 497 ASN A OD1 1 
ATOM   930  N ND2 . ASN A 1 120 ? 4.454   18.139  -13.012 1.00 34.24 ? 497 ASN A ND2 1 
ATOM   931  N N   . GLN A 1 121 ? -0.084  15.596  -10.817 1.00 21.00 ? 498 GLN A N   1 
ATOM   932  C CA  . GLN A 1 121 ? -1.516  15.554  -10.508 1.00 21.03 ? 498 GLN A CA  1 
ATOM   933  C C   . GLN A 1 121 ? -1.815  14.492  -9.454  1.00 15.73 ? 498 GLN A C   1 
ATOM   934  O O   . GLN A 1 121 ? -1.720  13.300  -9.733  1.00 17.05 ? 498 GLN A O   1 
ATOM   935  C CB  . GLN A 1 121 ? -2.338  15.262  -11.767 1.00 24.80 ? 498 GLN A CB  1 
ATOM   936  C CG  . GLN A 1 121 ? -3.847  15.393  -11.565 1.00 34.50 ? 498 GLN A CG  1 
ATOM   937  C CD  . GLN A 1 121 ? -4.641  14.404  -12.399 1.00 45.33 ? 498 GLN A CD  1 
ATOM   938  O OE1 . GLN A 1 121 ? -4.766  13.231  -12.041 1.00 46.77 ? 498 GLN A OE1 1 
ATOM   939  N NE2 . GLN A 1 121 ? -5.187  14.873  -13.513 1.00 47.26 ? 498 GLN A NE2 1 
ATOM   940  N N   . ARG A 1 122 ? -2.184  14.923  -8.253  1.00 18.58 ? 499 ARG A N   1 
ATOM   941  C CA  . ARG A 1 122 ? -2.539  13.980  -7.195  1.00 19.96 ? 499 ARG A CA  1 
ATOM   942  C C   . ARG A 1 122 ? -3.760  13.162  -7.593  1.00 19.65 ? 499 ARG A C   1 
ATOM   943  O O   . ARG A 1 122 ? -4.671  13.674  -8.246  1.00 22.97 ? 499 ARG A O   1 
ATOM   944  C CB  . ARG A 1 122 ? -2.807  14.713  -5.882  1.00 19.73 ? 499 ARG A CB  1 
ATOM   945  C CG  . ARG A 1 122 ? -3.154  13.782  -4.720  1.00 15.75 ? 499 ARG A CG  1 
ATOM   946  C CD  . ARG A 1 122 ? -3.176  14.543  -3.411  1.00 15.26 ? 499 ARG A CD  1 
ATOM   947  N NE  . ARG A 1 122 ? -1.858  15.059  -3.062  1.00 18.33 ? 499 ARG A NE  1 
ATOM   948  C CZ  . ARG A 1 122 ? -0.878  14.329  -2.538  1.00 22.49 ? 499 ARG A CZ  1 
ATOM   949  N NH1 . ARG A 1 122 ? -1.057  13.036  -2.304  1.00 18.17 ? 499 ARG A NH1 1 
ATOM   950  N NH2 . ARG A 1 122 ? 0.287   14.892  -2.255  1.00 22.82 ? 499 ARG A NH2 1 
ATOM   951  N N   . LYS A 1 123 ? -3.770  11.889  -7.200  1.00 21.48 ? 500 LYS A N   1 
ATOM   952  C CA  . LYS A 1 123 ? -4.918  11.018  -7.430  1.00 22.96 ? 500 LYS A CA  1 
ATOM   953  C C   . LYS A 1 123 ? -5.324  10.341  -6.129  1.00 19.92 ? 500 LYS A C   1 
ATOM   954  O O   . LYS A 1 123 ? -4.518  9.660   -5.493  1.00 16.24 ? 500 LYS A O   1 
ATOM   955  C CB  . LYS A 1 123 ? -4.603  9.967   -8.496  1.00 22.47 ? 500 LYS A CB  1 
ATOM   956  C CG  . LYS A 1 123 ? -5.841  9.323   -9.114  1.00 30.63 ? 500 LYS A CG  1 
ATOM   957  C CD  . LYS A 1 123 ? -5.468  8.415   -10.276 1.00 29.10 ? 500 LYS A CD  1 
ATOM   958  C CE  . LYS A 1 123 ? -6.621  8.236   -11.254 1.00 43.87 ? 500 LYS A CE  1 
ATOM   959  N NZ  . LYS A 1 123 ? -7.739  7.435   -10.685 1.00 39.81 ? 500 LYS A NZ  1 
ATOM   960  N N   . ASN A 1 124 ? -6.580  10.536  -5.746  1.00 13.48 ? 501 ASN A N   1 
ATOM   961  C CA  . ASN A 1 124 ? -7.098  10.009  -4.492  1.00 20.26 ? 501 ASN A CA  1 
ATOM   962  C C   . ASN A 1 124 ? -7.893  8.737   -4.722  1.00 21.31 ? 501 ASN A C   1 
ATOM   963  O O   . ASN A 1 124 ? -8.701  8.657   -5.649  1.00 16.59 ? 501 ASN A O   1 
ATOM   964  C CB  . ASN A 1 124 ? -7.957  11.067  -3.803  1.00 21.19 ? 501 ASN A CB  1 
ATOM   965  C CG  . ASN A 1 124 ? -7.184  12.342  -3.530  1.00 29.85 ? 501 ASN A CG  1 
ATOM   966  O OD1 . ASN A 1 124 ? -6.151  12.317  -2.863  1.00 17.21 ? 501 ASN A OD1 1 
ATOM   967  N ND2 . ASN A 1 124 ? -7.664  13.460  -4.070  1.00 22.26 ? 501 ASN A ND2 1 
ATOM   968  N N   . PHE A 1 125 ? -7.647  7.739   -3.879  1.00 20.47 ? 502 PHE A N   1 
ATOM   969  C CA  . PHE A 1 125 ? -8.280  6.438   -4.024  1.00 16.74 ? 502 PHE A CA  1 
ATOM   970  C C   . PHE A 1 125 ? -9.106  6.077   -2.793  1.00 18.03 ? 502 PHE A C   1 
ATOM   971  O O   . PHE A 1 125 ? -8.755  6.417   -1.662  1.00 12.63 ? 502 PHE A O   1 
ATOM   972  C CB  . PHE A 1 125 ? -7.231  5.347   -4.265  1.00 18.08 ? 502 PHE A CB  1 
ATOM   973  C CG  . PHE A 1 125 ? -6.421  5.534   -5.518  1.00 18.84 ? 502 PHE A CG  1 
ATOM   974  C CD1 . PHE A 1 125 ? -5.397  6.466   -5.567  1.00 20.25 ? 502 PHE A CD1 1 
ATOM   975  C CD2 . PHE A 1 125 ? -6.670  4.759   -6.641  1.00 23.03 ? 502 PHE A CD2 1 
ATOM   976  C CE1 . PHE A 1 125 ? -4.643  6.631   -6.719  1.00 25.29 ? 502 PHE A CE1 1 
ATOM   977  C CE2 . PHE A 1 125 ? -5.920  4.915   -7.793  1.00 26.98 ? 502 PHE A CE2 1 
ATOM   978  C CZ  . PHE A 1 125 ? -4.904  5.853   -7.832  1.00 24.78 ? 502 PHE A CZ  1 
ATOM   979  N N   . ASN A 1 126 ? -10.216 5.397   -3.042  1.00 18.51 ? 503 ASN A N   1 
ATOM   980  C CA  . ASN A 1 126 ? -10.982 4.734   -2.001  1.00 18.53 ? 503 ASN A CA  1 
ATOM   981  C C   . ASN A 1 126 ? -11.540 3.462   -2.610  1.00 26.66 ? 503 ASN A C   1 
ATOM   982  O O   . ASN A 1 126 ? -12.566 3.486   -3.289  1.00 25.77 ? 503 ASN A O   1 
ATOM   983  C CB  . ASN A 1 126 ? -12.095 5.629   -1.461  1.00 25.25 ? 503 ASN A CB  1 
ATOM   984  C CG  . ASN A 1 126 ? -12.820 5.006   -0.284  1.00 33.06 ? 503 ASN A CG  1 
ATOM   985  O OD1 . ASN A 1 126 ? -13.210 3.840   -0.324  1.00 30.45 ? 503 ASN A OD1 1 
ATOM   986  N ND2 . ASN A 1 126 ? -12.994 5.782   0.779   1.00 45.18 ? 503 ASN A ND2 1 
ATOM   987  N N   . ILE A 1 127 ? -10.843 2.356   -2.366  1.00 19.11 ? 504 ILE A N   1 
ATOM   988  C CA  . ILE A 1 127 ? -11.105 1.106   -3.063  1.00 19.15 ? 504 ILE A CA  1 
ATOM   989  C C   . ILE A 1 127 ? -11.326 -0.032  -2.083  1.00 23.18 ? 504 ILE A C   1 
ATOM   990  O O   . ILE A 1 127 ? -10.897 0.040   -0.932  1.00 21.05 ? 504 ILE A O   1 
ATOM   991  C CB  . ILE A 1 127 ? -9.938  0.746   -4.010  1.00 18.53 ? 504 ILE A CB  1 
ATOM   992  C CG1 . ILE A 1 127 ? -8.628  0.571   -3.234  1.00 20.41 ? 504 ILE A CG1 1 
ATOM   993  C CG2 . ILE A 1 127 ? -9.769  1.826   -5.075  1.00 25.18 ? 504 ILE A CG2 1 
ATOM   994  C CD1 . ILE A 1 127 ? -8.369  -0.841  -2.749  1.00 27.47 ? 504 ILE A CD1 1 
ATOM   995  N N   . CYS A 1 128 ? -11.995 -1.083  -2.550  1.00 20.83 ? 505 CYS A N   1 
ATOM   996  C CA  . CYS A 1 128 ? -12.167 -2.299  -1.763  1.00 26.44 ? 505 CYS A CA  1 
ATOM   997  C C   . CYS A 1 128 ? -11.064 -3.300  -2.085  1.00 19.97 ? 505 CYS A C   1 
ATOM   998  O O   . CYS A 1 128 ? -10.774 -3.575  -3.251  1.00 21.13 ? 505 CYS A O   1 
ATOM   999  C CB  . CYS A 1 128 ? -13.542 -2.921  -2.017  1.00 26.37 ? 505 CYS A CB  1 
ATOM   1000 S SG  . CYS A 1 128 ? -14.901 -2.000  -1.263  1.00 34.03 ? 505 CYS A SG  1 
ATOM   1001 N N   . LEU A 1 129 ? -10.442 -3.834  -1.040  1.00 18.18 ? 506 LEU A N   1 
ATOM   1002 C CA  . LEU A 1 129 ? -9.396  -4.826  -1.204  1.00 17.85 ? 506 LEU A CA  1 
ATOM   1003 C C   . LEU A 1 129 ? -9.945  -6.065  -1.886  1.00 18.61 ? 506 LEU A C   1 
ATOM   1004 O O   . LEU A 1 129 ? -11.138 -6.364  -1.796  1.00 19.65 ? 506 LEU A O   1 
ATOM   1005 C CB  . LEU A 1 129 ? -8.789  -5.198  0.150   1.00 13.86 ? 506 LEU A CB  1 
ATOM   1006 C CG  . LEU A 1 129 ? -8.081  -4.060  0.885   1.00 17.26 ? 506 LEU A CG  1 
ATOM   1007 C CD1 . LEU A 1 129 ? -7.742  -4.474  2.303   1.00 21.28 ? 506 LEU A CD1 1 
ATOM   1008 C CD2 . LEU A 1 129 ? -6.825  -3.637  0.135   1.00 15.62 ? 506 LEU A CD2 1 
ATOM   1009 N N   . GLU A 1 130 ? -9.065  -6.770  -2.582  1.00 14.77 ? 507 GLU A N   1 
ATOM   1010 C CA  . GLU A 1 130 ? -9.407  -8.036  -3.201  1.00 21.63 ? 507 GLU A CA  1 
ATOM   1011 C C   . GLU A 1 130 ? -8.275  -9.026  -2.997  1.00 20.91 ? 507 GLU A C   1 
ATOM   1012 O O   . GLU A 1 130 ? -7.129  -8.640  -2.749  1.00 19.23 ? 507 GLU A O   1 
ATOM   1013 C CB  . GLU A 1 130 ? -9.681  -7.863  -4.699  1.00 26.75 ? 507 GLU A CB  1 
ATOM   1014 C CG  . GLU A 1 130 ? -10.959 -7.114  -5.025  1.00 29.10 ? 507 GLU A CG  1 
ATOM   1015 C CD  . GLU A 1 130 ? -11.190 -6.992  -6.522  1.00 44.41 ? 507 GLU A CD  1 
ATOM   1016 O OE1 . GLU A 1 130 ? -10.498 -7.691  -7.293  1.00 40.27 ? 507 GLU A OE1 1 
ATOM   1017 O OE2 . GLU A 1 130 ? -12.063 -6.194  -6.928  1.00 45.23 ? 507 GLU A OE2 1 
ATOM   1018 N N   . ARG A 1 131 ? -8.615  -10.306 -3.089  1.00 24.90 ? 508 ARG A N   1 
ATOM   1019 C CA  . ARG A 1 131 ? -7.621  -11.359 -3.153  1.00 20.03 ? 508 ARG A CA  1 
ATOM   1020 C C   . ARG A 1 131 ? -7.488  -11.785 -4.609  1.00 27.50 ? 508 ARG A C   1 
ATOM   1021 O O   . ARG A 1 131 ? -8.467  -11.782 -5.358  1.00 25.63 ? 508 ARG A O   1 
ATOM   1022 C CB  . ARG A 1 131 ? -8.014  -12.531 -2.253  1.00 23.42 ? 508 ARG A CB  1 
ATOM   1023 C CG  . ARG A 1 131 ? -8.133  -12.133 -0.789  1.00 22.74 ? 508 ARG A CG  1 
ATOM   1024 C CD  . ARG A 1 131 ? -8.662  -13.263 0.067   1.00 18.31 ? 508 ARG A CD  1 
ATOM   1025 N NE  . ARG A 1 131 ? -7.639  -14.272 0.326   1.00 23.15 ? 508 ARG A NE  1 
ATOM   1026 C CZ  . ARG A 1 131 ? -6.772  -14.224 1.333   1.00 23.03 ? 508 ARG A CZ  1 
ATOM   1027 N NH1 . ARG A 1 131 ? -6.789  -13.211 2.191   1.00 23.34 ? 508 ARG A NH1 1 
ATOM   1028 N NH2 . ARG A 1 131 ? -5.881  -15.193 1.482   1.00 15.88 ? 508 ARG A NH2 1 
ATOM   1029 N N   . VAL A 1 132 ? -6.266  -12.123 -5.005  1.00 28.25 ? 509 VAL A N   1 
ATOM   1030 C CA  . VAL A 1 132 ? -5.958  -12.443 -6.392  1.00 29.87 ? 509 VAL A CA  1 
ATOM   1031 C C   . VAL A 1 132 ? -5.411  -13.862 -6.494  1.00 28.46 ? 509 VAL A C   1 
ATOM   1032 O O   . VAL A 1 132 ? -5.590  -14.534 -7.508  1.00 31.72 ? 509 VAL A O   1 
ATOM   1033 C CB  . VAL A 1 132 ? -4.950  -11.421 -6.977  1.00 33.28 ? 509 VAL A CB  1 
ATOM   1034 C CG1 . VAL A 1 132 ? -4.325  -11.921 -8.275  1.00 43.26 ? 509 VAL A CG1 1 
ATOM   1035 C CG2 . VAL A 1 132 ? -5.635  -10.083 -7.201  1.00 31.17 ? 509 VAL A CG2 1 
ATOM   1036 N N   . ILE A 1 133 ? -4.749  -14.315 -5.435  1.00 25.82 ? 510 ILE A N   1 
HETATM 1037 C C1  . I3P B 2 .   ? 8.980   -6.178  4.757   0.80 45.01 ? 601 I3P A C1  1 
HETATM 1038 C C2  . I3P B 2 .   ? 8.837   -6.510  3.274   0.80 43.77 ? 601 I3P A C2  1 
HETATM 1039 C C3  . I3P B 2 .   ? 8.296   -7.912  3.033   0.80 43.43 ? 601 I3P A C3  1 
HETATM 1040 C C4  . I3P B 2 .   ? 7.085   -8.270  3.905   0.80 46.38 ? 601 I3P A C4  1 
HETATM 1041 C C5  . I3P B 2 .   ? 7.334   -7.869  5.340   0.80 41.95 ? 601 I3P A C5  1 
HETATM 1042 C C6  . I3P B 2 .   ? 7.650   -6.407  5.459   0.80 39.06 ? 601 I3P A C6  1 
HETATM 1043 O O1  . I3P B 2 .   ? 9.428   -4.839  4.979   0.80 49.13 ? 601 I3P A O1  1 
HETATM 1044 O O2  . I3P B 2 .   ? 7.952   -5.559  2.657   0.80 40.84 ? 601 I3P A O2  1 
HETATM 1045 O O3  . I3P B 2 .   ? 7.923   -8.044  1.674   0.80 40.85 ? 601 I3P A O3  1 
HETATM 1046 O O4  . I3P B 2 .   ? 6.848   -9.665  3.889   0.80 45.39 ? 601 I3P A O4  1 
HETATM 1047 O O5  . I3P B 2 .   ? 6.204   -8.180  6.168   0.80 32.96 ? 601 I3P A O5  1 
HETATM 1048 O O6  . I3P B 2 .   ? 7.709   -6.077  6.843   0.80 38.51 ? 601 I3P A O6  1 
HETATM 1049 P P1  . I3P B 2 .   ? 10.449  -4.610  6.198   0.80 43.15 ? 601 I3P A P1  1 
HETATM 1050 O O11 . I3P B 2 .   ? 11.818  -5.106  5.825   0.80 45.88 ? 601 I3P A O11 1 
HETATM 1051 O O12 . I3P B 2 .   ? 9.951   -5.394  7.407   0.80 40.60 ? 601 I3P A O12 1 
HETATM 1052 O O13 . I3P B 2 .   ? 10.514  -3.137  6.550   0.80 37.71 ? 601 I3P A O13 1 
HETATM 1053 P P4  . I3P B 2 .   ? 5.323   -10.247 3.892   0.80 37.22 ? 601 I3P A P4  1 
HETATM 1054 O O41 . I3P B 2 .   ? 4.554   -9.658  2.731   0.80 41.25 ? 601 I3P A O41 1 
HETATM 1055 O O42 . I3P B 2 .   ? 4.591   -9.924  5.172   0.80 41.61 ? 601 I3P A O42 1 
HETATM 1056 O O43 . I3P B 2 .   ? 5.368   -11.752 3.746   0.80 48.64 ? 601 I3P A O43 1 
HETATM 1057 P P5  . I3P B 2 .   ? 6.494   -8.705  7.639   0.80 40.39 ? 601 I3P A P5  1 
HETATM 1058 O O51 . I3P B 2 .   ? 6.245   -7.569  8.611   0.80 36.68 ? 601 I3P A O51 1 
HETATM 1059 O O52 . I3P B 2 .   ? 7.922   -9.163  7.778   0.80 36.70 ? 601 I3P A O52 1 
HETATM 1060 O O53 . I3P B 2 .   ? 5.570   -9.863  7.958   0.80 42.36 ? 601 I3P A O53 1 
HETATM 1061 S S   . SO4 C 3 .   ? 2.258   -9.681  0.235   1.00 42.95 ? 602 SO4 A S   1 
HETATM 1062 O O1  . SO4 C 3 .   ? 3.445   -9.577  -0.609  1.00 36.72 ? 602 SO4 A O1  1 
HETATM 1063 O O2  . SO4 C 3 .   ? 1.066   -9.723  -0.606  1.00 41.44 ? 602 SO4 A O2  1 
HETATM 1064 O O3  . SO4 C 3 .   ? 2.335   -10.894 1.041   1.00 37.49 ? 602 SO4 A O3  1 
HETATM 1065 O O4  . SO4 C 3 .   ? 2.188   -8.516  1.113   1.00 41.01 ? 602 SO4 A O4  1 
HETATM 1066 O O   . HOH D 4 .   ? 13.472  13.613  -4.585  1.00 26.41 ? 701 HOH A O   1 
HETATM 1067 O O   . HOH D 4 .   ? -11.527 -13.818 14.765  1.00 36.98 ? 702 HOH A O   1 
HETATM 1068 O O   . HOH D 4 .   ? -13.764 -3.272  14.664  1.00 31.63 ? 703 HOH A O   1 
HETATM 1069 O O   . HOH D 4 .   ? 0.786   12.364  -10.000 1.00 15.43 ? 704 HOH A O   1 
HETATM 1070 O O   . HOH D 4 .   ? 8.119   19.840  -8.533  1.00 33.02 ? 705 HOH A O   1 
HETATM 1071 O O   . HOH D 4 .   ? 14.054  11.000  -6.142  1.00 20.31 ? 706 HOH A O   1 
HETATM 1072 O O   . HOH D 4 .   ? 7.132   18.187  -14.129 1.00 24.75 ? 707 HOH A O   1 
HETATM 1073 O O   . HOH D 4 .   ? 1.178   11.330  -1.517  1.00 13.62 ? 708 HOH A O   1 
HETATM 1074 O O   . HOH D 4 .   ? -10.878 4.890   12.390  1.00 41.03 ? 709 HOH A O   1 
HETATM 1075 O O   . HOH D 4 .   ? -10.287 4.023   9.397   1.00 19.15 ? 710 HOH A O   1 
HETATM 1076 O O   . HOH D 4 .   ? -13.826 -5.904  10.499  1.00 33.85 ? 711 HOH A O   1 
HETATM 1077 O O   . HOH D 4 .   ? -7.178  -12.787 12.545  1.00 28.52 ? 712 HOH A O   1 
HETATM 1078 O O   . HOH D 4 .   ? -1.623  -19.511 13.121  1.00 28.93 ? 713 HOH A O   1 
HETATM 1079 O O   . HOH D 4 .   ? -2.422  -15.231 11.444  1.00 26.35 ? 714 HOH A O   1 
HETATM 1080 O O   . HOH D 4 .   ? -5.578  -14.306 18.729  1.00 25.42 ? 715 HOH A O   1 
HETATM 1081 O O   . HOH D 4 .   ? -12.030 -16.028 16.197  1.00 27.51 ? 716 HOH A O   1 
HETATM 1082 O O   . HOH D 4 .   ? -7.282  -20.590 19.635  1.00 19.04 ? 717 HOH A O   1 
HETATM 1083 O O   . HOH D 4 .   ? -0.253  -15.341 16.265  1.00 25.89 ? 718 HOH A O   1 
HETATM 1084 O O   . HOH D 4 .   ? -1.506  -20.326 15.647  1.00 25.54 ? 719 HOH A O   1 
HETATM 1085 O O   . HOH D 4 .   ? -2.163  -12.240 12.594  1.00 23.26 ? 720 HOH A O   1 
HETATM 1086 O O   . HOH D 4 .   ? -5.882  -8.110  18.247  1.00 22.26 ? 721 HOH A O   1 
HETATM 1087 O O   . HOH D 4 .   ? -3.278  -6.550  19.263  1.00 19.56 ? 722 HOH A O   1 
HETATM 1088 O O   . HOH D 4 .   ? 13.060  3.268   -6.321  1.00 34.42 ? 723 HOH A O   1 
HETATM 1089 O O   . HOH D 4 .   ? -11.547 -1.487  15.414  1.00 23.35 ? 724 HOH A O   1 
HETATM 1090 O O   . HOH D 4 .   ? -5.907  3.724   13.947  1.00 20.76 ? 725 HOH A O   1 
HETATM 1091 O O   . HOH D 4 .   ? -2.665  10.695  12.413  1.00 24.00 ? 726 HOH A O   1 
HETATM 1092 O O   . HOH D 4 .   ? 4.281   10.572  6.549   1.00 14.42 ? 727 HOH A O   1 
HETATM 1093 O O   . HOH D 4 .   ? 7.363   10.717  3.997   1.00 26.51 ? 728 HOH A O   1 
HETATM 1094 O O   . HOH D 4 .   ? 15.071  7.101   -0.727  1.00 22.18 ? 729 HOH A O   1 
HETATM 1095 O O   . HOH D 4 .   ? 12.963  5.515   -1.968  1.00 22.82 ? 730 HOH A O   1 
HETATM 1096 O O   . HOH D 4 .   ? 12.316  1.181   -6.130  1.00 33.37 ? 731 HOH A O   1 
HETATM 1097 O O   . HOH D 4 .   ? 14.647  4.078   -13.063 1.00 29.34 ? 732 HOH A O   1 
HETATM 1098 O O   . HOH D 4 .   ? 2.882   1.381   -15.601 1.00 18.64 ? 733 HOH A O   1 
HETATM 1099 O O   . HOH D 4 .   ? 2.295   -5.183  -1.813  1.00 17.91 ? 734 HOH A O   1 
HETATM 1100 O O   . HOH D 4 .   ? -6.906  -5.636  11.446  1.00 18.62 ? 735 HOH A O   1 
HETATM 1101 O O   . HOH D 4 .   ? -4.773  -12.163 11.339  1.00 35.26 ? 736 HOH A O   1 
HETATM 1102 O O   . HOH D 4 .   ? -0.935  -14.973 4.801   1.00 26.48 ? 737 HOH A O   1 
HETATM 1103 O O   . HOH D 4 .   ? -5.862  0.347   -7.132  1.00 20.36 ? 738 HOH A O   1 
HETATM 1104 O O   . HOH D 4 .   ? -6.591  -4.136  -7.897  1.00 22.35 ? 739 HOH A O   1 
HETATM 1105 O O   . HOH D 4 .   ? -4.552  0.216   -12.783 1.00 27.87 ? 740 HOH A O   1 
HETATM 1106 O O   . HOH D 4 .   ? -2.816  11.723  -11.927 1.00 42.45 ? 741 HOH A O   1 
HETATM 1107 O O   . HOH D 4 .   ? 2.600   13.773  -0.871  1.00 25.43 ? 742 HOH A O   1 
HETATM 1108 O O   . HOH D 4 .   ? -6.914  11.300  -0.571  1.00 17.21 ? 743 HOH A O   1 
HETATM 1109 O O   . HOH D 4 .   ? -8.617  11.971  -7.474  1.00 21.45 ? 744 HOH A O   1 
HETATM 1110 O O   . HOH D 4 .   ? -8.319  9.204   -0.895  1.00 20.46 ? 745 HOH A O   1 
HETATM 1111 O O   . HOH D 4 .   ? -11.112 5.384   -5.817  1.00 26.02 ? 746 HOH A O   1 
HETATM 1112 O O   . HOH D 4 .   ? -12.953 -0.884  -5.527  1.00 32.07 ? 747 HOH A O   1 
HETATM 1113 O O   . HOH D 4 .   ? -4.682  -14.867 -2.748  1.00 33.18 ? 748 HOH A O   1 
HETATM 1114 O O   . HOH D 4 .   ? 11.346  6.120   1.413   1.00 26.67 ? 749 HOH A O   1 
HETATM 1115 O O   . HOH D 4 .   ? -8.606  -3.854  -5.267  1.00 28.49 ? 750 HOH A O   1 
HETATM 1116 O O   . HOH D 4 .   ? -14.232 6.363   4.301   1.00 37.99 ? 751 HOH A O   1 
HETATM 1117 O O   . HOH D 4 .   ? 2.490   19.184  -14.671 1.00 40.35 ? 752 HOH A O   1 
HETATM 1118 O O   . HOH D 4 .   ? 9.822   15.643  -3.654  1.00 33.13 ? 753 HOH A O   1 
HETATM 1119 O O   . HOH D 4 .   ? -6.729  13.345  -9.694  1.00 28.16 ? 754 HOH A O   1 
HETATM 1120 O O   . HOH D 4 .   ? -9.576  -10.171 -7.516  1.00 29.21 ? 755 HOH A O   1 
HETATM 1121 O O   . HOH D 4 .   ? -9.329  5.343   -11.232 1.00 37.21 ? 756 HOH A O   1 
HETATM 1122 O O   . HOH D 4 .   ? 0.602   -16.107 10.611  1.00 33.93 ? 757 HOH A O   1 
HETATM 1123 O O   . HOH D 4 .   ? 0.758   16.327  -16.113 1.00 42.55 ? 758 HOH A O   1 
HETATM 1124 O O   . HOH D 4 .   ? 2.162   12.141  -17.020 1.00 43.32 ? 759 HOH A O   1 
HETATM 1125 O O   . HOH D 4 .   ? -11.974 0.807   15.370  1.00 40.72 ? 760 HOH A O   1 
HETATM 1126 O O   . HOH D 4 .   ? -12.247 6.068   -10.802 1.00 44.66 ? 761 HOH A O   1 
HETATM 1127 O O   . HOH D 4 .   ? -13.417 -6.372  -0.041  1.00 37.91 ? 762 HOH A O   1 
HETATM 1128 O O   . HOH D 4 .   ? 6.589   -4.261  0.778   1.00 28.91 ? 763 HOH A O   1 
HETATM 1129 O O   . HOH D 4 .   ? 4.737   -8.281  10.231  1.00 29.10 ? 764 HOH A O   1 
HETATM 1130 O O   . HOH D 4 .   ? 9.653   16.617  -16.610 1.00 30.75 ? 765 HOH A O   1 
HETATM 1131 O O   . HOH D 4 .   ? -18.676 -8.446  6.390   1.00 32.41 ? 766 HOH A O   1 
HETATM 1132 O O   . HOH D 4 .   ? 11.492  -2.509  2.594   1.00 28.08 ? 767 HOH A O   1 
HETATM 1133 O O   . HOH D 4 .   ? -1.585  17.865  -7.231  1.00 32.88 ? 768 HOH A O   1 
HETATM 1134 O O   . HOH D 4 .   ? -7.879  1.555   -8.759  1.00 22.83 ? 769 HOH A O   1 
HETATM 1135 O O   . HOH D 4 .   ? 3.701   10.321  -15.233 1.00 42.62 ? 770 HOH A O   1 
HETATM 1136 O O   . HOH D 4 .   ? -4.890  -16.611 -8.953  1.00 36.67 ? 771 HOH A O   1 
HETATM 1137 O O   . HOH D 4 .   ? 0.005   9.068   -18.045 1.00 44.28 ? 772 HOH A O   1 
HETATM 1138 O O   . HOH D 4 .   ? 4.883   7.865   -21.651 1.00 46.61 ? 773 HOH A O   1 
HETATM 1139 O O   . HOH D 4 .   ? -2.088  6.398   13.402  1.00 35.64 ? 774 HOH A O   1 
HETATM 1140 O O   . HOH D 4 .   ? 1.878   7.150   -20.562 1.00 38.22 ? 775 HOH A O   1 
HETATM 1141 O O   . HOH D 4 .   ? -6.290  -1.834  22.077  1.00 40.81 ? 776 HOH A O   1 
HETATM 1142 O O   . HOH D 4 .   ? 7.499   18.099  -11.609 1.00 31.23 ? 777 HOH A O   1 
HETATM 1143 O O   . HOH D 4 .   ? -3.571  17.994  -8.322  1.00 37.29 ? 778 HOH A O   1 
HETATM 1144 O O   . HOH D 4 .   ? -19.380 -11.208 5.566   1.00 44.46 ? 779 HOH A O   1 
HETATM 1145 O O   . HOH D 4 .   ? -10.231 -5.696  17.063  1.00 34.36 ? 780 HOH A O   1 
HETATM 1146 O O   . HOH D 4 .   ? 2.753   10.951  9.132   1.00 29.03 ? 781 HOH A O   1 
HETATM 1147 O O   . HOH D 4 .   ? 5.322   17.985  -8.241  1.00 36.07 ? 782 HOH A O   1 
HETATM 1148 O O   . HOH D 4 .   ? -7.202  -10.390 12.819  1.00 30.04 ? 783 HOH A O   1 
HETATM 1149 O O   . HOH D 4 .   ? -15.321 4.525   9.379   1.00 47.12 ? 784 HOH A O   1 
HETATM 1150 O O   . HOH D 4 .   ? 1.624   13.602  -20.136 1.00 43.63 ? 785 HOH A O   1 
HETATM 1151 O O   . HOH D 4 .   ? -5.476  11.509  -21.832 1.00 38.66 ? 786 HOH A O   1 
HETATM 1152 O O   . HOH D 4 .   ? -16.147 -1.054  5.188   1.00 47.58 ? 787 HOH A O   1 
HETATM 1153 O O   . HOH D 4 .   ? 6.225   9.490   -21.331 1.00 41.46 ? 788 HOH A O   1 
HETATM 1154 O O   . HOH D 4 .   ? 6.200   -9.265  -11.006 1.00 38.16 ? 789 HOH A O   1 
HETATM 1155 O O   . HOH D 4 .   ? 14.598  4.235   -15.210 1.00 41.40 ? 790 HOH A O   1 
HETATM 1156 O O   . HOH D 4 .   ? 3.409   9.275   -17.608 1.00 35.96 ? 791 HOH A O   1 
HETATM 1157 O O   . HOH D 4 .   ? -13.980 3.652   11.436  1.00 51.32 ? 792 HOH A O   1 
HETATM 1158 O O   . HOH D 4 .   ? -15.823 1.078   3.211   1.00 36.03 ? 793 HOH A O   1 
HETATM 1159 O O   . HOH D 4 .   ? 15.200  -1.659  -14.395 1.00 46.63 ? 794 HOH A O   1 
HETATM 1160 O O   . HOH D 4 .   ? 10.986  14.022  -0.643  1.00 36.36 ? 795 HOH A O   1 
HETATM 1161 O O   . HOH D 4 .   ? -13.726 1.433   -6.127  1.00 39.02 ? 796 HOH A O   1 
HETATM 1162 O O   . HOH D 4 .   ? -15.797 0.924   10.271  1.00 48.08 ? 797 HOH A O   1 
HETATM 1163 O O   . HOH D 4 .   ? 15.459  1.771   -14.519 1.00 43.82 ? 798 HOH A O   1 
HETATM 1164 O O   . HOH D 4 .   ? -5.845  -12.376 20.439  1.00 31.49 ? 799 HOH A O   1 
HETATM 1165 O O   . HOH D 4 .   ? -5.032  -7.067  -7.429  1.00 47.94 ? 800 HOH A O   1 
HETATM 1166 O O   . HOH D 4 .   ? -15.999 -5.414  5.893   1.00 40.74 ? 801 HOH A O   1 
HETATM 1167 O O   . HOH D 4 .   ? -15.405 -7.137  12.323  1.00 32.87 ? 802 HOH A O   1 
HETATM 1168 O O   . HOH D 4 .   ? 10.325  -8.845  6.789   1.00 44.29 ? 803 HOH A O   1 
HETATM 1169 O O   . HOH D 4 .   ? 12.538  -0.670  -15.469 1.00 40.43 ? 804 HOH A O   1 
HETATM 1170 O O   . HOH D 4 .   ? 2.327   8.640   -15.136 1.00 32.81 ? 805 HOH A O   1 
HETATM 1171 O O   . HOH D 4 .   ? -3.091  10.196  -21.362 1.00 48.15 ? 806 HOH A O   1 
HETATM 1172 O O   . HOH D 4 .   ? -5.957  -6.961  -9.791  1.00 46.82 ? 807 HOH A O   1 
HETATM 1173 O O   . HOH D 4 .   ? -14.781 4.736   -11.554 1.00 38.53 ? 808 HOH A O   1 
HETATM 1174 O O   . HOH D 4 .   ? 3.187   -9.882  -10.816 1.00 51.79 ? 809 HOH A O   1 
HETATM 1175 O O   . HOH D 4 .   ? -0.206  6.575   -22.529 1.00 51.24 ? 810 HOH A O   1 
HETATM 1176 O O   . HOH D 4 .   ? 0.747   -19.156 11.872  1.00 38.02 ? 811 HOH A O   1 
HETATM 1177 O O   . HOH D 4 .   ? -17.803 -4.955  5.951   1.00 51.80 ? 812 HOH A O   1 
HETATM 1178 O O   . HOH D 4 .   ? 0.536   11.426  -18.197 1.00 46.48 ? 813 HOH A O   1 
HETATM 1179 O O   . HOH D 4 .   ? -12.713 -3.499  17.640  1.00 51.47 ? 814 HOH A O   1 
HETATM 1180 O O   . HOH D 4 .   ? 6.814   -3.788  -17.793 1.00 42.30 ? 815 HOH A O   1 
HETATM 1181 O O   . HOH D 4 .   ? -15.102 -4.162  2.458   1.00 38.92 ? 816 HOH A O   1 
HETATM 1182 O O   . HOH D 4 .   ? 1.137   -6.404  -8.751  1.00 61.78 ? 817 HOH A O   1 
HETATM 1183 O O   . HOH D 4 .   ? 3.321   -1.687  16.392  1.00 25.86 ? 818 HOH A O   1 
HETATM 1184 O O   . HOH D 4 .   ? -2.236  1.331   17.483  1.00 29.49 ? 819 HOH A O   1 
HETATM 1185 O O   . HOH D 4 .   ? 9.945   -8.630  -6.240  1.00 41.94 ? 820 HOH A O   1 
HETATM 1186 O O   . HOH D 4 .   ? -0.424  17.742  -3.961  1.00 48.91 ? 821 HOH A O   1 
HETATM 1187 O O   . HOH D 4 .   ? -20.101 4.261   7.249   1.00 55.12 ? 822 HOH A O   1 
HETATM 1188 O O   . HOH D 4 .   ? -20.871 -6.582  4.607   1.00 43.03 ? 823 HOH A O   1 
HETATM 1189 O O   . HOH D 4 .   ? -0.338  -10.761 -5.264  1.00 50.89 ? 824 HOH A O   1 
HETATM 1190 O O   . HOH D 4 .   ? -18.250 3.981   7.316   1.00 46.03 ? 825 HOH A O   1 
HETATM 1191 O O   . HOH D 4 .   ? 8.408   -10.322 -2.984  1.00 52.30 ? 826 HOH A O   1 
HETATM 1192 O O   . HOH D 4 .   ? 9.931   -8.478  -4.262  1.00 58.64 ? 827 HOH A O   1 
HETATM 1193 O O   . HOH D 4 .   ? -9.518  3.750   -8.475  1.00 48.89 ? 828 HOH A O   1 
HETATM 1194 O O   . HOH D 4 .   ? 6.738   -16.827 1.762   1.00 47.46 ? 829 HOH A O   1 
HETATM 1195 O O   . HOH D 4 .   ? -9.167  10.448  -9.945  1.00 46.92 ? 830 HOH A O   1 
HETATM 1196 O O   . HOH D 4 .   ? -14.126 4.218   13.255  1.00 58.36 ? 831 HOH A O   1 
HETATM 1197 O O   . HOH D 4 .   ? 5.110   -16.042 -0.353  1.00 54.32 ? 832 HOH A O   1 
HETATM 1198 O O   . HOH D 4 .   ? -7.455  -9.950  18.733  1.00 51.47 ? 833 HOH A O   1 
HETATM 1199 O O   . HOH D 4 .   ? -0.277  7.862   -24.204 1.00 42.97 ? 834 HOH A O   1 
HETATM 1200 O O   . HOH D 4 .   ? 11.214  -2.736  -15.269 1.00 52.65 ? 835 HOH A O   1 
HETATM 1201 O O   . HOH D 4 .   ? -19.458 -6.400  6.238   1.00 52.57 ? 836 HOH A O   1 
HETATM 1202 O O   . HOH D 4 .   ? -14.983 -7.448  7.592   1.00 52.44 ? 837 HOH A O   1 
HETATM 1203 O O   . HOH D 4 .   ? -7.193  10.748  -19.787 1.00 59.08 ? 838 HOH A O   1 
HETATM 1204 O O   . HOH D 4 .   ? -16.101 -2.355  3.290   1.00 60.17 ? 839 HOH A O   1 
# 
